data_7DFO
#
_entry.id   7DFO
#
_cell.length_a   142.709
_cell.length_b   142.709
_cell.length_c   72.454
_cell.angle_alpha   90.000
_cell.angle_beta   90.000
_cell.angle_gamma   120.000
#
_symmetry.space_group_name_H-M   'P 32'
#
loop_
_entity.id
_entity.type
_entity.pdbx_description
1 polymer Endo-1,4-beta-xylanase
2 branched beta-D-xylopyranose-(1-4)-beta-D-xylopyranose-(1-4)-beta-D-xylopyranose
3 branched '4-O-methyl-alpha-D-glucopyranuronic acid-(1-2)-[beta-D-xylopyranose-(1-4)]beta-D-xylopyranose-(1-4)-beta-D-xylopyranose-(1-4)-beta-D-xylopyranose'
4 branched '4-O-methyl-alpha-D-glucopyranuronic acid-(1-2)-beta-D-xylopyranose-(1-4)-beta-D-xylopyranose-(1-4)-beta-D-xylopyranose'
5 branched beta-D-xylopyranose-(1-4)-beta-D-xylopyranose
6 non-polymer 'CHLORIDE ION'
7 non-polymer 'SODIUM ION'
8 water water
#
_entity_poly.entity_id   1
_entity_poly.type   'polypeptide(L)'
_entity_poly.pdbx_seq_one_letter_code
;MATVITTNQTGTNNGFYYSFWTDGGGSVSMTLNSGGNYSTSWTNCGNFVAGKGWSNGGRRNVQYSGSFYPSGNGYLALYG
WTSNPLVEYYIVDNWGNYRPTGTYKGTVTSDGGTYDVYQTTRYNAPSVEGTKTFNQYWSVRQSKRTGGTITTGNHFDAWA
RYGMQLGSFSYYMILATEGYQSSGSSNLTVSGKLAAALEHHHHHH
;
_entity_poly.pdbx_strand_id   A,B,C,D,E,F,G,H,I
#
# COMPACT_ATOMS: atom_id res chain seq x y z
N ALA A 2 -11.79 20.12 -27.07
CA ALA A 2 -12.60 21.08 -26.28
C ALA A 2 -13.36 22.00 -27.23
N THR A 3 -14.60 22.36 -26.87
CA THR A 3 -15.49 23.27 -27.62
C THR A 3 -15.92 24.40 -26.69
N VAL A 4 -15.68 25.66 -27.06
CA VAL A 4 -16.13 26.87 -26.33
C VAL A 4 -17.50 27.30 -26.88
N ILE A 5 -18.46 27.55 -25.99
CA ILE A 5 -19.85 27.98 -26.29
C ILE A 5 -19.99 29.42 -25.77
N THR A 6 -20.44 30.36 -26.60
CA THR A 6 -20.66 31.77 -26.20
C THR A 6 -22.06 32.25 -26.57
N THR A 7 -22.91 31.39 -27.15
CA THR A 7 -24.19 31.80 -27.78
C THR A 7 -25.25 30.78 -27.42
N ASN A 8 -26.47 31.22 -27.20
CA ASN A 8 -27.60 30.36 -26.76
C ASN A 8 -27.63 29.11 -27.64
N GLN A 9 -27.82 27.93 -27.04
CA GLN A 9 -27.93 26.62 -27.73
C GLN A 9 -27.99 25.47 -26.72
N THR A 10 -28.56 24.36 -27.17
CA THR A 10 -28.56 23.04 -26.48
C THR A 10 -27.98 22.03 -27.46
N GLY A 11 -27.59 20.87 -26.96
CA GLY A 11 -26.99 19.80 -27.79
C GLY A 11 -26.31 18.76 -26.93
N THR A 12 -25.41 17.98 -27.53
CA THR A 12 -24.72 16.83 -26.89
C THR A 12 -23.21 16.99 -27.10
N ASN A 13 -22.43 16.59 -26.10
CA ASN A 13 -20.96 16.71 -26.07
C ASN A 13 -20.44 15.54 -25.25
N ASN A 14 -19.66 14.67 -25.89
CA ASN A 14 -18.97 13.54 -25.21
C ASN A 14 -20.00 12.73 -24.43
N GLY A 15 -21.19 12.52 -25.01
CA GLY A 15 -22.22 11.65 -24.40
C GLY A 15 -23.06 12.35 -23.34
N PHE A 16 -22.95 13.66 -23.18
CA PHE A 16 -23.76 14.44 -22.20
C PHE A 16 -24.54 15.53 -22.93
N TYR A 17 -25.79 15.72 -22.51
CA TYR A 17 -26.58 16.90 -22.92
C TYR A 17 -25.93 18.14 -22.27
N TYR A 18 -25.98 19.28 -22.94
CA TYR A 18 -25.65 20.59 -22.34
C TYR A 18 -26.66 21.63 -22.81
N SER A 19 -26.79 22.69 -22.01
CA SER A 19 -27.58 23.91 -22.30
C SER A 19 -26.72 25.12 -21.95
N PHE A 20 -26.62 26.07 -22.86
CA PHE A 20 -26.05 27.39 -22.57
C PHE A 20 -27.15 28.43 -22.84
N TRP A 21 -27.34 29.36 -21.91
CA TRP A 21 -28.28 30.50 -22.11
C TRP A 21 -27.73 31.75 -21.44
N THR A 22 -27.77 32.87 -22.15
CA THR A 22 -27.38 34.21 -21.63
C THR A 22 -28.39 35.25 -22.15
N ASP A 23 -28.66 36.29 -21.35
CA ASP A 23 -29.43 37.48 -21.80
C ASP A 23 -28.48 38.36 -22.61
N GLY A 24 -27.19 37.99 -22.67
CA GLY A 24 -26.18 38.66 -23.50
C GLY A 24 -25.40 39.75 -22.79
N GLY A 25 -25.61 40.01 -21.50
CA GLY A 25 -24.83 41.00 -20.73
C GLY A 25 -23.36 40.59 -20.55
N GLY A 26 -22.44 41.56 -20.52
CA GLY A 26 -21.01 41.35 -20.18
C GLY A 26 -20.32 40.30 -21.04
N SER A 27 -19.56 39.40 -20.42
CA SER A 27 -18.81 38.32 -21.10
C SER A 27 -19.11 37.03 -20.38
N VAL A 28 -19.56 36.00 -21.11
CA VAL A 28 -19.90 34.66 -20.58
C VAL A 28 -19.40 33.59 -21.57
N SER A 29 -18.60 32.65 -21.11
CA SER A 29 -18.25 31.44 -21.92
C SER A 29 -18.39 30.17 -21.11
N MET A 30 -18.68 29.10 -21.80
CA MET A 30 -18.67 27.72 -21.29
C MET A 30 -17.73 26.92 -22.18
N THR A 31 -16.88 26.08 -21.60
CA THR A 31 -16.00 25.14 -22.33
C THR A 31 -16.50 23.73 -22.05
N LEU A 32 -16.79 22.96 -23.08
CA LEU A 32 -17.23 21.56 -22.94
C LEU A 32 -16.00 20.68 -23.12
N ASN A 33 -15.64 19.90 -22.11
CA ASN A 33 -14.43 19.05 -22.09
C ASN A 33 -14.89 17.59 -22.15
N SER A 34 -14.02 16.64 -21.87
CA SER A 34 -14.31 15.19 -21.98
C SER A 34 -15.40 14.78 -20.99
N GLY A 35 -16.09 13.70 -21.34
CA GLY A 35 -17.17 13.10 -20.52
C GLY A 35 -18.04 14.21 -19.94
N GLY A 36 -18.25 14.21 -18.63
CA GLY A 36 -19.20 15.13 -18.00
C GLY A 36 -18.59 16.45 -17.57
N ASN A 37 -17.38 16.81 -18.04
CA ASN A 37 -16.70 18.06 -17.59
C ASN A 37 -17.19 19.28 -18.38
N TYR A 38 -17.34 20.42 -17.70
CA TYR A 38 -17.48 21.75 -18.33
C TYR A 38 -16.84 22.79 -17.42
N SER A 39 -16.40 23.89 -17.99
CA SER A 39 -15.94 25.06 -17.21
C SER A 39 -16.75 26.27 -17.66
N THR A 40 -16.83 27.29 -16.83
CA THR A 40 -17.40 28.59 -17.22
C THR A 40 -16.51 29.71 -16.72
N SER A 41 -16.52 30.80 -17.48
CA SER A 41 -15.89 32.07 -17.10
C SER A 41 -16.90 33.17 -17.35
N TRP A 42 -17.11 34.07 -16.40
CA TRP A 42 -18.03 35.20 -16.66
C TRP A 42 -17.52 36.45 -15.97
N THR A 43 -17.77 37.60 -16.61
CA THR A 43 -17.41 38.94 -16.12
C THR A 43 -18.60 39.87 -16.35
N ASN A 44 -19.01 40.52 -15.28
CA ASN A 44 -20.13 41.51 -15.23
C ASN A 44 -21.28 40.98 -16.10
N CYS A 45 -21.71 39.75 -15.88
CA CYS A 45 -22.84 39.14 -16.64
C CYS A 45 -24.14 39.90 -16.30
N GLY A 46 -25.13 39.71 -17.15
CA GLY A 46 -26.52 40.11 -16.85
C GLY A 46 -27.15 38.95 -16.15
N ASN A 47 -27.61 37.97 -16.92
CA ASN A 47 -28.12 36.68 -16.38
C ASN A 47 -27.71 35.59 -17.35
N PHE A 48 -27.19 34.48 -16.85
CA PHE A 48 -26.88 33.28 -17.66
C PHE A 48 -27.10 32.00 -16.83
N VAL A 49 -27.39 30.89 -17.51
CA VAL A 49 -27.43 29.52 -16.95
C VAL A 49 -26.79 28.57 -17.97
N ALA A 50 -25.83 27.77 -17.54
CA ALA A 50 -25.06 26.85 -18.40
C ALA A 50 -24.67 25.59 -17.62
N GLY A 51 -24.67 24.44 -18.29
CA GLY A 51 -24.27 23.18 -17.66
C GLY A 51 -24.48 21.99 -18.55
N LYS A 52 -24.06 20.83 -18.04
CA LYS A 52 -24.17 19.51 -18.67
C LYS A 52 -25.06 18.66 -17.79
N GLY A 53 -25.70 17.68 -18.42
CA GLY A 53 -26.59 16.71 -17.78
C GLY A 53 -27.28 15.87 -18.81
N TRP A 54 -28.60 15.97 -18.90
CA TRP A 54 -29.49 14.97 -19.58
C TRP A 54 -30.56 15.71 -20.39
N SER A 55 -30.91 15.18 -21.56
CA SER A 55 -31.95 15.71 -22.48
C SER A 55 -33.30 15.73 -21.74
N ASN A 56 -33.50 14.85 -20.79
CA ASN A 56 -34.76 14.74 -20.01
C ASN A 56 -34.42 14.66 -18.53
N GLY A 57 -35.19 15.33 -17.69
CA GLY A 57 -35.15 15.13 -16.23
C GLY A 57 -35.71 13.76 -15.83
N GLY A 58 -35.45 13.36 -14.61
CA GLY A 58 -36.05 12.20 -13.97
C GLY A 58 -35.50 12.03 -12.57
N ARG A 59 -35.88 10.93 -11.92
CA ARG A 59 -35.30 10.49 -10.63
C ARG A 59 -33.92 9.90 -10.92
N ARG A 60 -32.89 10.59 -10.49
CA ARG A 60 -31.50 10.32 -10.87
C ARG A 60 -30.68 10.61 -9.62
N ASN A 61 -29.71 9.75 -9.31
CA ASN A 61 -28.68 10.01 -8.29
C ASN A 61 -27.54 10.73 -9.02
N VAL A 62 -27.51 12.05 -8.93
CA VAL A 62 -26.53 12.89 -9.66
C VAL A 62 -25.27 12.98 -8.79
N GLN A 63 -24.14 12.56 -9.33
CA GLN A 63 -22.80 12.78 -8.69
C GLN A 63 -22.08 13.89 -9.45
N TYR A 64 -21.51 14.87 -8.74
CA TYR A 64 -20.71 15.93 -9.39
C TYR A 64 -19.55 16.28 -8.48
N SER A 65 -18.54 16.93 -9.05
CA SER A 65 -17.38 17.45 -8.28
C SER A 65 -16.81 18.65 -9.00
N GLY A 66 -15.90 19.36 -8.33
CA GLY A 66 -15.10 20.40 -8.98
C GLY A 66 -15.11 21.69 -8.21
N SER A 67 -15.09 22.82 -8.90
CA SER A 67 -14.99 24.14 -8.25
C SER A 67 -16.11 25.07 -8.74
N PHE A 68 -16.47 26.02 -7.89
CA PHE A 68 -17.52 27.02 -8.17
C PHE A 68 -17.12 28.27 -7.39
N TYR A 69 -16.76 29.34 -8.09
CA TYR A 69 -16.17 30.57 -7.52
C TYR A 69 -16.89 31.83 -8.00
N PRO A 70 -18.09 32.14 -7.48
CA PRO A 70 -18.77 33.40 -7.75
C PRO A 70 -18.19 34.54 -6.91
N SER A 71 -18.00 35.71 -7.52
CA SER A 71 -17.80 36.99 -6.82
C SER A 71 -19.09 37.75 -7.04
N GLY A 72 -19.97 37.69 -6.06
CA GLY A 72 -21.31 38.24 -6.19
C GLY A 72 -22.29 37.11 -6.37
N ASN A 73 -23.37 37.39 -7.07
CA ASN A 73 -24.56 36.52 -7.12
C ASN A 73 -24.32 35.44 -8.17
N GLY A 74 -24.15 34.23 -7.71
CA GLY A 74 -24.17 33.01 -8.56
C GLY A 74 -24.80 31.85 -7.82
N TYR A 75 -25.36 30.88 -8.54
CA TYR A 75 -25.84 29.58 -8.02
C TYR A 75 -25.12 28.40 -8.72
N LEU A 76 -24.94 27.36 -7.92
CA LEU A 76 -24.64 25.99 -8.35
C LEU A 76 -25.87 25.12 -8.03
N ALA A 77 -26.55 24.61 -9.05
CA ALA A 77 -27.84 23.94 -8.85
C ALA A 77 -28.04 22.78 -9.83
N LEU A 78 -28.58 21.66 -9.36
CA LEU A 78 -29.27 20.73 -10.27
C LEU A 78 -30.52 21.51 -10.72
N TYR A 79 -30.71 21.65 -12.03
CA TYR A 79 -31.61 22.63 -12.66
C TYR A 79 -32.33 21.97 -13.83
N GLY A 80 -33.63 22.23 -13.99
CA GLY A 80 -34.34 21.76 -15.18
C GLY A 80 -35.74 22.30 -15.27
N TRP A 81 -36.48 21.78 -16.24
CA TRP A 81 -37.86 22.26 -16.51
C TRP A 81 -38.80 21.07 -16.68
N THR A 82 -40.09 21.28 -16.39
CA THR A 82 -41.18 20.31 -16.68
C THR A 82 -42.21 21.01 -17.57
N SER A 83 -43.06 20.23 -18.24
CA SER A 83 -44.22 20.70 -19.05
C SER A 83 -45.49 20.31 -18.31
N ASN A 84 -46.55 21.11 -18.41
CA ASN A 84 -47.90 20.67 -17.99
C ASN A 84 -47.96 20.20 -16.54
N PRO A 85 -47.66 21.05 -15.54
CA PRO A 85 -47.39 22.46 -15.77
C PRO A 85 -45.91 22.77 -16.10
N LEU A 86 -45.70 23.92 -16.72
CA LEU A 86 -44.35 24.51 -16.90
C LEU A 86 -43.79 24.91 -15.54
N VAL A 87 -42.67 24.29 -15.13
CA VAL A 87 -41.98 24.59 -13.85
C VAL A 87 -40.49 24.69 -14.13
N GLU A 88 -39.83 25.67 -13.52
CA GLU A 88 -38.35 25.77 -13.50
C GLU A 88 -37.91 25.31 -12.10
N TYR A 89 -37.11 24.26 -12.00
CA TYR A 89 -36.77 23.71 -10.66
C TYR A 89 -35.27 23.79 -10.43
N TYR A 90 -34.91 23.96 -9.16
CA TYR A 90 -33.53 24.17 -8.65
C TYR A 90 -33.30 23.36 -7.39
N ILE A 91 -32.21 22.62 -7.36
CA ILE A 91 -31.65 22.01 -6.13
C ILE A 91 -30.27 22.65 -5.96
N VAL A 92 -30.22 23.62 -5.08
CA VAL A 92 -29.09 24.59 -4.97
C VAL A 92 -28.16 24.08 -3.87
N ASP A 93 -26.91 23.82 -4.21
CA ASP A 93 -25.89 23.39 -3.22
C ASP A 93 -24.95 24.55 -2.83
N ASN A 94 -24.80 25.53 -3.70
CA ASN A 94 -23.87 26.65 -3.45
C ASN A 94 -24.47 27.94 -4.03
N TRP A 95 -24.09 29.07 -3.45
CA TRP A 95 -24.53 30.42 -3.87
C TRP A 95 -23.47 31.43 -3.43
N GLY A 96 -23.68 32.69 -3.79
CA GLY A 96 -22.76 33.81 -3.50
C GLY A 96 -23.29 34.68 -2.39
N ASN A 97 -23.56 35.95 -2.68
CA ASN A 97 -23.96 36.95 -1.65
C ASN A 97 -25.46 36.81 -1.44
N TYR A 98 -26.18 36.18 -2.38
CA TYR A 98 -27.67 36.17 -2.37
C TYR A 98 -28.16 34.72 -2.28
N ARG A 99 -28.81 34.41 -1.18
CA ARG A 99 -29.46 33.09 -0.97
C ARG A 99 -30.87 33.13 -1.55
N PRO A 100 -31.20 32.19 -2.45
CA PRO A 100 -32.56 32.12 -2.98
C PRO A 100 -33.58 31.98 -1.84
N THR A 101 -34.68 32.72 -1.96
CA THR A 101 -35.78 32.76 -0.98
C THR A 101 -37.11 32.81 -1.73
N GLY A 102 -38.20 32.72 -0.99
CA GLY A 102 -39.55 32.63 -1.54
C GLY A 102 -40.53 32.29 -0.45
N THR A 103 -41.68 31.73 -0.81
CA THR A 103 -42.65 31.19 0.18
C THR A 103 -42.06 29.88 0.72
N TYR A 104 -41.76 29.87 2.02
CA TYR A 104 -41.15 28.72 2.73
C TYR A 104 -42.17 27.61 2.91
N LYS A 105 -41.79 26.39 2.59
CA LYS A 105 -42.71 25.23 2.51
C LYS A 105 -42.27 24.13 3.46
N GLY A 106 -41.10 24.26 4.07
CA GLY A 106 -40.58 23.24 5.00
C GLY A 106 -39.21 22.76 4.55
N THR A 107 -38.73 21.64 5.08
CA THR A 107 -37.37 21.13 4.80
C THR A 107 -37.42 19.74 4.20
N VAL A 108 -36.30 19.33 3.64
CA VAL A 108 -36.05 17.92 3.25
C VAL A 108 -34.58 17.62 3.54
N THR A 109 -34.32 16.42 4.05
CA THR A 109 -32.96 15.93 4.38
C THR A 109 -32.49 15.07 3.21
N SER A 110 -31.30 15.36 2.68
CA SER A 110 -30.78 14.65 1.49
C SER A 110 -29.26 14.80 1.41
N ASP A 111 -28.58 13.69 1.13
CA ASP A 111 -27.14 13.67 0.76
C ASP A 111 -26.34 14.43 1.82
N GLY A 112 -26.54 14.13 3.11
CA GLY A 112 -25.76 14.71 4.23
C GLY A 112 -26.20 16.10 4.64
N GLY A 113 -27.20 16.70 3.98
CA GLY A 113 -27.59 18.08 4.25
C GLY A 113 -29.09 18.26 4.46
N THR A 114 -29.45 19.43 4.97
CA THR A 114 -30.86 19.86 5.12
C THR A 114 -31.09 20.96 4.09
N TYR A 115 -32.21 20.89 3.39
CA TYR A 115 -32.57 21.86 2.33
C TYR A 115 -33.85 22.55 2.75
N ASP A 116 -33.87 23.86 2.63
CA ASP A 116 -35.11 24.68 2.75
C ASP A 116 -35.84 24.62 1.41
N VAL A 117 -37.15 24.44 1.44
CA VAL A 117 -37.99 24.42 0.21
C VAL A 117 -38.76 25.75 0.08
N TYR A 118 -38.73 26.34 -1.10
CA TYR A 118 -39.40 27.61 -1.44
C TYR A 118 -40.10 27.48 -2.79
N GLN A 119 -41.18 28.27 -2.95
CA GLN A 119 -41.79 28.46 -4.29
C GLN A 119 -41.79 29.95 -4.59
N THR A 120 -41.46 30.28 -5.81
CA THR A 120 -41.58 31.64 -6.37
C THR A 120 -42.33 31.49 -7.69
N THR A 121 -42.62 32.63 -8.34
CA THR A 121 -43.36 32.73 -9.61
C THR A 121 -42.71 33.79 -10.48
N ARG A 122 -42.52 33.52 -11.77
CA ARG A 122 -42.06 34.53 -12.75
C ARG A 122 -43.21 34.77 -13.73
N TYR A 123 -43.42 36.03 -14.10
CA TYR A 123 -44.47 36.48 -15.05
C TYR A 123 -43.78 36.91 -16.35
N ASN A 124 -44.21 36.30 -17.45
CA ASN A 124 -43.81 36.68 -18.83
C ASN A 124 -42.28 36.77 -18.90
N ALA A 125 -41.61 35.71 -18.51
CA ALA A 125 -40.13 35.62 -18.47
C ALA A 125 -39.64 34.61 -19.51
N PRO A 126 -38.34 34.64 -19.85
CA PRO A 126 -37.78 33.64 -20.74
C PRO A 126 -37.94 32.22 -20.17
N SER A 127 -38.25 31.27 -21.03
CA SER A 127 -38.39 29.86 -20.64
C SER A 127 -38.10 28.94 -21.83
N VAL A 128 -38.10 27.63 -21.56
CA VAL A 128 -38.00 26.54 -22.57
C VAL A 128 -39.26 26.55 -23.47
N GLU A 129 -40.34 27.28 -23.13
CA GLU A 129 -41.52 27.46 -24.03
C GLU A 129 -41.64 28.92 -24.48
N GLY A 130 -40.54 29.69 -24.50
CA GLY A 130 -40.53 31.13 -24.81
C GLY A 130 -40.96 31.98 -23.61
N THR A 131 -41.55 33.15 -23.88
CA THR A 131 -42.06 34.13 -22.88
C THR A 131 -43.29 33.54 -22.19
N LYS A 132 -43.18 33.19 -20.90
CA LYS A 132 -44.22 32.43 -20.20
C LYS A 132 -44.26 32.83 -18.72
N THR A 133 -45.41 32.64 -18.08
CA THR A 133 -45.54 32.69 -16.61
C THR A 133 -45.36 31.28 -16.05
N PHE A 134 -44.56 31.11 -15.00
CA PHE A 134 -44.38 29.78 -14.36
C PHE A 134 -43.91 29.92 -12.93
N ASN A 135 -44.19 28.89 -12.13
CA ASN A 135 -43.63 28.70 -10.77
C ASN A 135 -42.19 28.18 -10.88
N GLN A 136 -41.39 28.54 -9.89
CA GLN A 136 -40.04 28.00 -9.67
C GLN A 136 -40.08 27.25 -8.36
N TYR A 137 -39.61 26.00 -8.35
CA TYR A 137 -39.43 25.13 -7.17
C TYR A 137 -37.94 25.10 -6.79
N TRP A 138 -37.68 25.34 -5.51
CA TRP A 138 -36.33 25.50 -4.92
C TRP A 138 -36.16 24.54 -3.76
N SER A 139 -35.03 23.83 -3.75
CA SER A 139 -34.38 23.20 -2.58
C SER A 139 -33.08 23.94 -2.35
N VAL A 140 -32.86 24.52 -1.17
CA VAL A 140 -31.62 25.29 -0.93
C VAL A 140 -30.91 24.67 0.27
N ARG A 141 -29.66 24.23 0.06
CA ARG A 141 -28.90 23.54 1.12
C ARG A 141 -28.66 24.57 2.22
N GLN A 142 -28.69 24.14 3.47
CA GLN A 142 -28.50 25.03 4.64
C GLN A 142 -27.02 25.38 4.80
N SER A 143 -26.11 24.66 4.16
CA SER A 143 -24.67 24.98 4.18
C SER A 143 -24.11 24.82 2.77
N LYS A 144 -23.28 25.77 2.34
CA LYS A 144 -22.73 25.79 0.97
C LYS A 144 -21.78 24.60 0.78
N ARG A 145 -21.78 24.00 -0.40
CA ARG A 145 -20.74 23.01 -0.77
C ARG A 145 -20.58 23.04 -2.29
N THR A 146 -19.46 22.55 -2.78
CA THR A 146 -19.32 22.23 -4.21
C THR A 146 -18.92 20.75 -4.30
N GLY A 147 -19.89 19.87 -4.52
CA GLY A 147 -19.62 18.48 -4.89
C GLY A 147 -20.27 17.53 -3.92
N GLY A 148 -20.66 16.38 -4.46
CA GLY A 148 -21.26 15.25 -3.75
C GLY A 148 -22.34 14.62 -4.62
N THR A 149 -23.36 14.08 -3.99
CA THR A 149 -24.51 13.42 -4.65
C THR A 149 -25.75 14.30 -4.43
N ILE A 150 -26.59 14.39 -5.45
CA ILE A 150 -27.98 14.95 -5.33
C ILE A 150 -28.94 13.84 -5.74
N THR A 151 -29.67 13.32 -4.75
CA THR A 151 -30.76 12.31 -4.91
C THR A 151 -32.03 13.09 -5.25
N THR A 152 -32.28 13.30 -6.52
CA THR A 152 -33.33 14.23 -7.03
C THR A 152 -34.70 13.74 -6.56
N GLY A 153 -34.89 12.42 -6.45
CA GLY A 153 -36.09 11.81 -5.85
C GLY A 153 -36.50 12.38 -4.49
N ASN A 154 -35.55 12.56 -3.57
CA ASN A 154 -35.83 13.13 -2.22
C ASN A 154 -36.47 14.52 -2.37
N HIS A 155 -35.97 15.32 -3.31
CA HIS A 155 -36.43 16.71 -3.55
C HIS A 155 -37.83 16.68 -4.19
N PHE A 156 -38.01 15.88 -5.23
CA PHE A 156 -39.27 15.78 -6.00
C PHE A 156 -40.38 15.32 -5.06
N ASP A 157 -40.09 14.32 -4.24
CA ASP A 157 -41.06 13.78 -3.25
C ASP A 157 -41.38 14.81 -2.18
N ALA A 158 -40.40 15.54 -1.65
CA ALA A 158 -40.66 16.59 -0.65
C ALA A 158 -41.51 17.69 -1.30
N TRP A 159 -41.17 18.11 -2.51
CA TRP A 159 -41.95 19.15 -3.22
C TRP A 159 -43.41 18.69 -3.29
N ALA A 160 -43.66 17.44 -3.67
CA ALA A 160 -45.02 16.86 -3.85
C ALA A 160 -45.77 16.87 -2.49
N ARG A 161 -45.13 16.45 -1.39
CA ARG A 161 -45.71 16.52 -0.03
C ARG A 161 -46.09 17.96 0.32
N TYR A 162 -45.42 18.96 -0.24
CA TYR A 162 -45.64 20.39 0.12
C TYR A 162 -46.56 21.06 -0.91
N GLY A 163 -47.23 20.27 -1.79
CA GLY A 163 -48.23 20.76 -2.75
C GLY A 163 -47.61 21.44 -3.97
N MET A 164 -46.33 21.16 -4.25
CA MET A 164 -45.58 21.62 -5.43
C MET A 164 -45.41 20.45 -6.40
N GLN A 165 -46.32 20.34 -7.37
CA GLN A 165 -46.39 19.18 -8.31
C GLN A 165 -45.53 19.52 -9.54
N LEU A 166 -44.67 18.60 -9.95
CA LEU A 166 -43.85 18.77 -11.17
C LEU A 166 -44.70 18.32 -12.36
N GLY A 167 -44.47 18.91 -13.52
CA GLY A 167 -45.04 18.38 -14.77
C GLY A 167 -44.22 17.22 -15.26
N SER A 168 -44.31 16.97 -16.57
CA SER A 168 -43.61 15.90 -17.31
C SER A 168 -42.15 16.32 -17.57
N PHE A 169 -41.24 15.37 -17.45
CA PHE A 169 -39.77 15.56 -17.65
C PHE A 169 -39.45 15.63 -19.15
N SER A 170 -40.10 16.55 -19.87
CA SER A 170 -39.96 16.65 -21.34
C SER A 170 -38.81 17.57 -21.73
N TYR A 171 -38.12 18.18 -20.75
CA TYR A 171 -37.00 19.12 -21.00
C TYR A 171 -35.79 18.69 -20.18
N TYR A 172 -34.70 19.45 -20.30
CA TYR A 172 -33.37 19.05 -19.81
C TYR A 172 -33.33 19.05 -18.27
N MET A 173 -32.32 18.37 -17.75
CA MET A 173 -31.91 18.42 -16.32
C MET A 173 -30.38 18.48 -16.30
N ILE A 174 -29.80 19.60 -15.86
CA ILE A 174 -28.33 19.84 -15.90
C ILE A 174 -27.80 20.24 -14.52
N LEU A 175 -26.51 19.98 -14.32
CA LEU A 175 -25.78 20.54 -13.18
C LEU A 175 -25.29 21.91 -13.60
N ALA A 176 -25.99 22.94 -13.14
CA ALA A 176 -25.93 24.29 -13.72
C ALA A 176 -25.06 25.20 -12.86
N THR A 177 -24.32 26.08 -13.54
CA THR A 177 -23.73 27.34 -13.05
C THR A 177 -24.64 28.48 -13.55
N GLU A 178 -25.08 29.35 -12.64
CA GLU A 178 -25.92 30.55 -12.95
C GLU A 178 -25.29 31.77 -12.31
N GLY A 179 -25.27 32.89 -13.03
CA GLY A 179 -24.82 34.18 -12.48
C GLY A 179 -25.82 35.27 -12.74
N TYR A 180 -25.81 36.29 -11.88
CA TYR A 180 -26.63 37.51 -11.99
C TYR A 180 -25.80 38.71 -11.57
N GLN A 181 -25.54 39.61 -12.53
CA GLN A 181 -24.82 40.90 -12.32
C GLN A 181 -23.58 40.59 -11.50
N SER A 182 -22.79 39.61 -11.97
CA SER A 182 -21.66 39.07 -11.18
C SER A 182 -20.51 38.67 -12.11
N SER A 183 -19.40 38.26 -11.50
CA SER A 183 -18.24 37.62 -12.17
C SER A 183 -17.95 36.30 -11.47
N GLY A 184 -17.30 35.37 -12.17
CA GLY A 184 -16.85 34.15 -11.52
C GLY A 184 -16.38 33.14 -12.51
N SER A 185 -16.26 31.92 -12.01
CA SER A 185 -15.80 30.74 -12.78
C SER A 185 -16.35 29.48 -12.12
N SER A 186 -16.35 28.41 -12.87
CA SER A 186 -16.74 27.10 -12.34
C SER A 186 -16.02 26.07 -13.20
N ASN A 187 -15.70 24.93 -12.61
CA ASN A 187 -15.06 23.82 -13.35
C ASN A 187 -15.60 22.53 -12.75
N LEU A 188 -16.54 21.89 -13.43
CA LEU A 188 -17.41 20.87 -12.80
C LEU A 188 -17.41 19.60 -13.65
N THR A 189 -17.65 18.47 -12.99
CA THR A 189 -17.88 17.17 -13.66
C THR A 189 -19.16 16.56 -13.13
N VAL A 190 -20.00 16.05 -14.03
CA VAL A 190 -21.29 15.43 -13.64
C VAL A 190 -21.31 14.00 -14.16
N SER A 191 -22.00 13.13 -13.42
CA SER A 191 -22.39 11.76 -13.83
C SER A 191 -23.70 11.44 -13.12
N GLY A 192 -24.29 10.27 -13.35
CA GLY A 192 -25.53 9.89 -12.65
C GLY A 192 -26.18 8.68 -13.27
N LYS A 193 -27.15 8.10 -12.57
CA LYS A 193 -27.94 6.92 -13.04
C LYS A 193 -29.31 6.98 -12.39
N LEU A 194 -30.31 6.38 -13.04
CA LEU A 194 -31.74 6.38 -12.65
C LEU A 194 -31.93 5.56 -11.37
N ALA A 195 -32.44 6.18 -10.30
CA ALA A 195 -32.80 5.50 -9.02
C ALA A 195 -33.76 4.34 -9.34
N ALA B 2 -42.45 43.91 34.24
CA ALA B 2 -42.69 43.05 33.03
C ALA B 2 -43.67 43.75 32.08
N THR B 3 -43.22 44.00 30.86
CA THR B 3 -43.99 44.62 29.75
C THR B 3 -43.94 43.64 28.58
N VAL B 4 -45.07 43.14 28.11
CA VAL B 4 -45.12 42.11 27.05
C VAL B 4 -45.29 42.83 25.70
N ILE B 5 -44.41 42.55 24.75
CA ILE B 5 -44.37 43.18 23.40
C ILE B 5 -44.69 42.10 22.38
N THR B 6 -45.73 42.29 21.58
CA THR B 6 -46.20 41.32 20.57
C THR B 6 -46.38 42.02 19.22
N THR B 7 -46.23 43.34 19.14
CA THR B 7 -46.46 44.13 17.90
C THR B 7 -45.20 44.94 17.57
N ASN B 8 -44.92 45.12 16.27
CA ASN B 8 -43.78 45.93 15.76
C ASN B 8 -43.77 47.31 16.43
N GLN B 9 -42.68 47.68 17.05
CA GLN B 9 -42.55 49.01 17.68
C GLN B 9 -41.12 49.13 18.14
N THR B 10 -40.74 50.36 18.51
CA THR B 10 -39.54 50.67 19.30
C THR B 10 -39.91 51.58 20.47
N GLY B 11 -39.01 51.69 21.43
CA GLY B 11 -39.14 52.65 22.53
C GLY B 11 -38.04 52.42 23.53
N THR B 12 -38.29 52.81 24.78
CA THR B 12 -37.33 52.69 25.90
C THR B 12 -38.02 52.00 27.08
N ASN B 13 -37.23 51.25 27.83
CA ASN B 13 -37.72 50.45 28.96
C ASN B 13 -36.55 50.36 29.94
N ASN B 14 -36.75 50.87 31.15
CA ASN B 14 -35.82 50.70 32.29
C ASN B 14 -34.44 51.20 31.87
N GLY B 15 -34.41 52.30 31.11
CA GLY B 15 -33.20 53.03 30.70
C GLY B 15 -32.50 52.43 29.50
N PHE B 16 -33.13 51.49 28.78
CA PHE B 16 -32.58 50.85 27.56
C PHE B 16 -33.55 51.06 26.40
N TYR B 17 -33.02 51.18 25.17
CA TYR B 17 -33.83 51.14 23.93
C TYR B 17 -34.24 49.68 23.66
N TYR B 18 -35.42 49.46 23.09
CA TYR B 18 -35.82 48.12 22.60
C TYR B 18 -36.41 48.28 21.20
N SER B 19 -36.27 47.21 20.41
CA SER B 19 -36.92 47.03 19.10
C SER B 19 -37.55 45.65 19.05
N PHE B 20 -38.75 45.58 18.49
CA PHE B 20 -39.47 44.34 18.18
C PHE B 20 -39.99 44.47 16.76
N TRP B 21 -39.58 43.50 15.94
CA TRP B 21 -40.05 43.34 14.55
C TRP B 21 -40.39 41.87 14.30
N THR B 22 -41.60 41.65 13.80
CA THR B 22 -42.07 40.35 13.26
C THR B 22 -42.67 40.59 11.87
N ASP B 23 -42.70 39.54 11.03
CA ASP B 23 -43.42 39.57 9.74
C ASP B 23 -44.86 39.05 9.95
N GLY B 24 -45.24 38.76 11.19
CA GLY B 24 -46.64 38.46 11.58
C GLY B 24 -46.91 36.96 11.71
N GLY B 25 -45.96 36.09 11.34
CA GLY B 25 -46.07 34.63 11.51
C GLY B 25 -46.08 34.14 12.96
N GLY B 26 -46.98 33.21 13.26
CA GLY B 26 -47.07 32.46 14.54
C GLY B 26 -47.26 33.34 15.77
N SER B 27 -46.81 32.86 16.93
CA SER B 27 -46.74 33.60 18.21
C SER B 27 -45.30 34.03 18.46
N VAL B 28 -45.09 35.32 18.67
CA VAL B 28 -43.77 35.85 19.07
C VAL B 28 -44.06 36.90 20.15
N SER B 29 -43.46 36.78 21.30
CA SER B 29 -43.51 37.84 22.33
C SER B 29 -42.11 38.13 22.84
N MET B 30 -41.88 39.38 23.22
CA MET B 30 -40.71 39.81 23.99
C MET B 30 -41.22 40.35 25.33
N THR B 31 -40.72 39.83 26.46
CA THR B 31 -41.02 40.38 27.81
C THR B 31 -39.87 41.28 28.23
N LEU B 32 -40.14 42.56 28.45
CA LEU B 32 -39.15 43.54 28.94
C LEU B 32 -39.17 43.52 30.48
N ASN B 33 -38.04 43.32 31.12
CA ASN B 33 -37.94 43.19 32.61
C ASN B 33 -37.02 44.30 33.11
N SER B 34 -36.60 44.25 34.39
CA SER B 34 -35.76 45.32 35.00
C SER B 34 -34.41 45.48 34.29
N GLY B 35 -33.86 46.69 34.35
CA GLY B 35 -32.57 47.05 33.76
C GLY B 35 -32.47 46.62 32.30
N GLY B 36 -31.41 45.89 31.96
CA GLY B 36 -31.14 45.46 30.58
C GLY B 36 -31.70 44.07 30.29
N ASN B 37 -32.61 43.53 31.11
CA ASN B 37 -33.16 42.16 30.94
C ASN B 37 -34.36 42.20 29.99
N TYR B 38 -34.45 41.15 29.19
CA TYR B 38 -35.60 40.86 28.31
C TYR B 38 -35.61 39.35 28.11
N SER B 39 -36.78 38.81 27.86
CA SER B 39 -36.90 37.39 27.50
C SER B 39 -37.80 37.30 26.25
N THR B 40 -37.73 36.18 25.55
CA THR B 40 -38.56 35.93 24.33
C THR B 40 -39.09 34.51 24.36
N SER B 41 -40.22 34.34 23.73
CA SER B 41 -40.89 33.06 23.51
C SER B 41 -41.53 33.10 22.14
N TRP B 42 -41.32 32.07 21.33
CA TRP B 42 -41.95 32.05 20.00
C TRP B 42 -42.35 30.63 19.61
N THR B 43 -43.40 30.53 18.83
CA THR B 43 -44.00 29.27 18.35
C THR B 43 -44.30 29.47 16.87
N ASN B 44 -43.59 28.72 16.03
CA ASN B 44 -43.82 28.61 14.57
C ASN B 44 -43.79 30.02 13.97
N CYS B 45 -42.75 30.81 14.27
CA CYS B 45 -42.62 32.20 13.76
C CYS B 45 -42.40 32.14 12.23
N GLY B 46 -42.66 33.24 11.53
CA GLY B 46 -42.16 33.45 10.16
C GLY B 46 -40.73 33.95 10.23
N ASN B 47 -40.58 35.23 10.56
CA ASN B 47 -39.27 35.88 10.82
C ASN B 47 -39.50 36.93 11.91
N PHE B 48 -38.58 37.09 12.85
CA PHE B 48 -38.64 38.19 13.83
C PHE B 48 -37.24 38.49 14.34
N VAL B 49 -37.05 39.72 14.81
CA VAL B 49 -35.84 40.18 15.51
C VAL B 49 -36.31 41.11 16.63
N ALA B 50 -35.96 40.81 17.88
CA ALA B 50 -36.29 41.64 19.04
C ALA B 50 -35.11 41.69 20.00
N GLY B 51 -35.02 42.74 20.80
CA GLY B 51 -33.92 42.90 21.77
C GLY B 51 -33.91 44.24 22.44
N LYS B 52 -32.95 44.40 23.35
CA LYS B 52 -32.67 45.65 24.10
C LYS B 52 -31.25 46.09 23.76
N GLY B 53 -31.01 47.37 23.80
CA GLY B 53 -29.68 47.97 23.69
C GLY B 53 -29.79 49.47 23.62
N TRP B 54 -29.37 50.07 22.52
CA TRP B 54 -29.18 51.54 22.48
C TRP B 54 -29.88 52.09 21.26
N SER B 55 -30.34 53.34 21.37
CA SER B 55 -31.03 54.06 20.28
C SER B 55 -30.08 54.30 19.09
N ASN B 56 -28.76 54.31 19.33
CA ASN B 56 -27.75 54.58 18.27
C ASN B 56 -26.64 53.55 18.42
N GLY B 57 -26.17 52.97 17.31
CA GLY B 57 -24.98 52.12 17.36
C GLY B 57 -23.75 52.93 17.70
N GLY B 58 -22.60 52.31 17.69
CA GLY B 58 -21.32 52.99 17.91
C GLY B 58 -20.31 51.95 18.33
N ARG B 59 -19.07 52.38 18.54
CA ARG B 59 -18.00 51.53 19.13
C ARG B 59 -18.30 51.38 20.61
N ARG B 60 -18.72 50.20 21.04
CA ARG B 60 -19.24 49.95 22.41
C ARG B 60 -18.70 48.59 22.90
N ASN B 61 -18.29 48.52 24.17
CA ASN B 61 -17.97 47.23 24.84
C ASN B 61 -19.24 46.65 25.45
N VAL B 62 -19.97 45.86 24.66
CA VAL B 62 -21.26 45.23 25.09
C VAL B 62 -20.94 44.04 25.99
N GLN B 63 -21.57 43.97 27.17
CA GLN B 63 -21.55 42.78 28.06
C GLN B 63 -22.98 42.27 28.09
N TYR B 64 -23.15 40.97 27.95
CA TYR B 64 -24.48 40.34 28.03
C TYR B 64 -24.31 39.00 28.69
N SER B 65 -25.37 38.46 29.28
CA SER B 65 -25.45 37.09 29.84
C SER B 65 -26.86 36.56 29.66
N GLY B 66 -27.03 35.26 29.83
CA GLY B 66 -28.35 34.62 29.95
C GLY B 66 -28.37 33.31 29.20
N SER B 67 -29.51 32.98 28.59
CA SER B 67 -29.74 31.69 27.90
C SER B 67 -30.43 31.94 26.55
N PHE B 68 -30.19 31.04 25.60
CA PHE B 68 -30.74 31.05 24.22
C PHE B 68 -31.06 29.61 23.84
N TYR B 69 -32.33 29.31 23.56
CA TYR B 69 -32.87 27.94 23.33
C TYR B 69 -33.70 27.91 22.06
N PRO B 70 -33.05 27.92 20.88
CA PRO B 70 -33.77 27.76 19.61
C PRO B 70 -34.16 26.28 19.44
N SER B 71 -35.39 26.02 19.01
CA SER B 71 -35.87 24.71 18.49
C SER B 71 -36.04 24.87 16.98
N GLY B 72 -34.92 24.88 16.27
CA GLY B 72 -34.88 25.19 14.84
C GLY B 72 -33.94 26.35 14.62
N ASN B 73 -34.24 27.20 13.65
CA ASN B 73 -33.33 28.28 13.17
C ASN B 73 -33.54 29.47 14.11
N GLY B 74 -32.45 30.02 14.63
CA GLY B 74 -32.48 31.31 15.34
C GLY B 74 -31.08 31.80 15.54
N TYR B 75 -30.92 33.10 15.73
CA TYR B 75 -29.61 33.71 16.03
C TYR B 75 -29.69 34.47 17.35
N LEU B 76 -28.55 34.52 18.02
CA LEU B 76 -28.27 35.43 19.13
C LEU B 76 -27.18 36.38 18.65
N ALA B 77 -27.52 37.65 18.44
CA ALA B 77 -26.58 38.58 17.76
C ALA B 77 -26.71 39.97 18.33
N LEU B 78 -25.55 40.64 18.42
CA LEU B 78 -25.47 42.11 18.45
C LEU B 78 -25.86 42.57 17.05
N TYR B 79 -26.91 43.39 16.96
CA TYR B 79 -27.67 43.66 15.73
C TYR B 79 -27.94 45.16 15.63
N GLY B 80 -27.77 45.71 14.43
CA GLY B 80 -28.08 47.13 14.20
C GLY B 80 -28.01 47.53 12.74
N TRP B 81 -28.19 48.82 12.51
CA TRP B 81 -28.27 49.40 11.17
C TRP B 81 -27.45 50.68 11.10
N THR B 82 -26.93 50.99 9.92
CA THR B 82 -26.37 52.33 9.55
C THR B 82 -27.15 52.89 8.38
N SER B 83 -26.97 54.19 8.15
CA SER B 83 -27.46 54.95 6.96
C SER B 83 -26.27 55.39 6.11
N ASN B 84 -26.49 55.49 4.80
CA ASN B 84 -25.56 56.11 3.82
C ASN B 84 -24.18 55.52 4.00
N PRO B 85 -23.94 54.21 3.69
CA PRO B 85 -24.97 53.31 3.19
C PRO B 85 -25.85 52.67 4.27
N LEU B 86 -27.03 52.26 3.85
CA LEU B 86 -27.93 51.38 4.64
C LEU B 86 -27.29 50.01 4.71
N VAL B 87 -26.90 49.60 5.92
CA VAL B 87 -26.32 48.27 6.23
C VAL B 87 -27.06 47.68 7.43
N GLU B 88 -27.41 46.40 7.35
CA GLU B 88 -27.87 45.55 8.46
C GLU B 88 -26.66 44.74 8.95
N TYR B 89 -26.23 44.90 10.21
CA TYR B 89 -24.99 44.23 10.67
C TYR B 89 -25.31 43.30 11.84
N TYR B 90 -24.56 42.21 11.94
CA TYR B 90 -24.77 41.12 12.92
C TYR B 90 -23.42 40.65 13.43
N ILE B 91 -23.28 40.54 14.76
CA ILE B 91 -22.17 39.85 15.44
C ILE B 91 -22.82 38.71 16.19
N VAL B 92 -22.73 37.50 15.60
CA VAL B 92 -23.51 36.30 15.99
C VAL B 92 -22.66 35.43 16.91
N ASP B 93 -23.10 35.25 18.15
CA ASP B 93 -22.39 34.42 19.16
C ASP B 93 -23.03 33.04 19.22
N ASN B 94 -24.27 32.89 18.75
CA ASN B 94 -25.01 31.60 18.92
C ASN B 94 -26.11 31.52 17.86
N TRP B 95 -26.42 30.28 17.46
CA TRP B 95 -27.37 29.97 16.35
C TRP B 95 -27.96 28.58 16.59
N GLY B 96 -29.06 28.25 15.93
CA GLY B 96 -29.75 26.96 16.06
C GLY B 96 -29.33 26.01 14.95
N ASN B 97 -30.29 25.54 14.15
CA ASN B 97 -30.12 24.62 13.00
C ASN B 97 -29.21 25.22 11.94
N TYR B 98 -29.46 26.47 11.55
CA TYR B 98 -28.85 27.15 10.37
C TYR B 98 -27.73 28.07 10.86
N ARG B 99 -26.50 27.86 10.41
CA ARG B 99 -25.37 28.78 10.69
C ARG B 99 -25.32 29.82 9.58
N PRO B 100 -25.40 31.12 9.91
CA PRO B 100 -25.35 32.17 8.89
C PRO B 100 -24.09 32.01 8.04
N THR B 101 -24.25 32.24 6.73
CA THR B 101 -23.19 32.16 5.69
C THR B 101 -23.51 33.24 4.65
N GLY B 102 -22.70 33.30 3.59
CA GLY B 102 -22.66 34.36 2.58
C GLY B 102 -21.33 34.33 1.86
N THR B 103 -20.89 35.49 1.38
CA THR B 103 -19.55 35.64 0.78
C THR B 103 -18.55 35.74 1.94
N TYR B 104 -17.79 34.69 2.14
CA TYR B 104 -16.80 34.59 3.25
C TYR B 104 -15.66 35.54 2.89
N LYS B 105 -15.18 36.31 3.87
CA LYS B 105 -14.12 37.34 3.66
C LYS B 105 -12.81 36.88 4.35
N GLY B 106 -12.93 36.15 5.45
CA GLY B 106 -11.82 35.97 6.41
C GLY B 106 -12.36 35.89 7.81
N THR B 107 -11.48 36.17 8.78
CA THR B 107 -11.73 35.97 10.21
C THR B 107 -11.35 37.24 10.95
N VAL B 108 -11.81 37.33 12.19
CA VAL B 108 -11.46 38.41 13.16
C VAL B 108 -11.45 37.75 14.51
N THR B 109 -10.44 38.07 15.32
CA THR B 109 -10.29 37.52 16.68
C THR B 109 -10.71 38.62 17.64
N SER B 110 -11.64 38.33 18.54
CA SER B 110 -12.17 39.34 19.49
C SER B 110 -12.82 38.61 20.66
N ASP B 111 -12.62 39.13 21.88
CA ASP B 111 -13.36 38.75 23.12
C ASP B 111 -13.22 37.24 23.31
N GLY B 112 -11.98 36.74 23.15
CA GLY B 112 -11.58 35.34 23.44
C GLY B 112 -12.01 34.36 22.37
N GLY B 113 -12.57 34.85 21.25
CA GLY B 113 -13.09 33.98 20.18
C GLY B 113 -12.63 34.43 18.80
N THR B 114 -12.85 33.54 17.81
CA THR B 114 -12.62 33.78 16.38
C THR B 114 -13.97 33.82 15.65
N TYR B 115 -14.13 34.78 14.75
CA TYR B 115 -15.37 34.99 13.98
C TYR B 115 -15.07 34.90 12.49
N ASP B 116 -15.92 34.17 11.76
CA ASP B 116 -15.93 34.12 10.28
C ASP B 116 -16.71 35.37 9.84
N VAL B 117 -16.16 36.12 8.91
CA VAL B 117 -16.82 37.34 8.38
C VAL B 117 -17.53 37.00 7.06
N TYR B 118 -18.78 37.40 6.93
CA TYR B 118 -19.49 37.25 5.64
C TYR B 118 -20.20 38.53 5.23
N GLN B 119 -20.39 38.70 3.92
CA GLN B 119 -21.30 39.71 3.33
C GLN B 119 -22.44 39.00 2.57
N THR B 120 -23.67 39.47 2.76
CA THR B 120 -24.86 39.03 1.97
C THR B 120 -25.58 40.25 1.42
N THR B 121 -26.60 40.03 0.59
CA THR B 121 -27.42 41.12 0.03
C THR B 121 -28.88 40.68 0.09
N ARG B 122 -29.75 41.63 0.44
CA ARG B 122 -31.22 41.47 0.45
C ARG B 122 -31.75 42.32 -0.70
N TYR B 123 -32.62 41.73 -1.53
CA TYR B 123 -33.33 42.37 -2.65
C TYR B 123 -34.73 42.76 -2.14
N ASN B 124 -35.05 44.05 -2.22
CA ASN B 124 -36.42 44.60 -2.00
C ASN B 124 -36.98 44.03 -0.70
N ALA B 125 -36.33 44.33 0.43
CA ALA B 125 -36.63 43.69 1.73
C ALA B 125 -36.98 44.77 2.74
N PRO B 126 -37.73 44.45 3.81
CA PRO B 126 -37.97 45.44 4.85
C PRO B 126 -36.64 45.90 5.45
N SER B 127 -36.65 47.12 5.95
CA SER B 127 -35.48 47.78 6.58
C SER B 127 -35.95 48.96 7.42
N VAL B 128 -35.04 49.56 8.16
CA VAL B 128 -35.32 50.73 9.01
C VAL B 128 -35.64 51.93 8.10
N GLU B 129 -35.48 51.80 6.77
CA GLU B 129 -35.75 52.89 5.80
C GLU B 129 -36.86 52.47 4.82
N GLY B 130 -37.70 51.47 5.13
CA GLY B 130 -38.74 50.96 4.21
C GLY B 130 -38.17 49.90 3.28
N THR B 131 -38.95 49.42 2.30
CA THR B 131 -38.52 48.33 1.40
C THR B 131 -37.36 48.80 0.54
N LYS B 132 -36.20 48.16 0.69
CA LYS B 132 -34.92 48.59 0.08
C LYS B 132 -34.08 47.38 -0.32
N THR B 133 -33.07 47.59 -1.16
CA THR B 133 -32.00 46.60 -1.43
C THR B 133 -30.77 47.05 -0.64
N PHE B 134 -30.13 46.17 0.11
CA PHE B 134 -29.01 46.57 1.00
C PHE B 134 -28.16 45.35 1.33
N ASN B 135 -26.93 45.60 1.78
CA ASN B 135 -25.99 44.53 2.22
C ASN B 135 -26.18 44.28 3.72
N GLN B 136 -25.92 43.04 4.11
CA GLN B 136 -25.80 42.60 5.52
C GLN B 136 -24.33 42.26 5.81
N TYR B 137 -23.79 42.76 6.91
CA TYR B 137 -22.45 42.36 7.41
C TYR B 137 -22.62 41.38 8.57
N TRP B 138 -21.81 40.33 8.57
CA TRP B 138 -21.84 39.24 9.58
C TRP B 138 -20.42 39.00 10.11
N SER B 139 -20.30 38.93 11.43
CA SER B 139 -19.27 38.16 12.19
C SER B 139 -19.98 36.98 12.83
N VAL B 140 -19.53 35.77 12.55
CA VAL B 140 -20.15 34.53 13.09
C VAL B 140 -19.08 33.82 13.92
N ARG B 141 -19.33 33.61 15.21
CA ARG B 141 -18.36 32.96 16.12
C ARG B 141 -18.18 31.51 15.65
N GLN B 142 -16.95 31.03 15.65
CA GLN B 142 -16.61 29.66 15.17
C GLN B 142 -17.18 28.63 16.14
N SER B 143 -17.32 28.97 17.43
CA SER B 143 -17.98 28.12 18.44
C SER B 143 -19.08 28.89 19.14
N LYS B 144 -20.22 28.23 19.39
CA LYS B 144 -21.41 28.87 19.98
C LYS B 144 -21.11 29.26 21.43
N ARG B 145 -21.58 30.42 21.90
CA ARG B 145 -21.60 30.79 23.34
C ARG B 145 -22.83 31.64 23.66
N THR B 146 -23.28 31.65 24.92
CA THR B 146 -24.32 32.59 25.40
C THR B 146 -23.72 33.37 26.58
N GLY B 147 -23.11 34.52 26.32
CA GLY B 147 -22.69 35.48 27.36
C GLY B 147 -21.23 35.85 27.23
N GLY B 148 -20.90 37.09 27.57
CA GLY B 148 -19.52 37.61 27.52
C GLY B 148 -19.50 39.00 26.94
N THR B 149 -18.35 39.39 26.40
CA THR B 149 -18.10 40.74 25.87
C THR B 149 -18.15 40.71 24.34
N ILE B 150 -18.72 41.76 23.76
CA ILE B 150 -18.60 42.06 22.31
C ILE B 150 -18.04 43.47 22.21
N THR B 151 -16.81 43.58 21.73
CA THR B 151 -16.10 44.84 21.40
C THR B 151 -16.45 45.14 19.93
N THR B 152 -17.53 45.90 19.70
CA THR B 152 -18.11 46.09 18.35
C THR B 152 -17.03 46.68 17.45
N GLY B 153 -16.19 47.59 17.99
CA GLY B 153 -15.11 48.24 17.26
C GLY B 153 -14.12 47.29 16.60
N ASN B 154 -13.82 46.14 17.22
CA ASN B 154 -12.95 45.11 16.59
C ASN B 154 -13.63 44.58 15.31
N HIS B 155 -14.95 44.38 15.33
CA HIS B 155 -15.70 43.80 14.18
C HIS B 155 -15.79 44.87 13.10
N PHE B 156 -16.04 46.13 13.48
CA PHE B 156 -16.24 47.25 12.52
C PHE B 156 -14.92 47.41 11.74
N ASP B 157 -13.79 47.33 12.45
CA ASP B 157 -12.43 47.50 11.88
C ASP B 157 -12.13 46.32 10.93
N ALA B 158 -12.38 45.07 11.33
CA ALA B 158 -12.22 43.88 10.45
C ALA B 158 -13.06 44.02 9.19
N TRP B 159 -14.33 44.41 9.32
CA TRP B 159 -15.24 44.53 8.17
C TRP B 159 -14.64 45.55 7.19
N ALA B 160 -14.15 46.68 7.72
CA ALA B 160 -13.55 47.78 6.93
C ALA B 160 -12.33 47.22 6.20
N ARG B 161 -11.51 46.41 6.88
CA ARG B 161 -10.31 45.73 6.30
C ARG B 161 -10.75 44.87 5.12
N TYR B 162 -11.92 44.24 5.22
CA TYR B 162 -12.45 43.31 4.19
C TYR B 162 -13.28 44.07 3.15
N GLY B 163 -13.26 45.41 3.16
CA GLY B 163 -13.99 46.19 2.15
C GLY B 163 -15.48 46.28 2.47
N MET B 164 -15.84 46.13 3.74
CA MET B 164 -17.24 46.24 4.19
C MET B 164 -17.37 47.51 5.06
N GLN B 165 -17.70 48.63 4.43
CA GLN B 165 -17.74 49.96 5.09
C GLN B 165 -19.15 50.21 5.63
N LEU B 166 -19.19 50.73 6.85
CA LEU B 166 -20.43 51.09 7.57
C LEU B 166 -20.76 52.55 7.33
N GLY B 167 -22.04 52.87 7.33
CA GLY B 167 -22.50 54.27 7.27
C GLY B 167 -22.55 54.88 8.65
N SER B 168 -23.34 55.93 8.81
CA SER B 168 -23.61 56.59 10.11
C SER B 168 -24.48 55.70 11.00
N PHE B 169 -24.15 55.66 12.29
CA PHE B 169 -24.89 54.94 13.36
C PHE B 169 -26.11 55.79 13.72
N SER B 170 -27.02 55.96 12.76
CA SER B 170 -28.26 56.75 12.86
C SER B 170 -29.37 55.92 13.48
N TYR B 171 -29.21 54.60 13.53
CA TYR B 171 -30.30 53.69 13.98
C TYR B 171 -29.78 52.84 15.14
N TYR B 172 -30.71 52.10 15.75
CA TYR B 172 -30.47 51.33 17.01
C TYR B 172 -29.35 50.31 16.84
N MET B 173 -28.91 49.78 17.98
CA MET B 173 -27.99 48.64 18.13
C MET B 173 -28.49 47.86 19.35
N ILE B 174 -28.88 46.60 19.18
CA ILE B 174 -29.50 45.81 20.28
C ILE B 174 -28.83 44.43 20.36
N LEU B 175 -28.82 43.87 21.55
CA LEU B 175 -28.55 42.43 21.76
C LEU B 175 -29.84 41.68 21.41
N ALA B 176 -29.88 41.06 20.22
CA ALA B 176 -31.12 40.60 19.55
C ALA B 176 -31.22 39.08 19.59
N THR B 177 -32.45 38.61 19.73
CA THR B 177 -32.89 37.22 19.40
C THR B 177 -33.58 37.29 18.05
N GLU B 178 -33.21 36.38 17.13
CA GLU B 178 -33.83 36.26 15.79
CA GLU B 178 -33.86 36.27 15.81
C GLU B 178 -34.38 34.84 15.63
N GLY B 179 -35.53 34.71 15.01
CA GLY B 179 -36.14 33.41 14.72
C GLY B 179 -36.52 33.35 13.26
N TYR B 180 -36.39 32.18 12.66
CA TYR B 180 -36.77 31.91 11.26
C TYR B 180 -37.50 30.56 11.21
N GLN B 181 -38.80 30.55 10.92
CA GLN B 181 -39.60 29.32 10.72
C GLN B 181 -39.35 28.34 11.88
N SER B 182 -39.45 28.81 13.13
CA SER B 182 -39.01 28.01 14.30
C SER B 182 -39.80 28.35 15.56
N SER B 183 -39.45 27.68 16.67
CA SER B 183 -39.99 27.95 18.02
C SER B 183 -38.76 28.14 18.90
N GLY B 184 -38.90 28.80 20.05
CA GLY B 184 -37.78 28.84 20.98
C GLY B 184 -38.00 29.83 22.08
N SER B 185 -36.98 30.08 22.86
CA SER B 185 -37.02 31.12 23.91
C SER B 185 -35.62 31.66 24.09
N SER B 186 -35.54 32.84 24.69
CA SER B 186 -34.27 33.42 25.16
C SER B 186 -34.53 34.18 26.45
N ASN B 187 -33.48 34.39 27.22
CA ASN B 187 -33.56 35.19 28.46
C ASN B 187 -32.21 35.87 28.65
N LEU B 188 -32.12 37.17 28.36
CA LEU B 188 -30.81 37.84 28.26
C LEU B 188 -30.79 39.16 29.04
N THR B 189 -29.60 39.50 29.50
CA THR B 189 -29.32 40.79 30.18
C THR B 189 -28.21 41.47 29.39
N VAL B 190 -28.40 42.75 29.09
CA VAL B 190 -27.41 43.55 28.34
C VAL B 190 -26.93 44.72 29.21
N SER B 191 -25.64 45.04 29.06
CA SER B 191 -24.96 46.23 29.61
C SER B 191 -23.90 46.66 28.57
N GLY B 192 -23.29 47.83 28.73
CA GLY B 192 -22.17 48.23 27.85
C GLY B 192 -21.88 49.71 27.93
N LYS B 193 -20.60 50.07 27.87
CA LYS B 193 -20.16 51.49 27.83
C LYS B 193 -19.45 51.72 26.50
N LEU B 194 -19.48 52.96 25.99
CA LEU B 194 -18.76 53.34 24.74
C LEU B 194 -17.26 53.14 24.98
N ALA B 195 -16.51 52.82 23.93
CA ALA B 195 -15.04 52.65 23.95
C ALA B 195 -14.39 54.03 24.12
N ALA C 2 -17.00 9.46 47.26
CA ALA C 2 -15.68 8.89 46.90
C ALA C 2 -15.76 7.36 46.87
N THR C 3 -15.42 6.77 45.73
CA THR C 3 -15.00 5.37 45.62
C THR C 3 -13.52 5.35 45.24
N VAL C 4 -12.67 4.66 46.01
CA VAL C 4 -11.21 4.56 45.75
C VAL C 4 -10.92 3.26 44.99
N ILE C 5 -10.45 3.39 43.75
CA ILE C 5 -10.07 2.26 42.85
C ILE C 5 -8.55 2.09 42.99
N THR C 6 -8.06 0.86 43.10
CA THR C 6 -6.60 0.56 43.17
C THR C 6 -6.26 -0.67 42.33
N THR C 7 -7.25 -1.33 41.74
CA THR C 7 -7.04 -2.58 40.95
C THR C 7 -7.73 -2.41 39.60
N ASN C 8 -7.19 -3.12 38.60
CA ASN C 8 -7.63 -3.05 37.19
C ASN C 8 -9.14 -3.30 37.10
N GLN C 9 -9.90 -2.37 36.56
CA GLN C 9 -11.35 -2.57 36.38
C GLN C 9 -11.91 -1.45 35.53
N THR C 10 -13.08 -1.71 34.93
CA THR C 10 -13.94 -0.73 34.27
C THR C 10 -15.33 -0.80 34.92
N GLY C 11 -16.10 0.26 34.79
CA GLY C 11 -17.43 0.34 35.36
C GLY C 11 -18.03 1.70 35.10
N THR C 12 -19.12 1.97 35.78
CA THR C 12 -19.84 3.25 35.68
C THR C 12 -19.83 3.90 37.06
N ASN C 13 -19.72 5.20 37.11
CA ASN C 13 -19.69 5.98 38.36
C ASN C 13 -20.39 7.31 38.14
N ASN C 14 -21.55 7.52 38.78
CA ASN C 14 -22.27 8.82 38.76
C ASN C 14 -22.50 9.25 37.30
N GLY C 15 -22.97 8.33 36.46
CA GLY C 15 -23.39 8.61 35.07
C GLY C 15 -22.25 8.54 34.05
N PHE C 16 -21.01 8.35 34.48
CA PHE C 16 -19.82 8.29 33.59
C PHE C 16 -19.14 6.94 33.63
N TYR C 17 -18.67 6.47 32.48
CA TYR C 17 -17.79 5.28 32.39
C TYR C 17 -16.45 5.62 33.03
N TYR C 18 -15.79 4.66 33.66
CA TYR C 18 -14.38 4.84 34.10
C TYR C 18 -13.57 3.60 33.74
N SER C 19 -12.27 3.78 33.57
CA SER C 19 -11.28 2.68 33.42
C SER C 19 -10.10 2.97 34.32
N PHE C 20 -9.56 1.92 34.93
CA PHE C 20 -8.35 1.97 35.79
C PHE C 20 -7.50 0.77 35.42
N TRP C 21 -6.24 1.05 35.11
CA TRP C 21 -5.25 0.04 34.69
C TRP C 21 -3.89 0.46 35.22
N THR C 22 -3.23 -0.46 35.93
CA THR C 22 -1.82 -0.35 36.35
C THR C 22 -1.13 -1.67 36.03
N ASP C 23 0.18 -1.66 35.85
CA ASP C 23 0.96 -2.85 35.44
C ASP C 23 1.52 -3.51 36.69
N GLY C 24 1.41 -2.83 37.84
CA GLY C 24 2.11 -3.13 39.11
C GLY C 24 3.48 -2.45 39.18
N GLY C 25 3.92 -2.12 40.38
CA GLY C 25 5.27 -1.61 40.67
C GLY C 25 5.25 -0.25 41.34
N GLY C 26 4.19 0.08 42.08
CA GLY C 26 4.13 1.28 42.95
C GLY C 26 2.72 1.61 43.43
N SER C 27 2.56 2.78 44.04
CA SER C 27 1.33 3.30 44.67
C SER C 27 0.54 4.16 43.68
N VAL C 28 -0.67 3.73 43.30
CA VAL C 28 -1.57 4.44 42.35
C VAL C 28 -2.98 4.24 42.89
N SER C 29 -3.70 5.31 43.20
CA SER C 29 -5.17 5.23 43.41
C SER C 29 -5.90 6.25 42.54
N MET C 30 -7.19 5.97 42.30
CA MET C 30 -8.14 6.91 41.69
C MET C 30 -9.38 7.00 42.60
N THR C 31 -9.77 8.21 42.95
CA THR C 31 -11.02 8.49 43.68
C THR C 31 -12.07 8.94 42.65
N LEU C 32 -13.19 8.21 42.57
CA LEU C 32 -14.36 8.56 41.75
C LEU C 32 -15.30 9.43 42.59
N ASN C 33 -15.53 10.68 42.14
CA ASN C 33 -16.32 11.69 42.87
C ASN C 33 -17.60 11.96 42.09
N SER C 34 -18.32 13.01 42.46
CA SER C 34 -19.67 13.34 41.91
C SER C 34 -19.55 13.69 40.42
N GLY C 35 -20.57 13.36 39.65
CA GLY C 35 -20.64 13.76 38.24
C GLY C 35 -19.47 13.19 37.47
N GLY C 36 -18.83 14.01 36.66
CA GLY C 36 -17.72 13.56 35.79
C GLY C 36 -16.38 13.81 36.45
N ASN C 37 -16.33 13.93 37.78
CA ASN C 37 -15.09 14.27 38.50
C ASN C 37 -14.35 13.00 38.93
N TYR C 38 -13.03 13.04 38.86
CA TYR C 38 -12.16 12.00 39.45
C TYR C 38 -10.84 12.66 39.83
N SER C 39 -10.16 12.08 40.81
CA SER C 39 -8.80 12.51 41.21
C SER C 39 -7.93 11.28 41.16
N THR C 40 -6.63 11.47 40.98
CA THR C 40 -5.64 10.40 41.18
C THR C 40 -4.59 10.91 42.17
N SER C 41 -3.93 9.94 42.77
CA SER C 41 -2.75 10.12 43.65
C SER C 41 -1.81 8.97 43.31
N TRP C 42 -0.55 9.28 43.01
CA TRP C 42 0.46 8.23 42.75
C TRP C 42 1.82 8.64 43.33
N THR C 43 2.52 7.63 43.85
CA THR C 43 3.90 7.74 44.37
C THR C 43 4.72 6.59 43.76
N ASN C 44 5.81 6.95 43.10
CA ASN C 44 6.72 6.05 42.36
C ASN C 44 5.89 4.93 41.76
N CYS C 45 4.97 5.27 40.86
CA CYS C 45 4.12 4.29 40.14
C CYS C 45 4.98 3.48 39.18
N GLY C 46 4.46 2.37 38.66
CA GLY C 46 4.98 1.70 37.46
C GLY C 46 4.43 2.41 36.24
N ASN C 47 3.48 1.79 35.56
CA ASN C 47 2.75 2.29 34.36
C ASN C 47 1.27 2.28 34.75
N PHE C 48 0.53 3.36 34.50
CA PHE C 48 -0.94 3.37 34.73
C PHE C 48 -1.64 4.34 33.78
N VAL C 49 -2.93 4.06 33.59
CA VAL C 49 -3.89 4.91 32.85
C VAL C 49 -5.23 4.81 33.57
N ALA C 50 -5.77 5.96 33.97
CA ALA C 50 -7.02 6.07 34.73
C ALA C 50 -7.78 7.30 34.24
N GLY C 51 -9.10 7.17 34.15
CA GLY C 51 -9.95 8.36 33.98
C GLY C 51 -11.40 7.99 33.81
N LYS C 52 -12.21 9.02 33.64
CA LYS C 52 -13.66 8.89 33.37
C LYS C 52 -13.91 9.33 31.93
N GLY C 53 -15.00 8.84 31.34
CA GLY C 53 -15.47 9.20 30.00
C GLY C 53 -16.66 8.36 29.61
N TRP C 54 -16.52 7.57 28.56
CA TRP C 54 -17.61 6.94 27.79
C TRP C 54 -17.22 5.51 27.45
N SER C 55 -18.18 4.59 27.50
CA SER C 55 -17.98 3.14 27.19
C SER C 55 -17.58 2.94 25.71
N ASN C 56 -17.94 3.87 24.83
CA ASN C 56 -17.47 3.90 23.42
C ASN C 56 -16.94 5.29 23.06
N GLY C 57 -15.87 5.32 22.27
CA GLY C 57 -15.44 6.58 21.64
C GLY C 57 -16.42 7.05 20.56
N GLY C 58 -16.07 8.16 19.95
CA GLY C 58 -16.82 8.79 18.86
C GLY C 58 -16.37 10.22 18.71
N ARG C 59 -16.94 10.91 17.72
CA ARG C 59 -16.70 12.35 17.46
C ARG C 59 -17.51 13.08 18.53
N ARG C 60 -16.80 13.60 19.52
CA ARG C 60 -17.39 14.18 20.74
C ARG C 60 -16.68 15.50 20.94
N ASN C 61 -17.43 16.54 21.31
CA ASN C 61 -16.87 17.81 21.85
C ASN C 61 -16.66 17.58 23.34
N VAL C 62 -15.42 17.33 23.73
CA VAL C 62 -15.07 16.97 25.13
C VAL C 62 -14.72 18.27 25.83
N GLN C 63 -15.34 18.52 26.97
CA GLN C 63 -15.11 19.72 27.82
C GLN C 63 -14.57 19.19 29.15
N TYR C 64 -13.42 19.68 29.60
CA TYR C 64 -12.83 19.21 30.87
C TYR C 64 -12.17 20.37 31.57
N SER C 65 -11.92 20.22 32.86
CA SER C 65 -11.25 21.24 33.70
C SER C 65 -10.64 20.55 34.91
N GLY C 66 -9.76 21.25 35.62
CA GLY C 66 -9.24 20.80 36.92
C GLY C 66 -7.76 21.06 37.01
N SER C 67 -7.02 20.17 37.67
CA SER C 67 -5.57 20.29 37.90
C SER C 67 -4.88 18.97 37.56
N PHE C 68 -3.61 19.08 37.20
CA PHE C 68 -2.69 17.99 36.79
C PHE C 68 -1.30 18.39 37.25
N TYR C 69 -0.79 17.72 38.29
CA TYR C 69 0.52 18.01 38.94
C TYR C 69 1.37 16.76 38.91
N PRO C 70 1.95 16.39 37.75
CA PRO C 70 2.93 15.31 37.71
C PRO C 70 4.24 15.80 38.32
N SER C 71 4.91 14.93 39.06
CA SER C 71 6.36 15.02 39.40
C SER C 71 7.09 13.87 38.70
N GLY C 72 7.68 14.13 37.55
CA GLY C 72 8.28 13.14 36.63
C GLY C 72 7.42 12.95 35.38
N ASN C 73 7.47 11.75 34.80
CA ASN C 73 6.80 11.41 33.52
C ASN C 73 5.31 11.08 33.78
N GLY C 74 4.41 11.89 33.22
CA GLY C 74 2.96 11.64 33.22
C GLY C 74 2.28 12.44 32.12
N TYR C 75 1.11 11.99 31.65
CA TYR C 75 0.34 12.63 30.55
C TYR C 75 -1.09 12.90 31.01
N LEU C 76 -1.67 13.96 30.46
CA LEU C 76 -3.11 14.28 30.50
C LEU C 76 -3.58 14.23 29.05
N ALA C 77 -4.45 13.28 28.73
CA ALA C 77 -4.76 12.91 27.35
C ALA C 77 -6.18 12.39 27.23
N LEU C 78 -6.88 12.83 26.21
CA LEU C 78 -8.08 12.12 25.71
C LEU C 78 -7.56 10.83 25.10
N TYR C 79 -8.06 9.69 25.55
CA TYR C 79 -7.41 8.37 25.41
C TYR C 79 -8.48 7.32 25.13
N GLY C 80 -8.24 6.45 24.15
CA GLY C 80 -9.20 5.39 23.85
C GLY C 80 -8.66 4.38 22.87
N TRP C 81 -9.53 3.44 22.48
CA TRP C 81 -9.18 2.30 21.63
C TRP C 81 -10.23 2.11 20.55
N THR C 82 -9.83 1.54 19.43
CA THR C 82 -10.74 1.07 18.35
C THR C 82 -10.42 -0.39 18.06
N SER C 83 -11.31 -1.07 17.34
CA SER C 83 -11.09 -2.45 16.85
C SER C 83 -11.15 -2.48 15.31
N ASN C 84 -10.42 -3.42 14.73
CA ASN C 84 -10.48 -3.77 13.29
C ASN C 84 -10.30 -2.49 12.48
N PRO C 85 -9.12 -1.80 12.56
CA PRO C 85 -7.99 -2.29 13.33
C PRO C 85 -7.96 -1.91 14.82
N LEU C 86 -7.16 -2.63 15.57
CA LEU C 86 -6.92 -2.32 17.00
C LEU C 86 -5.99 -1.11 17.01
N VAL C 87 -6.44 -0.02 17.63
CA VAL C 87 -5.64 1.22 17.72
C VAL C 87 -5.77 1.76 19.14
N GLU C 88 -4.65 2.16 19.76
CA GLU C 88 -4.66 2.99 20.99
C GLU C 88 -4.43 4.44 20.55
N TYR C 89 -5.29 5.40 20.92
CA TYR C 89 -5.12 6.79 20.44
C TYR C 89 -5.06 7.73 21.63
N TYR C 90 -4.32 8.82 21.44
CA TYR C 90 -4.05 9.82 22.49
C TYR C 90 -4.21 11.22 21.88
N ILE C 91 -4.86 12.13 22.59
CA ILE C 91 -4.82 13.57 22.33
C ILE C 91 -4.33 14.22 23.62
N VAL C 92 -3.05 14.56 23.61
CA VAL C 92 -2.26 14.94 24.80
C VAL C 92 -2.25 16.45 24.92
N ASP C 93 -2.83 16.95 26.01
CA ASP C 93 -2.84 18.40 26.32
C ASP C 93 -1.76 18.79 27.30
N ASN C 94 -1.29 17.89 28.17
CA ASN C 94 -0.36 18.29 29.26
C ASN C 94 0.55 17.11 29.56
N TRP C 95 1.70 17.37 30.14
CA TRP C 95 2.68 16.30 30.43
C TRP C 95 3.59 16.80 31.53
N GLY C 96 4.47 15.94 32.04
CA GLY C 96 5.41 16.24 33.13
C GLY C 96 6.74 16.68 32.56
N ASN C 97 7.79 15.92 32.84
CA ASN C 97 9.18 16.22 32.44
C ASN C 97 9.43 15.68 31.03
N TYR C 98 8.46 15.03 30.38
CA TYR C 98 8.66 14.42 29.03
C TYR C 98 7.44 14.65 28.14
N ARG C 99 7.64 15.40 27.04
CA ARG C 99 6.62 15.58 25.98
C ARG C 99 6.66 14.33 25.11
N PRO C 100 5.54 13.56 24.97
CA PRO C 100 5.53 12.39 24.11
C PRO C 100 5.75 12.71 22.62
N THR C 101 6.59 11.89 21.99
CA THR C 101 6.96 11.99 20.58
C THR C 101 6.79 10.64 19.92
N GLY C 102 6.92 10.63 18.62
CA GLY C 102 7.05 9.42 17.80
C GLY C 102 7.46 9.85 16.41
N THR C 103 7.17 8.99 15.45
CA THR C 103 7.35 9.24 14.01
C THR C 103 6.40 10.36 13.58
N TYR C 104 6.98 11.46 13.07
CA TYR C 104 6.21 12.67 12.66
C TYR C 104 5.40 12.38 11.40
N LYS C 105 4.10 12.69 11.45
CA LYS C 105 3.18 12.54 10.32
C LYS C 105 2.65 13.90 9.85
N GLY C 106 2.64 14.92 10.70
CA GLY C 106 1.90 16.15 10.34
C GLY C 106 1.48 16.94 11.56
N THR C 107 0.59 17.90 11.38
CA THR C 107 0.09 18.73 12.49
C THR C 107 -1.41 18.90 12.33
N VAL C 108 -2.05 19.37 13.39
CA VAL C 108 -3.50 19.75 13.35
C VAL C 108 -3.71 20.85 14.39
N THR C 109 -4.42 21.91 14.00
CA THR C 109 -4.77 23.04 14.90
C THR C 109 -6.24 22.85 15.29
N SER C 110 -6.51 22.78 16.58
CA SER C 110 -7.86 22.51 17.13
C SER C 110 -7.96 23.13 18.52
N ASP C 111 -9.05 23.81 18.82
CA ASP C 111 -9.36 24.27 20.20
C ASP C 111 -8.20 25.16 20.74
N GLY C 112 -7.72 26.14 19.98
CA GLY C 112 -6.69 27.10 20.43
C GLY C 112 -5.27 26.53 20.46
N GLY C 113 -5.06 25.28 20.08
CA GLY C 113 -3.75 24.64 20.22
C GLY C 113 -3.26 24.10 18.90
N THR C 114 -1.93 24.05 18.72
CA THR C 114 -1.31 23.30 17.59
C THR C 114 -0.76 21.98 18.14
N TYR C 115 -1.14 20.88 17.50
CA TYR C 115 -0.78 19.51 17.90
C TYR C 115 0.09 18.90 16.81
N ASP C 116 1.22 18.30 17.18
CA ASP C 116 2.00 17.41 16.29
C ASP C 116 1.28 16.06 16.21
N VAL C 117 1.26 15.43 15.05
CA VAL C 117 0.67 14.08 14.88
C VAL C 117 1.83 13.10 14.75
N TYR C 118 1.88 12.12 15.64
CA TYR C 118 2.92 11.07 15.56
C TYR C 118 2.26 9.71 15.47
N GLN C 119 2.99 8.75 14.94
CA GLN C 119 2.56 7.34 14.97
C GLN C 119 3.69 6.53 15.58
N THR C 120 3.31 5.56 16.42
CA THR C 120 4.21 4.60 17.08
C THR C 120 3.54 3.22 16.94
N THR C 121 4.27 2.17 17.27
CA THR C 121 3.73 0.78 17.29
C THR C 121 4.13 0.14 18.62
N ARG C 122 3.22 -0.68 19.16
CA ARG C 122 3.45 -1.55 20.34
C ARG C 122 3.48 -2.99 19.83
N TYR C 123 4.44 -3.77 20.31
CA TYR C 123 4.69 -5.16 19.83
C TYR C 123 4.36 -6.14 20.97
N ASN C 124 3.38 -7.01 20.74
CA ASN C 124 3.03 -8.08 21.71
C ASN C 124 2.87 -7.40 23.07
N ALA C 125 2.03 -6.36 23.15
CA ALA C 125 1.87 -5.49 24.35
C ALA C 125 0.48 -5.68 24.96
N PRO C 126 0.27 -5.26 26.23
CA PRO C 126 -1.07 -5.22 26.81
C PRO C 126 -2.02 -4.34 25.99
N SER C 127 -3.26 -4.78 25.85
CA SER C 127 -4.32 -4.04 25.13
C SER C 127 -5.71 -4.45 25.64
N VAL C 128 -6.73 -3.74 25.19
CA VAL C 128 -8.14 -4.07 25.52
C VAL C 128 -8.52 -5.40 24.83
N GLU C 129 -7.67 -5.95 23.96
CA GLU C 129 -7.91 -7.28 23.34
C GLU C 129 -6.84 -8.31 23.78
N GLY C 130 -6.16 -8.11 24.91
CA GLY C 130 -5.03 -8.94 25.38
C GLY C 130 -3.72 -8.58 24.68
N THR C 131 -2.72 -9.48 24.74
CA THR C 131 -1.37 -9.26 24.16
C THR C 131 -1.48 -9.16 22.63
N LYS C 132 -1.22 -7.97 22.09
CA LYS C 132 -1.34 -7.70 20.64
C LYS C 132 -0.26 -6.74 20.16
N THR C 133 -0.11 -6.69 18.84
CA THR C 133 0.66 -5.68 18.07
C THR C 133 -0.34 -4.69 17.44
N PHE C 134 -0.14 -3.40 17.63
CA PHE C 134 -1.08 -2.37 17.15
C PHE C 134 -0.36 -1.02 17.05
N ASN C 135 -0.90 -0.11 16.25
CA ASN C 135 -0.42 1.29 16.19
C ASN C 135 -1.03 2.12 17.32
N GLN C 136 -0.25 3.09 17.76
CA GLN C 136 -0.62 4.20 18.65
C GLN C 136 -0.67 5.48 17.77
N TYR C 137 -1.78 6.20 17.81
CA TYR C 137 -1.92 7.51 17.11
C TYR C 137 -1.85 8.61 18.16
N TRP C 138 -1.05 9.62 17.93
CA TRP C 138 -0.85 10.72 18.88
C TRP C 138 -1.19 12.07 18.21
N SER C 139 -2.01 12.87 18.88
CA SER C 139 -1.95 14.35 18.76
C SER C 139 -1.30 14.87 20.03
N VAL C 140 -0.19 15.62 19.91
CA VAL C 140 0.53 16.15 21.09
C VAL C 140 0.61 17.68 21.01
N ARG C 141 -0.08 18.38 21.92
CA ARG C 141 -0.13 19.87 21.97
C ARG C 141 1.31 20.37 22.06
N GLN C 142 1.61 21.50 21.41
CA GLN C 142 2.99 22.03 21.35
C GLN C 142 3.31 22.80 22.64
N SER C 143 2.29 23.24 23.39
CA SER C 143 2.47 23.76 24.77
C SER C 143 1.37 23.25 25.69
N LYS C 144 1.61 23.33 27.00
CA LYS C 144 0.84 22.62 28.05
C LYS C 144 -0.43 23.40 28.35
N ARG C 145 -1.53 22.69 28.58
CA ARG C 145 -2.73 23.30 29.18
C ARG C 145 -3.43 22.25 30.04
N THR C 146 -4.24 22.71 30.99
CA THR C 146 -5.15 21.84 31.76
C THR C 146 -6.54 22.45 31.67
N GLY C 147 -7.37 21.90 30.81
CA GLY C 147 -8.79 22.30 30.69
C GLY C 147 -9.11 22.98 29.38
N GLY C 148 -10.35 22.79 28.93
CA GLY C 148 -10.89 23.40 27.71
C GLY C 148 -11.71 22.40 26.95
N THR C 149 -11.77 22.58 25.63
CA THR C 149 -12.52 21.69 24.71
C THR C 149 -11.50 20.90 23.90
N ILE C 150 -11.82 19.63 23.68
CA ILE C 150 -11.18 18.74 22.68
C ILE C 150 -12.29 18.27 21.73
N THR C 151 -12.23 18.81 20.52
CA THR C 151 -13.08 18.40 19.37
C THR C 151 -12.38 17.20 18.75
N THR C 152 -12.72 16.01 19.21
CA THR C 152 -12.03 14.75 18.79
C THR C 152 -12.12 14.59 17.27
N GLY C 153 -13.22 15.02 16.65
CA GLY C 153 -13.47 14.94 15.19
C GLY C 153 -12.35 15.59 14.38
N ASN C 154 -11.79 16.71 14.85
CA ASN C 154 -10.70 17.45 14.16
C ASN C 154 -9.43 16.57 14.12
N HIS C 155 -9.10 15.92 15.23
CA HIS C 155 -7.94 14.99 15.30
C HIS C 155 -8.19 13.76 14.43
N PHE C 156 -9.37 13.15 14.51
CA PHE C 156 -9.68 11.89 13.78
C PHE C 156 -9.55 12.13 12.28
N ASP C 157 -10.02 13.27 11.80
CA ASP C 157 -10.02 13.69 10.37
C ASP C 157 -8.60 13.95 9.88
N ALA C 158 -7.78 14.62 10.69
CA ALA C 158 -6.37 14.94 10.37
C ALA C 158 -5.57 13.65 10.31
N TRP C 159 -5.74 12.78 11.31
CA TRP C 159 -5.18 11.42 11.34
C TRP C 159 -5.53 10.66 10.05
N ALA C 160 -6.81 10.64 9.67
CA ALA C 160 -7.33 9.85 8.53
C ALA C 160 -6.67 10.35 7.23
N ARG C 161 -6.60 11.66 7.06
CA ARG C 161 -5.94 12.32 5.91
C ARG C 161 -4.53 11.78 5.80
N TYR C 162 -3.85 11.65 6.94
CA TYR C 162 -2.41 11.30 7.00
C TYR C 162 -2.21 9.78 6.94
N GLY C 163 -3.24 9.00 6.58
CA GLY C 163 -3.14 7.54 6.42
C GLY C 163 -3.21 6.81 7.75
N MET C 164 -3.74 7.45 8.79
CA MET C 164 -3.93 6.83 10.11
C MET C 164 -5.43 6.64 10.32
N GLN C 165 -5.99 5.52 9.82
CA GLN C 165 -7.43 5.18 9.89
C GLN C 165 -7.73 4.54 11.25
N LEU C 166 -8.86 4.93 11.84
CA LEU C 166 -9.35 4.37 13.11
C LEU C 166 -10.29 3.21 12.76
N GLY C 167 -10.35 2.18 13.62
CA GLY C 167 -11.37 1.13 13.52
C GLY C 167 -12.67 1.59 14.13
N SER C 168 -13.53 0.64 14.45
CA SER C 168 -14.84 0.85 15.13
C SER C 168 -14.59 1.30 16.57
N PHE C 169 -15.38 2.26 17.04
CA PHE C 169 -15.33 2.79 18.43
C PHE C 169 -16.09 1.80 19.34
N SER C 170 -15.56 0.60 19.53
CA SER C 170 -16.19 -0.50 20.30
C SER C 170 -15.57 -0.58 21.70
N TYR C 171 -14.70 0.38 22.05
CA TYR C 171 -13.98 0.47 23.34
C TYR C 171 -14.07 1.90 23.90
N TYR C 172 -13.64 2.05 25.14
CA TYR C 172 -13.85 3.27 25.93
C TYR C 172 -13.07 4.43 25.32
N MET C 173 -13.47 5.61 25.75
CA MET C 173 -12.78 6.88 25.50
C MET C 173 -12.83 7.65 26.82
N ILE C 174 -11.68 7.94 27.41
CA ILE C 174 -11.63 8.59 28.74
C ILE C 174 -10.69 9.79 28.70
N LEU C 175 -10.95 10.76 29.56
CA LEU C 175 -10.03 11.88 29.82
C LEU C 175 -9.04 11.34 30.85
N ALA C 176 -7.89 10.88 30.40
CA ALA C 176 -6.97 10.03 31.21
C ALA C 176 -5.84 10.85 31.83
N THR C 177 -5.52 10.50 33.06
CA THR C 177 -4.22 10.73 33.73
C THR C 177 -3.37 9.49 33.50
N GLU C 178 -2.11 9.64 33.09
CA GLU C 178 -1.20 8.49 32.91
C GLU C 178 0.15 8.81 33.52
N GLY C 179 0.79 7.81 34.14
CA GLY C 179 2.07 7.95 34.84
C GLY C 179 3.00 6.83 34.45
N TYR C 180 4.30 7.10 34.46
CA TYR C 180 5.43 6.18 34.12
C TYR C 180 6.55 6.50 35.13
N GLN C 181 6.75 5.64 36.13
CA GLN C 181 7.87 5.73 37.12
C GLN C 181 7.93 7.13 37.72
N SER C 182 6.80 7.60 38.23
CA SER C 182 6.68 9.00 38.68
C SER C 182 5.74 9.08 39.88
N SER C 183 5.53 10.30 40.35
CA SER C 183 4.61 10.62 41.45
C SER C 183 3.71 11.75 40.94
N GLY C 184 2.53 11.93 41.53
CA GLY C 184 1.72 13.09 41.15
C GLY C 184 0.32 13.04 41.69
N SER C 185 -0.46 14.00 41.28
CA SER C 185 -1.91 14.03 41.55
C SER C 185 -2.58 14.67 40.34
N SER C 186 -3.87 14.39 40.17
CA SER C 186 -4.75 15.11 39.23
C SER C 186 -6.14 15.21 39.88
N ASN C 187 -6.89 16.24 39.52
CA ASN C 187 -8.32 16.34 39.89
C ASN C 187 -9.02 16.92 38.67
N LEU C 188 -9.80 16.11 37.97
CA LEU C 188 -10.35 16.47 36.64
C LEU C 188 -11.85 16.25 36.62
N THR C 189 -12.56 17.10 35.89
CA THR C 189 -14.01 16.93 35.62
C THR C 189 -14.20 16.88 34.11
N VAL C 190 -14.97 15.91 33.64
CA VAL C 190 -15.12 15.71 32.19
C VAL C 190 -16.61 15.83 31.90
N SER C 191 -16.94 16.36 30.73
CA SER C 191 -18.31 16.34 30.15
C SER C 191 -18.15 16.24 28.64
N GLY C 192 -19.17 15.77 27.93
CA GLY C 192 -19.11 15.65 26.45
C GLY C 192 -20.48 15.49 25.83
N LYS C 193 -20.54 15.63 24.51
CA LYS C 193 -21.76 15.45 23.70
C LYS C 193 -21.32 15.12 22.28
N LEU C 194 -21.95 14.11 21.65
CA LEU C 194 -21.85 13.81 20.21
C LEU C 194 -22.14 15.08 19.40
N ALA D 2 14.09 3.27 -4.56
CA ALA D 2 12.75 3.97 -4.75
C ALA D 2 11.62 3.02 -4.33
N THR D 3 10.47 3.58 -3.93
CA THR D 3 9.24 2.84 -3.59
C THR D 3 8.06 3.50 -4.28
N VAL D 4 6.98 2.77 -4.50
CA VAL D 4 5.80 3.28 -5.24
C VAL D 4 4.58 3.17 -4.32
N ILE D 5 4.07 4.30 -3.85
CA ILE D 5 2.95 4.32 -2.87
C ILE D 5 1.66 4.61 -3.65
N THR D 6 0.55 4.04 -3.18
CA THR D 6 -0.80 4.11 -3.81
C THR D 6 -1.90 4.37 -2.76
N THR D 7 -1.54 4.60 -1.49
CA THR D 7 -2.51 4.85 -0.40
C THR D 7 -2.14 6.16 0.29
N ASN D 8 -3.14 6.85 0.86
CA ASN D 8 -2.93 8.14 1.55
C ASN D 8 -1.93 7.94 2.68
N GLN D 9 -0.91 8.78 2.75
CA GLN D 9 0.10 8.71 3.83
C GLN D 9 1.02 9.90 3.72
N THR D 10 1.81 10.07 4.75
CA THR D 10 2.84 11.14 4.82
C THR D 10 4.06 10.57 5.51
N GLY D 11 5.13 11.35 5.52
CA GLY D 11 6.32 10.99 6.33
C GLY D 11 7.50 11.76 5.83
N THR D 12 8.69 11.20 6.07
CA THR D 12 10.00 11.79 5.75
C THR D 12 10.76 10.81 4.87
N ASN D 13 11.14 11.27 3.68
CA ASN D 13 11.87 10.47 2.68
C ASN D 13 13.13 11.25 2.29
N ASN D 14 14.29 10.69 2.59
CA ASN D 14 15.59 11.35 2.27
C ASN D 14 15.60 12.79 2.80
N GLY D 15 15.18 12.99 4.04
CA GLY D 15 15.25 14.30 4.72
C GLY D 15 14.18 15.28 4.22
N PHE D 16 13.27 14.87 3.35
CA PHE D 16 12.14 15.75 2.90
C PHE D 16 10.84 15.23 3.47
N TYR D 17 9.98 16.12 3.96
CA TYR D 17 8.58 15.79 4.25
C TYR D 17 7.92 15.42 2.94
N TYR D 18 7.05 14.42 2.95
CA TYR D 18 6.20 14.12 1.78
C TYR D 18 4.76 13.87 2.21
N SER D 19 3.87 14.09 1.25
CA SER D 19 2.42 13.93 1.38
C SER D 19 1.86 13.37 0.08
N PHE D 20 1.06 12.34 0.21
CA PHE D 20 0.24 11.75 -0.85
C PHE D 20 -1.19 11.69 -0.33
N TRP D 21 -2.09 12.37 -1.02
CA TRP D 21 -3.54 12.41 -0.69
C TRP D 21 -4.34 12.31 -1.98
N THR D 22 -5.19 11.30 -2.05
CA THR D 22 -6.14 11.12 -3.17
C THR D 22 -7.54 10.95 -2.56
N ASP D 23 -8.58 11.44 -3.23
CA ASP D 23 -9.99 11.22 -2.82
C ASP D 23 -10.41 9.80 -3.19
N GLY D 24 -9.53 8.98 -3.76
CA GLY D 24 -9.87 7.58 -4.13
C GLY D 24 -10.19 7.37 -5.61
N GLY D 25 -10.48 8.42 -6.39
CA GLY D 25 -10.82 8.27 -7.82
C GLY D 25 -9.68 7.72 -8.67
N GLY D 26 -9.98 6.74 -9.51
CA GLY D 26 -9.09 6.18 -10.55
C GLY D 26 -7.85 5.52 -9.99
N SER D 27 -6.74 5.62 -10.75
CA SER D 27 -5.39 5.09 -10.41
C SER D 27 -4.43 6.26 -10.20
N VAL D 28 -3.83 6.36 -9.00
CA VAL D 28 -2.87 7.44 -8.66
C VAL D 28 -1.71 6.75 -7.96
N SER D 29 -0.49 7.00 -8.42
CA SER D 29 0.74 6.46 -7.76
C SER D 29 1.73 7.59 -7.57
N MET D 30 2.59 7.46 -6.58
CA MET D 30 3.74 8.36 -6.35
C MET D 30 4.99 7.52 -6.05
N THR D 31 6.06 7.85 -6.73
CA THR D 31 7.36 7.17 -6.55
C THR D 31 8.21 8.09 -5.69
N LEU D 32 8.66 7.60 -4.54
CA LEU D 32 9.57 8.36 -3.66
C LEU D 32 10.98 7.94 -4.08
N ASN D 33 11.77 8.89 -4.57
CA ASN D 33 13.13 8.60 -5.10
C ASN D 33 14.16 9.35 -4.28
N SER D 34 15.41 9.27 -4.68
CA SER D 34 16.55 9.79 -3.89
C SER D 34 16.44 11.31 -3.76
N GLY D 35 17.06 11.84 -2.71
CA GLY D 35 17.00 13.26 -2.34
C GLY D 35 15.60 13.83 -2.47
N GLY D 36 15.46 14.92 -3.18
CA GLY D 36 14.19 15.65 -3.25
C GLY D 36 13.35 15.20 -4.43
N ASN D 37 13.62 14.03 -5.03
CA ASN D 37 12.97 13.59 -6.28
C ASN D 37 11.70 12.84 -5.91
N TYR D 38 10.62 13.12 -6.62
CA TYR D 38 9.45 12.21 -6.65
C TYR D 38 8.90 12.24 -8.05
N SER D 39 8.16 11.22 -8.41
CA SER D 39 7.43 11.16 -9.67
C SER D 39 5.98 10.74 -9.37
N THR D 40 5.04 11.10 -10.24
CA THR D 40 3.65 10.60 -10.17
C THR D 40 3.20 10.05 -11.51
N SER D 41 2.15 9.27 -11.46
CA SER D 41 1.43 8.75 -12.63
C SER D 41 -0.03 8.60 -12.24
N TRP D 42 -0.96 9.08 -13.07
CA TRP D 42 -2.40 9.02 -12.73
C TRP D 42 -3.20 8.82 -14.00
N THR D 43 -4.27 8.05 -13.87
CA THR D 43 -5.29 7.82 -14.91
C THR D 43 -6.66 8.02 -14.29
N ASN D 44 -7.46 8.92 -14.88
CA ASN D 44 -8.91 9.04 -14.60
C ASN D 44 -9.07 9.33 -13.10
N CYS D 45 -8.29 10.27 -12.59
CA CYS D 45 -8.27 10.58 -11.15
C CYS D 45 -9.57 11.31 -10.79
N GLY D 46 -9.91 11.35 -9.52
CA GLY D 46 -10.84 12.33 -8.96
C GLY D 46 -10.10 13.60 -8.65
N ASN D 47 -9.63 13.76 -7.40
CA ASN D 47 -8.71 14.84 -6.97
C ASN D 47 -7.59 14.17 -6.18
N PHE D 48 -6.35 14.60 -6.40
CA PHE D 48 -5.19 14.14 -5.60
C PHE D 48 -4.21 15.29 -5.48
N VAL D 49 -3.41 15.28 -4.43
CA VAL D 49 -2.23 16.16 -4.26
C VAL D 49 -1.11 15.25 -3.77
N ALA D 50 0.06 15.32 -4.43
CA ALA D 50 1.29 14.57 -4.08
C ALA D 50 2.47 15.52 -4.14
N GLY D 51 3.34 15.49 -3.14
CA GLY D 51 4.58 16.25 -3.28
C GLY D 51 5.53 16.09 -2.13
N LYS D 52 6.66 16.78 -2.27
CA LYS D 52 7.82 16.70 -1.36
C LYS D 52 8.16 18.13 -0.99
N GLY D 53 8.65 18.33 0.22
CA GLY D 53 9.02 19.67 0.70
C GLY D 53 9.36 19.62 2.17
N TRP D 54 8.60 20.36 2.97
CA TRP D 54 8.95 20.71 4.37
C TRP D 54 7.72 20.58 5.28
N SER D 55 7.95 20.22 6.52
CA SER D 55 6.87 19.94 7.50
C SER D 55 6.20 21.27 7.90
N ASN D 56 6.88 22.41 7.74
CA ASN D 56 6.32 23.76 8.00
C ASN D 56 6.60 24.65 6.80
N GLY D 57 5.69 25.56 6.52
CA GLY D 57 5.89 26.66 5.56
C GLY D 57 6.83 27.71 6.09
N GLY D 58 7.23 28.62 5.22
CA GLY D 58 8.08 29.75 5.62
C GLY D 58 8.66 30.45 4.42
N ARG D 59 9.52 31.43 4.67
CA ARG D 59 10.19 32.27 3.65
C ARG D 59 11.37 31.45 3.16
N ARG D 60 11.18 30.71 2.07
CA ARG D 60 12.16 29.73 1.56
C ARG D 60 12.50 30.08 0.11
N ASN D 61 13.76 29.95 -0.29
CA ASN D 61 14.18 30.01 -1.70
C ASN D 61 14.05 28.60 -2.29
N VAL D 62 12.89 28.26 -2.83
CA VAL D 62 12.63 26.88 -3.34
C VAL D 62 13.25 26.73 -4.73
N GLN D 63 13.99 25.65 -4.96
CA GLN D 63 14.57 25.34 -6.27
C GLN D 63 14.07 23.97 -6.67
N TYR D 64 13.51 23.86 -7.87
CA TYR D 64 12.94 22.58 -8.35
C TYR D 64 13.32 22.44 -9.82
N SER D 65 13.25 21.21 -10.33
CA SER D 65 13.46 20.91 -11.77
C SER D 65 12.65 19.66 -12.12
N GLY D 66 12.47 19.39 -13.39
CA GLY D 66 11.89 18.13 -13.84
C GLY D 66 10.85 18.33 -14.92
N SER D 67 9.87 17.43 -14.97
CA SER D 67 8.85 17.38 -16.04
C SER D 67 7.47 17.30 -15.42
N PHE D 68 6.50 17.88 -16.13
CA PHE D 68 5.09 17.94 -15.71
C PHE D 68 4.21 17.79 -16.96
N TYR D 69 3.50 16.68 -17.10
CA TYR D 69 2.77 16.34 -18.35
C TYR D 69 1.34 15.94 -18.02
N PRO D 70 0.47 16.90 -17.64
CA PRO D 70 -0.95 16.61 -17.43
C PRO D 70 -1.62 16.31 -18.78
N SER D 71 -2.52 15.35 -18.78
CA SER D 71 -3.44 15.10 -19.92
C SER D 71 -4.85 15.48 -19.44
N GLY D 72 -5.10 16.77 -19.40
CA GLY D 72 -6.35 17.34 -18.83
C GLY D 72 -6.01 18.38 -17.78
N ASN D 73 -6.77 18.41 -16.70
CA ASN D 73 -6.68 19.47 -15.67
C ASN D 73 -5.68 19.01 -14.61
N GLY D 74 -4.65 19.81 -14.35
CA GLY D 74 -3.67 19.54 -13.28
C GLY D 74 -2.77 20.74 -13.07
N TYR D 75 -2.23 20.89 -11.86
CA TYR D 75 -1.45 22.09 -11.51
C TYR D 75 -0.10 21.63 -10.95
N LEU D 76 0.92 22.43 -11.19
CA LEU D 76 2.27 22.29 -10.58
C LEU D 76 2.46 23.55 -9.72
N ALA D 77 2.54 23.39 -8.40
CA ALA D 77 2.47 24.50 -7.44
C ALA D 77 3.28 24.20 -6.18
N LEU D 78 3.95 25.21 -5.68
CA LEU D 78 4.37 25.24 -4.28
C LEU D 78 3.08 25.44 -3.49
N TYR D 79 2.78 24.53 -2.56
CA TYR D 79 1.43 24.29 -1.99
C TYR D 79 1.57 24.11 -0.48
N GLY D 80 0.73 24.79 0.29
CA GLY D 80 0.74 24.69 1.76
C GLY D 80 -0.52 25.20 2.42
N TRP D 81 -0.59 25.07 3.72
CA TRP D 81 -1.70 25.58 4.55
C TRP D 81 -1.15 26.41 5.70
N THR D 82 -1.92 27.41 6.14
CA THR D 82 -1.66 28.08 7.43
C THR D 82 -2.85 27.80 8.35
N SER D 83 -2.65 28.09 9.64
CA SER D 83 -3.70 28.07 10.69
C SER D 83 -3.96 29.49 11.19
N ASN D 84 -5.19 29.74 11.67
CA ASN D 84 -5.64 31.01 12.31
C ASN D 84 -5.13 32.24 11.58
N PRO D 85 -5.65 32.57 10.38
CA PRO D 85 -6.70 31.77 9.73
C PRO D 85 -6.22 30.54 8.93
N LEU D 86 -7.12 29.60 8.73
CA LEU D 86 -6.97 28.45 7.79
C LEU D 86 -7.00 29.00 6.36
N VAL D 87 -5.91 28.77 5.63
CA VAL D 87 -5.70 29.23 4.21
C VAL D 87 -4.98 28.11 3.49
N GLU D 88 -5.47 27.75 2.31
CA GLU D 88 -4.77 26.86 1.36
C GLU D 88 -4.09 27.78 0.35
N TYR D 89 -2.76 27.74 0.24
CA TYR D 89 -2.04 28.69 -0.65
C TYR D 89 -1.29 27.90 -1.73
N TYR D 90 -1.15 28.56 -2.88
CA TYR D 90 -0.56 28.02 -4.13
C TYR D 90 0.29 29.10 -4.82
N ILE D 91 1.48 28.68 -5.25
CA ILE D 91 2.31 29.42 -6.23
C ILE D 91 2.43 28.48 -7.42
N VAL D 92 1.63 28.76 -8.44
CA VAL D 92 1.41 27.89 -9.62
C VAL D 92 2.36 28.29 -10.75
N ASP D 93 3.27 27.40 -11.12
CA ASP D 93 4.23 27.63 -12.21
C ASP D 93 3.75 26.98 -13.50
N ASN D 94 2.88 25.98 -13.43
CA ASN D 94 2.47 25.22 -14.62
C ASN D 94 1.08 24.66 -14.36
N TRP D 95 0.34 24.38 -15.43
CA TRP D 95 -1.03 23.80 -15.39
C TRP D 95 -1.31 23.03 -16.68
N GLY D 96 -2.44 22.36 -16.78
CA GLY D 96 -2.81 21.63 -17.99
C GLY D 96 -3.76 22.46 -18.85
N ASN D 97 -4.97 21.96 -19.11
CA ASN D 97 -5.96 22.61 -20.01
C ASN D 97 -6.68 23.76 -19.30
N TYR D 98 -6.44 23.97 -18.00
CA TYR D 98 -7.21 25.00 -17.25
C TYR D 98 -6.27 25.81 -16.37
N ARG D 99 -6.22 27.11 -16.58
CA ARG D 99 -5.36 28.02 -15.78
C ARG D 99 -6.16 28.42 -14.54
N PRO D 100 -5.64 28.15 -13.32
CA PRO D 100 -6.33 28.57 -12.11
C PRO D 100 -6.61 30.09 -12.13
N THR D 101 -7.76 30.47 -11.57
CA THR D 101 -8.29 31.85 -11.63
C THR D 101 -9.14 32.11 -10.37
N GLY D 102 -9.38 33.38 -10.07
CA GLY D 102 -10.29 33.80 -8.98
C GLY D 102 -10.48 35.29 -9.10
N THR D 103 -10.71 35.97 -7.99
CA THR D 103 -10.81 37.44 -7.94
C THR D 103 -9.41 38.00 -8.03
N TYR D 104 -9.14 38.77 -9.07
CA TYR D 104 -7.82 39.40 -9.33
C TYR D 104 -7.53 40.40 -8.20
N LYS D 105 -6.31 40.37 -7.67
CA LYS D 105 -5.90 41.27 -6.57
C LYS D 105 -4.77 42.16 -7.04
N GLY D 106 -4.04 41.76 -8.07
CA GLY D 106 -2.81 42.45 -8.51
C GLY D 106 -1.82 41.43 -9.03
N THR D 107 -0.56 41.84 -9.17
CA THR D 107 0.50 40.97 -9.72
C THR D 107 1.71 41.04 -8.81
N VAL D 108 2.56 40.03 -8.93
CA VAL D 108 3.90 40.07 -8.29
C VAL D 108 4.90 39.55 -9.31
N THR D 109 6.03 40.25 -9.39
CA THR D 109 7.19 39.91 -10.21
C THR D 109 8.19 39.18 -9.33
N SER D 110 8.46 37.91 -9.63
CA SER D 110 9.44 37.09 -8.87
C SER D 110 10.08 36.07 -9.79
N ASP D 111 11.37 35.80 -9.58
CA ASP D 111 12.11 34.65 -10.18
C ASP D 111 11.92 34.68 -11.68
N GLY D 112 11.95 35.90 -12.26
CA GLY D 112 11.95 36.12 -13.70
C GLY D 112 10.56 36.00 -14.29
N GLY D 113 9.54 35.83 -13.47
CA GLY D 113 8.15 35.69 -13.94
C GLY D 113 7.25 36.78 -13.36
N THR D 114 6.11 36.94 -13.98
CA THR D 114 5.01 37.80 -13.48
C THR D 114 3.84 36.87 -13.17
N TYR D 115 3.34 36.95 -11.94
CA TYR D 115 2.29 36.07 -11.41
C TYR D 115 1.08 36.94 -11.14
N ASP D 116 -0.10 36.51 -11.57
CA ASP D 116 -1.38 37.11 -11.14
C ASP D 116 -1.70 36.61 -9.73
N VAL D 117 -2.13 37.50 -8.85
CA VAL D 117 -2.60 37.12 -7.50
C VAL D 117 -4.12 37.00 -7.55
N TYR D 118 -4.69 35.87 -7.13
CA TYR D 118 -6.16 35.70 -7.03
C TYR D 118 -6.51 35.21 -5.64
N GLN D 119 -7.74 35.48 -5.21
CA GLN D 119 -8.31 34.90 -3.99
C GLN D 119 -9.62 34.19 -4.36
N THR D 120 -9.82 32.98 -3.83
CA THR D 120 -11.05 32.21 -4.00
C THR D 120 -11.43 31.70 -2.61
N THR D 121 -12.57 31.05 -2.52
CA THR D 121 -13.09 30.50 -1.26
C THR D 121 -13.69 29.12 -1.54
N ARG D 122 -13.42 28.19 -0.64
CA ARG D 122 -14.02 26.84 -0.60
C ARG D 122 -14.95 26.82 0.61
N TYR D 123 -16.15 26.28 0.45
CA TYR D 123 -17.15 26.17 1.55
C TYR D 123 -17.30 24.70 1.93
N ASN D 124 -17.18 24.41 3.22
CA ASN D 124 -17.45 23.07 3.80
C ASN D 124 -16.72 22.02 2.96
N ALA D 125 -15.45 22.26 2.71
CA ALA D 125 -14.63 21.48 1.75
C ALA D 125 -13.56 20.71 2.52
N PRO D 126 -13.09 19.55 1.98
CA PRO D 126 -11.95 18.84 2.57
C PRO D 126 -10.76 19.80 2.78
N SER D 127 -10.10 19.65 3.92
CA SER D 127 -8.93 20.46 4.33
C SER D 127 -8.07 19.64 5.31
N VAL D 128 -6.91 20.17 5.72
CA VAL D 128 -6.08 19.60 6.82
C VAL D 128 -6.83 19.65 8.18
N GLU D 129 -7.87 20.47 8.36
CA GLU D 129 -8.70 20.50 9.60
C GLU D 129 -10.07 19.84 9.35
N GLY D 130 -10.17 18.90 8.41
CA GLY D 130 -11.43 18.28 7.95
C GLY D 130 -12.35 19.22 7.17
N THR D 131 -13.65 18.94 7.14
CA THR D 131 -14.69 19.75 6.44
C THR D 131 -14.65 21.18 6.98
N LYS D 132 -14.22 22.16 6.18
CA LYS D 132 -14.13 23.57 6.62
C LYS D 132 -14.34 24.54 5.45
N THR D 133 -14.64 25.79 5.79
CA THR D 133 -14.69 26.92 4.85
C THR D 133 -13.35 27.64 5.00
N PHE D 134 -12.71 28.05 3.90
CA PHE D 134 -11.39 28.75 3.98
C PHE D 134 -11.13 29.48 2.67
N ASN D 135 -10.33 30.53 2.77
CA ASN D 135 -9.77 31.25 1.60
C ASN D 135 -8.67 30.37 0.97
N GLN D 136 -8.51 30.52 -0.34
CA GLN D 136 -7.37 30.00 -1.12
C GLN D 136 -6.60 31.22 -1.65
N TYR D 137 -5.30 31.32 -1.37
CA TYR D 137 -4.41 32.38 -1.93
C TYR D 137 -3.63 31.78 -3.10
N TRP D 138 -3.66 32.45 -4.25
CA TRP D 138 -3.01 31.97 -5.49
C TRP D 138 -2.06 33.04 -6.02
N SER D 139 -0.85 32.63 -6.38
CA SER D 139 0.05 33.33 -7.36
C SER D 139 0.05 32.44 -8.58
N VAL D 140 -0.35 32.94 -9.74
CA VAL D 140 -0.39 32.08 -10.96
C VAL D 140 0.51 32.69 -12.02
N ARG D 141 1.48 31.92 -12.50
CA ARG D 141 2.44 32.44 -13.48
C ARG D 141 1.66 32.80 -14.75
N GLN D 142 2.09 33.86 -15.43
CA GLN D 142 1.40 34.36 -16.65
C GLN D 142 1.82 33.50 -17.84
N SER D 143 2.98 32.84 -17.78
CA SER D 143 3.35 31.77 -18.75
C SER D 143 3.87 30.53 -18.01
N LYS D 144 3.56 29.36 -18.56
CA LYS D 144 3.90 28.02 -17.99
C LYS D 144 5.42 27.84 -17.92
N ARG D 145 5.90 27.25 -16.84
CA ARG D 145 7.30 26.74 -16.78
C ARG D 145 7.30 25.54 -15.85
N THR D 146 8.33 24.70 -15.99
CA THR D 146 8.63 23.55 -15.10
C THR D 146 10.10 23.67 -14.73
N GLY D 147 10.39 24.45 -13.70
CA GLY D 147 11.76 24.51 -13.18
C GLY D 147 12.18 25.93 -12.90
N GLY D 148 12.92 26.10 -11.82
CA GLY D 148 13.56 27.37 -11.47
C GLY D 148 13.49 27.59 -9.99
N THR D 149 13.48 28.85 -9.58
CA THR D 149 13.46 29.25 -8.16
C THR D 149 12.06 29.80 -7.89
N ILE D 150 11.52 29.52 -6.72
CA ILE D 150 10.33 30.23 -6.20
C ILE D 150 10.73 30.87 -4.89
N THR D 151 10.80 32.20 -4.86
CA THR D 151 11.12 32.96 -3.63
C THR D 151 9.81 33.21 -2.89
N THR D 152 9.45 32.32 -1.96
CA THR D 152 8.10 32.28 -1.33
C THR D 152 7.81 33.64 -0.68
N GLY D 153 8.81 34.27 -0.07
CA GLY D 153 8.70 35.57 0.63
C GLY D 153 8.14 36.67 -0.26
N ASN D 154 8.49 36.69 -1.55
CA ASN D 154 8.04 37.75 -2.48
C ASN D 154 6.52 37.58 -2.64
N HIS D 155 6.05 36.34 -2.67
CA HIS D 155 4.61 36.03 -2.89
C HIS D 155 3.82 36.37 -1.64
N PHE D 156 4.30 35.93 -0.46
CA PHE D 156 3.69 36.18 0.87
C PHE D 156 3.54 37.68 1.07
N ASP D 157 4.56 38.45 0.70
CA ASP D 157 4.59 39.94 0.87
C ASP D 157 3.59 40.60 -0.08
N ALA D 158 3.46 40.10 -1.32
CA ALA D 158 2.51 40.66 -2.30
C ALA D 158 1.10 40.42 -1.77
N TRP D 159 0.82 39.16 -1.39
CA TRP D 159 -0.49 38.74 -0.82
C TRP D 159 -0.87 39.68 0.33
N ALA D 160 0.03 39.91 1.29
CA ALA D 160 -0.18 40.83 2.44
C ALA D 160 -0.49 42.25 1.93
N ARG D 161 0.31 42.78 1.00
CA ARG D 161 0.08 44.10 0.34
C ARG D 161 -1.38 44.19 -0.15
N TYR D 162 -1.95 43.10 -0.68
CA TYR D 162 -3.30 43.10 -1.29
C TYR D 162 -4.36 42.66 -0.28
N GLY D 163 -4.08 42.70 1.02
CA GLY D 163 -5.08 42.40 2.08
C GLY D 163 -5.31 40.91 2.28
N MET D 164 -4.44 40.05 1.78
CA MET D 164 -4.59 38.57 1.97
C MET D 164 -3.59 38.12 3.03
N GLN D 165 -4.01 38.11 4.29
CA GLN D 165 -3.11 37.85 5.45
C GLN D 165 -3.04 36.33 5.66
N LEU D 166 -1.82 35.83 5.81
CA LEU D 166 -1.56 34.42 6.13
C LEU D 166 -1.69 34.22 7.64
N GLY D 167 -2.11 33.03 8.04
CA GLY D 167 -1.98 32.57 9.43
C GLY D 167 -0.57 32.07 9.70
N SER D 168 -0.39 31.27 10.75
CA SER D 168 0.90 30.66 11.16
C SER D 168 1.22 29.50 10.21
N PHE D 169 2.50 29.35 9.86
CA PHE D 169 2.95 28.27 8.93
C PHE D 169 3.07 26.96 9.73
N SER D 170 1.98 26.55 10.33
CA SER D 170 1.97 25.39 11.26
C SER D 170 1.78 24.10 10.47
N TYR D 171 1.47 24.18 9.17
CA TYR D 171 1.29 22.99 8.31
C TYR D 171 2.41 22.93 7.28
N TYR D 172 2.42 21.87 6.49
CA TYR D 172 3.47 21.58 5.49
C TYR D 172 3.44 22.60 4.35
N MET D 173 4.56 22.63 3.62
CA MET D 173 4.75 23.33 2.33
C MET D 173 5.48 22.37 1.40
N ILE D 174 4.85 21.98 0.29
CA ILE D 174 5.36 20.97 -0.65
C ILE D 174 5.33 21.50 -2.09
N LEU D 175 6.27 21.05 -2.91
CA LEU D 175 6.17 21.17 -4.36
C LEU D 175 5.26 20.07 -4.85
N ALA D 176 4.04 20.44 -5.20
CA ALA D 176 2.89 19.55 -5.39
C ALA D 176 2.53 19.41 -6.86
N THR D 177 2.18 18.18 -7.23
CA THR D 177 1.44 17.79 -8.44
C THR D 177 0.00 17.62 -7.99
N GLU D 178 -0.94 18.33 -8.59
CA GLU D 178 -2.38 18.23 -8.24
C GLU D 178 -3.16 17.89 -9.51
N GLY D 179 -4.07 16.92 -9.43
CA GLY D 179 -4.90 16.50 -10.58
C GLY D 179 -6.39 16.63 -10.27
N TYR D 180 -7.17 16.98 -11.30
CA TYR D 180 -8.65 17.16 -11.22
C TYR D 180 -9.28 16.42 -12.41
N GLN D 181 -9.88 15.26 -12.20
CA GLN D 181 -10.64 14.52 -13.24
C GLN D 181 -9.79 14.36 -14.50
N SER D 182 -8.61 13.79 -14.37
CA SER D 182 -7.62 13.86 -15.48
C SER D 182 -6.68 12.68 -15.39
N SER D 183 -5.75 12.60 -16.33
CA SER D 183 -4.64 11.63 -16.36
C SER D 183 -3.35 12.42 -16.50
N GLY D 184 -2.22 11.83 -16.13
CA GLY D 184 -0.92 12.43 -16.48
C GLY D 184 0.24 11.85 -15.72
N SER D 185 1.33 12.59 -15.70
CA SER D 185 2.59 12.20 -15.03
C SER D 185 3.33 13.47 -14.63
N SER D 186 4.27 13.33 -13.71
CA SER D 186 5.17 14.40 -13.28
C SER D 186 6.44 13.71 -12.80
N ASN D 187 7.56 14.42 -12.84
CA ASN D 187 8.86 13.93 -12.32
C ASN D 187 9.61 15.17 -11.88
N LEU D 188 9.66 15.42 -10.57
CA LEU D 188 10.13 16.69 -9.98
C LEU D 188 11.18 16.42 -8.92
N THR D 189 12.16 17.33 -8.83
CA THR D 189 13.17 17.31 -7.76
C THR D 189 13.14 18.67 -7.07
N VAL D 190 13.06 18.68 -5.74
CA VAL D 190 12.94 19.94 -4.96
C VAL D 190 14.18 20.07 -4.06
N SER D 191 14.49 21.30 -3.69
CA SER D 191 15.42 21.69 -2.59
C SER D 191 15.11 23.14 -2.23
N GLY D 192 15.76 23.66 -1.20
CA GLY D 192 15.63 25.10 -0.90
C GLY D 192 16.03 25.42 0.50
N LYS D 193 16.70 26.56 0.67
CA LYS D 193 17.25 27.06 1.95
C LYS D 193 16.31 28.18 2.41
N LEU D 194 16.14 28.36 3.73
CA LEU D 194 15.33 29.48 4.26
C LEU D 194 15.99 30.80 3.82
N ALA D 195 15.20 31.82 3.48
CA ALA D 195 15.64 33.14 2.97
C ALA D 195 16.44 33.89 4.05
N ALA E 2 -6.08 -26.40 17.08
CA ALA E 2 -5.61 -27.54 16.26
C ALA E 2 -5.95 -28.84 16.97
N THR E 3 -6.48 -29.81 16.22
CA THR E 3 -6.73 -31.21 16.60
C THR E 3 -5.74 -32.09 15.83
N VAL E 4 -5.02 -32.97 16.52
CA VAL E 4 -4.11 -33.95 15.85
C VAL E 4 -4.84 -35.29 15.83
N ILE E 5 -4.99 -35.85 14.63
CA ILE E 5 -5.65 -37.14 14.38
C ILE E 5 -4.55 -38.18 14.16
N THR E 6 -4.68 -39.32 14.82
CA THR E 6 -3.79 -40.50 14.59
C THR E 6 -4.61 -41.81 14.51
N THR E 7 -5.94 -41.77 14.50
CA THR E 7 -6.78 -43.00 14.44
C THR E 7 -7.94 -42.83 13.46
N ASN E 8 -8.27 -43.93 12.79
CA ASN E 8 -9.29 -43.98 11.72
C ASN E 8 -10.56 -43.29 12.24
N GLN E 9 -11.12 -42.37 11.45
CA GLN E 9 -12.36 -41.64 11.79
C GLN E 9 -12.72 -40.72 10.63
N THR E 10 -13.99 -40.35 10.54
CA THR E 10 -14.46 -39.20 9.77
C THR E 10 -14.98 -38.20 10.80
N GLY E 11 -15.24 -36.96 10.40
CA GLY E 11 -15.86 -35.92 11.25
C GLY E 11 -15.97 -34.60 10.52
N THR E 12 -16.29 -33.55 11.26
CA THR E 12 -16.28 -32.14 10.79
C THR E 12 -15.30 -31.37 11.67
N ASN E 13 -14.60 -30.42 11.07
CA ASN E 13 -13.63 -29.54 11.75
C ASN E 13 -13.68 -28.20 11.02
N ASN E 14 -13.87 -27.11 11.77
CA ASN E 14 -13.97 -25.72 11.28
C ASN E 14 -14.77 -25.67 9.98
N GLY E 15 -15.87 -26.43 9.89
CA GLY E 15 -16.85 -26.34 8.79
C GLY E 15 -16.53 -27.26 7.61
N PHE E 16 -15.50 -28.10 7.71
CA PHE E 16 -15.04 -29.01 6.64
C PHE E 16 -15.16 -30.47 7.10
N TYR E 17 -15.62 -31.35 6.21
CA TYR E 17 -15.54 -32.80 6.45
C TYR E 17 -14.06 -33.19 6.41
N TYR E 18 -13.68 -34.22 7.16
CA TYR E 18 -12.33 -34.83 7.12
C TYR E 18 -12.46 -36.33 7.29
N SER E 19 -11.46 -37.04 6.75
CA SER E 19 -11.29 -38.51 6.86
C SER E 19 -9.83 -38.78 7.13
N PHE E 20 -9.56 -39.66 8.07
CA PHE E 20 -8.21 -40.19 8.38
C PHE E 20 -8.33 -41.71 8.44
N TRP E 21 -7.46 -42.40 7.69
CA TRP E 21 -7.39 -43.88 7.63
C TRP E 21 -5.93 -44.30 7.46
N THR E 22 -5.46 -45.21 8.31
CA THR E 22 -4.13 -45.84 8.20
C THR E 22 -4.31 -47.35 8.40
N ASP E 23 -3.50 -48.18 7.74
CA ASP E 23 -3.40 -49.61 8.08
C ASP E 23 -2.59 -49.76 9.36
N GLY E 24 -1.96 -48.69 9.85
CA GLY E 24 -1.30 -48.65 11.18
C GLY E 24 0.23 -48.76 11.12
N GLY E 25 0.82 -48.83 9.93
CA GLY E 25 2.29 -48.94 9.82
C GLY E 25 2.98 -47.63 10.21
N GLY E 26 4.19 -47.76 10.78
CA GLY E 26 5.12 -46.66 11.14
C GLY E 26 4.48 -45.55 11.94
N SER E 27 4.63 -44.29 11.51
CA SER E 27 4.07 -43.11 12.21
C SER E 27 3.31 -42.23 11.21
N VAL E 28 2.04 -41.93 11.49
CA VAL E 28 1.16 -41.12 10.61
C VAL E 28 0.35 -40.17 11.50
N SER E 29 0.44 -38.85 11.27
CA SER E 29 -0.49 -37.89 11.91
C SER E 29 -1.07 -36.94 10.89
N MET E 30 -2.22 -36.40 11.24
CA MET E 30 -2.88 -35.34 10.50
C MET E 30 -3.23 -34.25 11.52
N THR E 31 -2.77 -33.01 11.28
CA THR E 31 -3.18 -31.83 12.05
C THR E 31 -4.27 -31.09 11.29
N LEU E 32 -5.38 -30.87 11.96
CA LEU E 32 -6.55 -30.15 11.43
C LEU E 32 -6.47 -28.72 11.96
N ASN E 33 -6.53 -27.72 11.08
CA ASN E 33 -6.34 -26.29 11.44
C ASN E 33 -7.60 -25.54 11.01
N SER E 34 -7.54 -24.21 11.03
CA SER E 34 -8.67 -23.32 10.70
C SER E 34 -9.21 -23.62 9.30
N GLY E 35 -10.50 -23.34 9.11
CA GLY E 35 -11.22 -23.53 7.85
C GLY E 35 -10.82 -24.83 7.17
N GLY E 36 -10.29 -24.75 5.96
CA GLY E 36 -10.05 -25.94 5.12
C GLY E 36 -8.63 -26.43 5.17
N ASN E 37 -7.82 -25.97 6.14
CA ASN E 37 -6.37 -26.31 6.25
C ASN E 37 -6.21 -27.63 7.01
N TYR E 38 -5.36 -28.52 6.49
CA TYR E 38 -4.80 -29.62 7.31
C TYR E 38 -3.33 -29.79 6.95
N SER E 39 -2.57 -30.41 7.84
CA SER E 39 -1.21 -30.91 7.53
C SER E 39 -1.15 -32.41 7.85
N THR E 40 -0.19 -33.11 7.25
CA THR E 40 0.11 -34.53 7.56
C THR E 40 1.61 -34.63 7.74
N SER E 41 2.02 -35.64 8.50
CA SER E 41 3.43 -36.06 8.67
C SER E 41 3.44 -37.59 8.74
N TRP E 42 4.31 -38.23 7.96
CA TRP E 42 4.40 -39.71 7.98
C TRP E 42 5.85 -40.13 7.84
N THR E 43 6.20 -41.21 8.52
CA THR E 43 7.55 -41.83 8.52
C THR E 43 7.39 -43.36 8.38
N ASN E 44 7.87 -43.92 7.28
CA ASN E 44 7.88 -45.38 7.05
C ASN E 44 6.46 -45.92 7.25
N CYS E 45 5.49 -45.25 6.62
CA CYS E 45 4.06 -45.63 6.68
C CYS E 45 3.90 -46.98 5.99
N GLY E 46 2.76 -47.62 6.26
CA GLY E 46 2.27 -48.76 5.50
C GLY E 46 1.45 -48.21 4.37
N ASN E 47 0.20 -47.88 4.66
CA ASN E 47 -0.70 -47.19 3.71
C ASN E 47 -1.61 -46.29 4.55
N PHE E 48 -1.82 -45.06 4.09
CA PHE E 48 -2.78 -44.12 4.72
C PHE E 48 -3.34 -43.15 3.70
N VAL E 49 -4.49 -42.58 4.01
CA VAL E 49 -5.20 -41.53 3.23
C VAL E 49 -5.87 -40.64 4.27
N ALA E 50 -5.58 -39.34 4.22
CA ALA E 50 -6.07 -38.28 5.12
C ALA E 50 -6.40 -37.04 4.29
N GLY E 51 -7.47 -36.31 4.65
CA GLY E 51 -7.83 -35.07 3.96
C GLY E 51 -9.06 -34.38 4.55
N LYS E 52 -9.25 -33.14 4.10
CA LYS E 52 -10.47 -32.36 4.33
C LYS E 52 -11.25 -32.20 3.03
N GLY E 53 -12.57 -32.05 3.15
CA GLY E 53 -13.44 -31.74 2.01
C GLY E 53 -14.88 -31.74 2.44
N TRP E 54 -15.71 -32.59 1.82
CA TRP E 54 -17.18 -32.53 1.94
C TRP E 54 -17.69 -33.93 2.31
N SER E 55 -18.80 -33.96 3.05
CA SER E 55 -19.47 -35.20 3.54
C SER E 55 -20.00 -35.98 2.33
N ASN E 56 -20.35 -35.28 1.25
CA ASN E 56 -20.83 -35.92 0.00
C ASN E 56 -20.05 -35.38 -1.19
N GLY E 57 -19.65 -36.28 -2.10
CA GLY E 57 -19.18 -35.94 -3.46
C GLY E 57 -20.19 -35.11 -4.23
N GLY E 58 -19.73 -34.44 -5.27
CA GLY E 58 -20.59 -33.67 -6.18
C GLY E 58 -19.80 -33.05 -7.32
N ARG E 59 -20.49 -32.52 -8.31
CA ARG E 59 -19.89 -31.66 -9.36
C ARG E 59 -19.51 -30.35 -8.66
N ARG E 60 -18.25 -30.22 -8.29
CA ARG E 60 -17.76 -29.11 -7.46
C ARG E 60 -16.55 -28.55 -8.17
N ASN E 61 -16.31 -27.23 -8.07
CA ASN E 61 -15.02 -26.65 -8.50
C ASN E 61 -14.14 -26.55 -7.25
N VAL E 62 -13.22 -27.49 -7.07
CA VAL E 62 -12.36 -27.56 -5.85
C VAL E 62 -11.15 -26.66 -6.07
N GLN E 63 -10.91 -25.74 -5.13
CA GLN E 63 -9.70 -24.86 -5.11
C GLN E 63 -8.82 -25.33 -3.96
N TYR E 64 -7.51 -25.49 -4.18
CA TYR E 64 -6.57 -25.90 -3.11
C TYR E 64 -5.21 -25.28 -3.34
N SER E 65 -4.42 -25.23 -2.27
CA SER E 65 -3.07 -24.63 -2.29
C SER E 65 -2.24 -25.28 -1.21
N GLY E 66 -0.93 -25.12 -1.27
CA GLY E 66 -0.07 -25.54 -0.16
C GLY E 66 1.11 -26.32 -0.65
N SER E 67 1.54 -27.29 0.15
CA SER E 67 2.77 -28.07 -0.10
C SER E 67 2.47 -29.57 0.00
N PHE E 68 3.17 -30.35 -0.81
CA PHE E 68 3.08 -31.82 -0.79
C PHE E 68 4.48 -32.34 -1.11
N TYR E 69 5.08 -33.05 -0.16
CA TYR E 69 6.52 -33.42 -0.18
C TYR E 69 6.70 -34.90 0.19
N PRO E 70 6.40 -35.83 -0.74
CA PRO E 70 6.67 -37.24 -0.50
C PRO E 70 8.16 -37.59 -0.72
N SER E 71 8.74 -38.40 0.18
CA SER E 71 10.04 -39.11 0.01
C SER E 71 9.71 -40.55 -0.32
N GLY E 72 9.46 -40.80 -1.59
CA GLY E 72 8.97 -42.09 -2.06
C GLY E 72 7.55 -41.96 -2.57
N ASN E 73 6.75 -42.99 -2.35
CA ASN E 73 5.41 -43.16 -2.93
C ASN E 73 4.35 -42.40 -2.10
N GLY E 74 3.79 -41.35 -2.69
CA GLY E 74 2.65 -40.61 -2.17
C GLY E 74 1.80 -40.05 -3.30
N TYR E 75 0.51 -39.83 -3.04
CA TYR E 75 -0.42 -39.19 -3.99
C TYR E 75 -1.03 -37.95 -3.35
N LEU E 76 -1.21 -36.92 -4.16
CA LEU E 76 -2.05 -35.75 -3.88
C LEU E 76 -3.25 -35.85 -4.81
N ALA E 77 -4.46 -36.09 -4.28
CA ALA E 77 -5.63 -36.35 -5.14
C ALA E 77 -6.91 -35.82 -4.55
N LEU E 78 -7.78 -35.36 -5.43
CA LEU E 78 -9.22 -35.29 -5.11
C LEU E 78 -9.69 -36.74 -5.10
N TYR E 79 -10.26 -37.19 -3.99
CA TYR E 79 -10.47 -38.60 -3.64
C TYR E 79 -11.85 -38.76 -2.99
N GLY E 80 -12.55 -39.84 -3.31
CA GLY E 80 -13.87 -40.14 -2.70
C GLY E 80 -14.48 -41.44 -3.19
N TRP E 81 -15.69 -41.72 -2.74
CA TRP E 81 -16.38 -43.01 -2.96
C TRP E 81 -17.81 -42.76 -3.44
N THR E 82 -18.33 -43.62 -4.33
CA THR E 82 -19.79 -43.70 -4.63
C THR E 82 -20.32 -45.06 -4.17
N SER E 83 -21.66 -45.20 -4.17
CA SER E 83 -22.36 -46.49 -3.96
C SER E 83 -23.24 -46.80 -5.17
N ASN E 84 -23.51 -48.09 -5.38
CA ASN E 84 -24.42 -48.63 -6.43
C ASN E 84 -24.07 -48.05 -7.79
N PRO E 85 -22.86 -48.28 -8.33
CA PRO E 85 -21.87 -49.14 -7.68
C PRO E 85 -20.87 -48.48 -6.70
N LEU E 86 -20.27 -49.29 -5.82
CA LEU E 86 -19.12 -48.92 -4.97
C LEU E 86 -17.89 -48.65 -5.88
N VAL E 87 -17.42 -47.42 -5.90
CA VAL E 87 -16.25 -46.97 -6.71
C VAL E 87 -15.42 -46.07 -5.82
N GLU E 88 -14.10 -46.28 -5.82
CA GLU E 88 -13.07 -45.38 -5.26
C GLU E 88 -12.49 -44.57 -6.43
N TYR E 89 -12.55 -43.23 -6.37
CA TYR E 89 -12.13 -42.38 -7.51
C TYR E 89 -11.09 -41.37 -7.05
N TYR E 90 -10.18 -41.06 -7.96
CA TYR E 90 -8.96 -40.27 -7.71
C TYR E 90 -8.80 -39.28 -8.85
N ILE E 91 -8.63 -38.00 -8.55
CA ILE E 91 -8.08 -37.00 -9.51
C ILE E 91 -6.71 -36.59 -8.95
N VAL E 92 -5.65 -37.18 -9.51
CA VAL E 92 -4.25 -37.10 -9.02
C VAL E 92 -3.53 -35.94 -9.73
N ASP E 93 -3.08 -34.96 -8.94
CA ASP E 93 -2.30 -33.80 -9.43
C ASP E 93 -0.80 -33.99 -9.17
N ASN E 94 -0.45 -34.80 -8.19
CA ASN E 94 0.98 -34.98 -7.85
C ASN E 94 1.18 -36.39 -7.28
N TRP E 95 2.38 -36.89 -7.39
CA TRP E 95 2.78 -38.24 -6.98
C TRP E 95 4.29 -38.21 -6.76
N GLY E 96 4.86 -39.31 -6.31
CA GLY E 96 6.31 -39.44 -6.01
C GLY E 96 7.04 -40.23 -7.06
N ASN E 97 7.52 -41.42 -6.70
CA ASN E 97 8.38 -42.26 -7.57
C ASN E 97 7.47 -43.17 -8.40
N TYR E 98 6.22 -43.31 -7.99
CA TYR E 98 5.28 -44.29 -8.59
C TYR E 98 4.07 -43.54 -9.13
N ARG E 99 3.89 -43.55 -10.46
CA ARG E 99 2.70 -42.97 -11.11
C ARG E 99 1.59 -44.01 -11.19
N PRO E 100 0.37 -43.69 -10.73
CA PRO E 100 -0.79 -44.59 -10.91
C PRO E 100 -0.98 -44.99 -12.37
N THR E 101 -1.20 -46.29 -12.59
CA THR E 101 -1.46 -46.87 -13.93
C THR E 101 -2.61 -47.88 -13.83
N GLY E 102 -3.01 -48.42 -14.97
CA GLY E 102 -4.12 -49.38 -15.08
C GLY E 102 -4.50 -49.52 -16.53
N THR E 103 -5.75 -49.91 -16.81
CA THR E 103 -6.29 -49.96 -18.19
C THR E 103 -6.54 -48.52 -18.64
N TYR E 104 -5.78 -48.07 -19.64
CA TYR E 104 -5.84 -46.71 -20.23
C TYR E 104 -7.12 -46.52 -21.05
N LYS E 105 -7.81 -45.41 -20.83
CA LYS E 105 -9.18 -45.17 -21.38
C LYS E 105 -9.24 -43.93 -22.28
N GLY E 106 -8.13 -43.17 -22.39
CA GLY E 106 -8.08 -41.87 -23.08
C GLY E 106 -7.69 -40.75 -22.13
N THR E 107 -7.84 -39.49 -22.56
CA THR E 107 -7.44 -38.29 -21.78
C THR E 107 -8.64 -37.37 -21.57
N VAL E 108 -8.45 -36.38 -20.72
CA VAL E 108 -9.37 -35.25 -20.47
C VAL E 108 -8.49 -34.04 -20.15
N THR E 109 -8.80 -32.90 -20.76
CA THR E 109 -8.15 -31.59 -20.49
C THR E 109 -8.97 -30.90 -19.41
N SER E 110 -8.30 -30.32 -18.43
CA SER E 110 -8.96 -29.68 -17.30
C SER E 110 -7.93 -28.81 -16.59
N ASP E 111 -8.32 -27.62 -16.16
CA ASP E 111 -7.54 -26.80 -15.20
C ASP E 111 -6.10 -26.68 -15.68
N GLY E 112 -5.89 -26.40 -16.96
CA GLY E 112 -4.56 -26.10 -17.54
C GLY E 112 -3.73 -27.35 -17.77
N GLY E 113 -4.26 -28.55 -17.52
CA GLY E 113 -3.47 -29.79 -17.69
C GLY E 113 -4.20 -30.82 -18.53
N THR E 114 -3.47 -31.87 -18.95
CA THR E 114 -4.03 -33.06 -19.62
C THR E 114 -3.92 -34.21 -18.63
N TYR E 115 -4.98 -34.98 -18.44
CA TYR E 115 -5.04 -36.10 -17.49
C TYR E 115 -5.23 -37.40 -18.27
N ASP E 116 -4.45 -38.42 -17.91
CA ASP E 116 -4.62 -39.81 -18.37
C ASP E 116 -5.71 -40.49 -17.49
N VAL E 117 -6.66 -41.16 -18.11
CA VAL E 117 -7.73 -41.90 -17.41
C VAL E 117 -7.40 -43.39 -17.37
N TYR E 118 -7.49 -43.99 -16.18
CA TYR E 118 -7.18 -45.43 -15.97
C TYR E 118 -8.30 -46.05 -15.15
N GLN E 119 -8.54 -47.34 -15.34
CA GLN E 119 -9.38 -48.11 -14.40
C GLN E 119 -8.56 -49.28 -13.90
N THR E 120 -8.65 -49.56 -12.60
CA THR E 120 -8.12 -50.75 -11.93
C THR E 120 -9.24 -51.33 -11.09
N THR E 121 -8.97 -52.48 -10.45
CA THR E 121 -9.94 -53.19 -9.58
C THR E 121 -9.20 -53.66 -8.33
N ARG E 122 -9.80 -53.48 -7.16
CA ARG E 122 -9.32 -54.09 -5.91
C ARG E 122 -10.30 -55.20 -5.53
N TYR E 123 -9.79 -56.27 -4.94
CA TYR E 123 -10.59 -57.46 -4.51
C TYR E 123 -10.48 -57.59 -2.98
N ASN E 124 -11.62 -57.64 -2.30
CA ASN E 124 -11.66 -57.88 -0.83
C ASN E 124 -10.67 -56.96 -0.11
N ALA E 125 -10.82 -55.65 -0.35
CA ALA E 125 -9.92 -54.61 0.20
C ALA E 125 -10.73 -53.71 1.13
N PRO E 126 -10.06 -53.01 2.06
CA PRO E 126 -10.73 -52.01 2.88
C PRO E 126 -11.48 -50.99 2.02
N SER E 127 -12.69 -50.62 2.46
CA SER E 127 -13.49 -49.60 1.74
C SER E 127 -14.45 -48.91 2.73
N VAL E 128 -15.25 -48.00 2.19
CA VAL E 128 -16.26 -47.26 2.99
C VAL E 128 -17.41 -48.22 3.35
N GLU E 129 -17.56 -49.36 2.66
CA GLU E 129 -18.57 -50.42 3.03
C GLU E 129 -17.87 -51.65 3.63
N GLY E 130 -16.68 -51.49 4.23
CA GLY E 130 -15.87 -52.58 4.79
C GLY E 130 -15.12 -53.35 3.70
N THR E 131 -14.88 -54.64 3.88
CA THR E 131 -14.10 -55.47 2.94
C THR E 131 -14.92 -55.70 1.69
N LYS E 132 -14.48 -55.20 0.53
CA LYS E 132 -15.31 -55.25 -0.69
C LYS E 132 -14.39 -55.33 -1.92
N THR E 133 -14.96 -55.78 -3.02
CA THR E 133 -14.37 -55.68 -4.39
C THR E 133 -14.96 -54.42 -5.02
N PHE E 134 -14.12 -53.57 -5.62
CA PHE E 134 -14.60 -52.34 -6.31
C PHE E 134 -13.62 -51.94 -7.39
N ASN E 135 -14.13 -51.24 -8.40
CA ASN E 135 -13.30 -50.57 -9.41
C ASN E 135 -12.75 -49.30 -8.78
N GLN E 136 -11.55 -48.92 -9.24
CA GLN E 136 -10.93 -47.62 -8.97
C GLN E 136 -10.90 -46.84 -10.29
N TYR E 137 -11.39 -45.61 -10.28
CA TYR E 137 -11.36 -44.67 -11.43
C TYR E 137 -10.28 -43.63 -11.19
N TRP E 138 -9.46 -43.35 -12.19
CA TRP E 138 -8.27 -42.48 -12.05
C TRP E 138 -8.26 -41.46 -13.18
N SER E 139 -8.01 -40.22 -12.84
CA SER E 139 -7.44 -39.17 -13.71
C SER E 139 -6.05 -38.84 -13.17
N VAL E 140 -4.99 -38.98 -13.97
CA VAL E 140 -3.61 -38.63 -13.53
C VAL E 140 -3.05 -37.51 -14.43
N ARG E 141 -2.73 -36.38 -13.82
CA ARG E 141 -2.21 -35.19 -14.52
C ARG E 141 -0.92 -35.62 -15.19
N GLN E 142 -0.70 -35.13 -16.39
CA GLN E 142 0.51 -35.47 -17.18
C GLN E 142 1.71 -34.71 -16.61
N SER E 143 1.48 -33.67 -15.83
CA SER E 143 2.51 -32.80 -15.21
C SER E 143 2.21 -32.68 -13.72
N LYS E 144 3.19 -32.94 -12.87
CA LYS E 144 3.00 -32.81 -11.40
C LYS E 144 2.76 -31.33 -11.05
N ARG E 145 1.92 -31.07 -10.06
CA ARG E 145 1.78 -29.74 -9.44
C ARG E 145 1.18 -29.90 -8.05
N THR E 146 1.40 -28.92 -7.21
CA THR E 146 0.66 -28.77 -5.93
C THR E 146 -0.04 -27.42 -5.98
N GLY E 147 -1.33 -27.42 -6.26
CA GLY E 147 -2.21 -26.25 -6.10
C GLY E 147 -2.89 -25.89 -7.39
N GLY E 148 -4.09 -25.32 -7.29
CA GLY E 148 -4.92 -24.88 -8.42
C GLY E 148 -6.36 -25.31 -8.27
N THR E 149 -7.05 -25.49 -9.38
CA THR E 149 -8.49 -25.79 -9.43
C THR E 149 -8.66 -27.21 -9.96
N ILE E 150 -9.59 -27.96 -9.38
CA ILE E 150 -10.00 -29.29 -9.90
C ILE E 150 -11.50 -29.19 -10.17
N THR E 151 -11.84 -29.10 -11.45
CA THR E 151 -13.22 -29.09 -11.97
C THR E 151 -13.68 -30.55 -12.05
N THR E 152 -14.27 -31.07 -10.97
CA THR E 152 -14.56 -32.52 -10.86
C THR E 152 -15.46 -32.94 -12.03
N GLY E 153 -16.38 -32.08 -12.45
CA GLY E 153 -17.30 -32.33 -13.59
C GLY E 153 -16.58 -32.79 -14.84
N ASN E 154 -15.44 -32.18 -15.16
CA ASN E 154 -14.67 -32.51 -16.39
C ASN E 154 -14.29 -33.99 -16.32
N HIS E 155 -13.78 -34.43 -15.17
CA HIS E 155 -13.32 -35.82 -14.89
C HIS E 155 -14.52 -36.77 -14.87
N PHE E 156 -15.59 -36.47 -14.12
CA PHE E 156 -16.77 -37.37 -14.03
C PHE E 156 -17.33 -37.59 -15.44
N ASP E 157 -17.44 -36.53 -16.26
CA ASP E 157 -18.02 -36.60 -17.62
C ASP E 157 -17.10 -37.40 -18.53
N ALA E 158 -15.78 -37.23 -18.42
CA ALA E 158 -14.79 -38.00 -19.20
C ALA E 158 -14.97 -39.49 -18.86
N TRP E 159 -15.00 -39.82 -17.56
CA TRP E 159 -15.17 -41.21 -17.09
C TRP E 159 -16.42 -41.81 -17.74
N ALA E 160 -17.56 -41.13 -17.65
CA ALA E 160 -18.85 -41.58 -18.25
C ALA E 160 -18.68 -41.85 -19.76
N ARG E 161 -18.06 -40.94 -20.51
CA ARG E 161 -17.83 -41.12 -21.96
C ARG E 161 -16.95 -42.36 -22.17
N TYR E 162 -16.09 -42.70 -21.22
CA TYR E 162 -15.16 -43.85 -21.37
C TYR E 162 -15.77 -45.09 -20.71
N GLY E 163 -17.05 -45.05 -20.34
CA GLY E 163 -17.77 -46.26 -19.89
C GLY E 163 -17.46 -46.58 -18.44
N MET E 164 -16.97 -45.59 -17.70
CA MET E 164 -16.68 -45.68 -16.26
C MET E 164 -17.77 -44.91 -15.52
N GLN E 165 -18.84 -45.58 -15.12
CA GLN E 165 -20.04 -44.93 -14.52
C GLN E 165 -19.86 -44.87 -13.00
N LEU E 166 -20.07 -43.69 -12.44
CA LEU E 166 -20.05 -43.48 -10.97
C LEU E 166 -21.42 -43.81 -10.39
N GLY E 167 -21.44 -44.25 -9.13
CA GLY E 167 -22.67 -44.43 -8.35
C GLY E 167 -23.16 -43.11 -7.78
N SER E 168 -23.97 -43.22 -6.73
CA SER E 168 -24.52 -42.07 -5.95
C SER E 168 -23.42 -41.50 -5.06
N PHE E 169 -23.32 -40.17 -4.98
CA PHE E 169 -22.34 -39.50 -4.09
C PHE E 169 -22.83 -39.55 -2.65
N SER E 170 -22.90 -40.75 -2.09
CA SER E 170 -23.39 -41.02 -0.70
C SER E 170 -22.23 -40.95 0.30
N TYR E 171 -20.98 -40.80 -0.16
CA TYR E 171 -19.78 -40.80 0.72
C TYR E 171 -18.95 -39.53 0.48
N TYR E 172 -17.91 -39.36 1.29
CA TYR E 172 -17.03 -38.17 1.29
C TYR E 172 -16.32 -37.99 -0.06
N MET E 173 -15.87 -36.75 -0.24
CA MET E 173 -15.00 -36.26 -1.32
C MET E 173 -14.04 -35.25 -0.67
N ILE E 174 -12.77 -35.62 -0.60
CA ILE E 174 -11.72 -34.85 0.13
C ILE E 174 -10.54 -34.62 -0.79
N LEU E 175 -9.82 -33.53 -0.53
CA LEU E 175 -8.48 -33.30 -1.10
C LEU E 175 -7.48 -34.05 -0.23
N ALA E 176 -7.00 -35.19 -0.73
CA ALA E 176 -6.35 -36.24 0.06
C ALA E 176 -4.83 -36.25 -0.16
N THR E 177 -4.12 -36.52 0.92
CA THR E 177 -2.70 -36.97 0.94
C THR E 177 -2.71 -38.49 1.14
N GLU E 178 -1.99 -39.25 0.32
CA GLU E 178 -1.88 -40.72 0.44
C GLU E 178 -0.40 -41.09 0.45
N GLY E 179 -0.01 -42.03 1.30
CA GLY E 179 1.37 -42.54 1.34
C GLY E 179 1.36 -44.05 1.22
N TYR E 180 2.41 -44.62 0.62
CA TYR E 180 2.63 -46.09 0.63
C TYR E 180 4.11 -46.39 0.85
N GLN E 181 4.47 -47.01 1.97
CA GLN E 181 5.85 -47.45 2.30
C GLN E 181 6.82 -46.28 2.08
N SER E 182 6.48 -45.13 2.63
CA SER E 182 7.22 -43.88 2.34
C SER E 182 7.26 -42.97 3.57
N SER E 183 7.86 -41.80 3.41
CA SER E 183 7.90 -40.74 4.44
C SER E 183 7.51 -39.45 3.75
N GLY E 184 7.04 -38.46 4.49
CA GLY E 184 6.66 -37.19 3.83
C GLY E 184 5.89 -36.26 4.73
N SER E 185 5.45 -35.17 4.15
CA SER E 185 4.60 -34.15 4.80
C SER E 185 3.72 -33.53 3.74
N SER E 186 2.60 -32.96 4.17
CA SER E 186 1.81 -32.05 3.34
C SER E 186 1.22 -30.99 4.25
N ASN E 187 0.78 -29.88 3.66
CA ASN E 187 0.17 -28.73 4.38
C ASN E 187 -0.68 -28.02 3.35
N LEU E 188 -1.97 -28.32 3.35
CA LEU E 188 -2.88 -28.01 2.23
C LEU E 188 -4.09 -27.26 2.76
N THR E 189 -4.63 -26.35 1.96
CA THR E 189 -5.90 -25.62 2.22
C THR E 189 -6.85 -25.94 1.08
N VAL E 190 -8.10 -26.24 1.41
CA VAL E 190 -9.11 -26.64 0.39
C VAL E 190 -10.30 -25.71 0.55
N SER E 191 -10.91 -25.35 -0.58
CA SER E 191 -12.18 -24.59 -0.68
C SER E 191 -12.90 -25.08 -1.93
N GLY E 192 -14.21 -24.84 -2.03
CA GLY E 192 -14.96 -25.31 -3.21
C GLY E 192 -16.36 -24.77 -3.24
N LYS E 193 -16.99 -24.83 -4.41
CA LYS E 193 -18.40 -24.42 -4.65
C LYS E 193 -18.98 -25.26 -5.78
N LEU E 194 -20.25 -25.64 -5.64
CA LEU E 194 -21.00 -26.51 -6.60
C LEU E 194 -21.08 -25.79 -7.96
N ALA E 195 -20.86 -26.52 -9.06
CA ALA E 195 -20.75 -25.96 -10.44
C ALA E 195 -22.13 -25.48 -10.93
N ALA F 2 16.50 -53.79 -46.68
CA ALA F 2 15.78 -53.39 -45.46
C ALA F 2 15.13 -54.63 -44.83
N THR F 3 15.03 -54.63 -43.50
CA THR F 3 14.45 -55.72 -42.68
C THR F 3 13.37 -55.13 -41.77
N VAL F 4 12.13 -55.57 -41.95
CA VAL F 4 10.95 -55.04 -41.19
C VAL F 4 10.74 -55.94 -39.98
N ILE F 5 10.73 -55.34 -38.79
CA ILE F 5 10.51 -56.00 -37.47
C ILE F 5 9.15 -55.53 -36.94
N THR F 6 8.28 -56.47 -36.62
CA THR F 6 6.92 -56.24 -36.07
C THR F 6 6.64 -57.13 -34.84
N THR F 7 7.58 -57.99 -34.44
CA THR F 7 7.41 -58.89 -33.27
C THR F 7 8.61 -58.81 -32.33
N ASN F 8 8.35 -59.05 -31.05
CA ASN F 8 9.34 -58.98 -29.94
C ASN F 8 10.55 -59.84 -30.31
N GLN F 9 11.74 -59.25 -30.30
CA GLN F 9 12.99 -59.96 -30.63
C GLN F 9 14.19 -59.06 -30.40
N THR F 10 15.37 -59.66 -30.30
CA THR F 10 16.67 -58.97 -30.34
C THR F 10 17.53 -59.69 -31.37
N GLY F 11 18.53 -59.00 -31.92
CA GLY F 11 19.53 -59.63 -32.80
C GLY F 11 20.57 -58.62 -33.19
N THR F 12 21.28 -58.92 -34.27
CA THR F 12 22.24 -58.00 -34.93
C THR F 12 21.80 -57.79 -36.37
N ASN F 13 22.15 -56.62 -36.88
CA ASN F 13 21.83 -56.13 -38.23
C ASN F 13 22.94 -55.18 -38.60
N ASN F 14 23.70 -55.50 -39.63
CA ASN F 14 24.68 -54.58 -40.26
C ASN F 14 25.67 -54.12 -39.19
N GLY F 15 26.14 -55.06 -38.35
CA GLY F 15 27.20 -54.82 -37.34
C GLY F 15 26.67 -54.15 -36.08
N PHE F 16 25.34 -53.98 -35.94
CA PHE F 16 24.69 -53.32 -34.77
C PHE F 16 23.71 -54.30 -34.08
N TYR F 17 23.61 -54.18 -32.76
CA TYR F 17 22.56 -54.86 -31.98
C TYR F 17 21.24 -54.11 -32.23
N TYR F 18 20.11 -54.83 -32.21
CA TYR F 18 18.75 -54.22 -32.20
C TYR F 18 17.83 -54.97 -31.22
N SER F 19 16.84 -54.22 -30.72
CA SER F 19 15.77 -54.74 -29.83
C SER F 19 14.45 -54.16 -30.29
N PHE F 20 13.41 -54.96 -30.20
CA PHE F 20 12.02 -54.57 -30.51
C PHE F 20 11.15 -55.21 -29.43
N TRP F 21 10.37 -54.39 -28.75
CA TRP F 21 9.40 -54.83 -27.73
C TRP F 21 8.11 -54.05 -27.94
N THR F 22 7.00 -54.78 -28.08
CA THR F 22 5.63 -54.22 -28.06
C THR F 22 4.86 -54.99 -27.00
N ASP F 23 3.81 -54.38 -26.43
CA ASP F 23 2.86 -55.06 -25.53
C ASP F 23 1.74 -55.61 -26.42
N GLY F 24 1.78 -55.34 -27.72
CA GLY F 24 0.87 -55.96 -28.72
C GLY F 24 -0.19 -54.98 -29.19
N GLY F 25 -0.31 -53.81 -28.57
CA GLY F 25 -1.25 -52.75 -28.99
C GLY F 25 -1.00 -52.22 -30.41
N GLY F 26 -2.06 -52.22 -31.22
CA GLY F 26 -2.14 -51.54 -32.54
C GLY F 26 -1.09 -51.98 -33.55
N SER F 27 -0.58 -51.03 -34.32
CA SER F 27 0.36 -51.27 -35.43
C SER F 27 1.71 -50.61 -35.10
N VAL F 28 2.77 -51.42 -34.99
CA VAL F 28 4.17 -50.95 -34.75
C VAL F 28 5.13 -51.71 -35.67
N SER F 29 6.01 -51.01 -36.36
CA SER F 29 7.12 -51.64 -37.13
C SER F 29 8.42 -50.85 -36.91
N MET F 30 9.56 -51.54 -36.98
CA MET F 30 10.90 -50.92 -37.08
C MET F 30 11.54 -51.45 -38.36
N THR F 31 12.02 -50.56 -39.25
CA THR F 31 12.78 -50.95 -40.46
C THR F 31 14.27 -50.81 -40.15
N LEU F 32 15.00 -51.92 -40.21
CA LEU F 32 16.48 -51.93 -40.09
C LEU F 32 17.06 -51.64 -41.47
N ASN F 33 17.92 -50.62 -41.57
CA ASN F 33 18.53 -50.17 -42.84
C ASN F 33 20.04 -50.39 -42.67
N SER F 34 20.85 -49.98 -43.64
CA SER F 34 22.30 -50.26 -43.61
C SER F 34 22.93 -49.62 -42.37
N GLY F 35 24.08 -50.13 -41.94
CA GLY F 35 24.88 -49.55 -40.85
C GLY F 35 24.04 -49.27 -39.61
N GLY F 36 24.04 -48.03 -39.13
CA GLY F 36 23.43 -47.66 -37.86
C GLY F 36 22.01 -47.15 -38.05
N ASN F 37 21.43 -47.33 -39.23
CA ASN F 37 20.15 -46.68 -39.59
C ASN F 37 19.00 -47.62 -39.23
N TYR F 38 17.97 -47.06 -38.60
CA TYR F 38 16.64 -47.68 -38.47
C TYR F 38 15.60 -46.57 -38.57
N SER F 39 14.40 -46.95 -38.96
CA SER F 39 13.18 -46.11 -38.90
C SER F 39 12.08 -46.87 -38.15
N THR F 40 11.08 -46.13 -37.68
CA THR F 40 9.87 -46.72 -37.05
C THR F 40 8.64 -46.03 -37.62
N SER F 41 7.52 -46.70 -37.43
CA SER F 41 6.19 -46.24 -37.86
C SER F 41 5.20 -46.91 -36.91
N TRP F 42 4.29 -46.16 -36.32
CA TRP F 42 3.32 -46.76 -35.39
C TRP F 42 1.98 -46.04 -35.45
N THR F 43 0.93 -46.81 -35.29
CA THR F 43 -0.46 -46.32 -35.33
C THR F 43 -1.14 -46.90 -34.09
N ASN F 44 -1.59 -46.02 -33.19
CA ASN F 44 -2.39 -46.34 -31.98
C ASN F 44 -1.71 -47.51 -31.25
N CYS F 45 -0.41 -47.37 -30.92
CA CYS F 45 0.33 -48.38 -30.11
C CYS F 45 -0.26 -48.43 -28.69
N GLY F 46 -0.02 -49.54 -27.97
CA GLY F 46 -0.15 -49.63 -26.50
C GLY F 46 1.12 -49.07 -25.88
N ASN F 47 2.14 -49.91 -25.73
CA ASN F 47 3.50 -49.45 -25.38
C ASN F 47 4.49 -50.17 -26.30
N PHE F 48 5.58 -49.51 -26.69
CA PHE F 48 6.67 -50.17 -27.46
C PHE F 48 7.97 -49.40 -27.27
N VAL F 49 9.08 -50.12 -27.39
CA VAL F 49 10.44 -49.55 -27.40
C VAL F 49 11.28 -50.35 -28.41
N ALA F 50 11.93 -49.67 -29.35
CA ALA F 50 12.72 -50.33 -30.39
C ALA F 50 13.89 -49.44 -30.80
N GLY F 51 14.98 -50.05 -31.25
CA GLY F 51 16.15 -49.29 -31.71
C GLY F 51 17.36 -50.15 -31.94
N LYS F 52 18.45 -49.47 -32.24
CA LYS F 52 19.76 -50.06 -32.59
C LYS F 52 20.79 -49.51 -31.61
N GLY F 53 21.81 -50.31 -31.35
CA GLY F 53 22.99 -49.92 -30.56
C GLY F 53 23.88 -51.14 -30.36
N TRP F 54 23.96 -51.60 -29.11
CA TRP F 54 25.01 -52.50 -28.63
C TRP F 54 24.39 -53.55 -27.71
N SER F 55 24.90 -54.78 -27.81
CA SER F 55 24.52 -55.97 -27.01
C SER F 55 24.75 -55.72 -25.52
N ASN F 56 25.67 -54.83 -25.17
CA ASN F 56 26.05 -54.51 -23.77
C ASN F 56 26.21 -53.00 -23.64
N GLY F 57 25.66 -52.40 -22.58
CA GLY F 57 25.87 -50.98 -22.31
C GLY F 57 27.26 -50.71 -21.77
N GLY F 58 27.58 -49.45 -21.58
CA GLY F 58 28.86 -49.07 -20.99
C GLY F 58 29.08 -47.59 -21.17
N ARG F 59 30.25 -47.11 -20.77
CA ARG F 59 30.68 -45.70 -20.95
C ARG F 59 31.02 -45.50 -22.43
N ARG F 60 30.05 -45.03 -23.20
CA ARG F 60 30.16 -44.88 -24.67
C ARG F 60 29.90 -43.42 -25.04
N ASN F 61 30.58 -42.91 -26.06
CA ASN F 61 30.26 -41.60 -26.67
C ASN F 61 29.33 -41.91 -27.84
N VAL F 62 28.06 -42.02 -27.54
CA VAL F 62 26.99 -42.27 -28.56
C VAL F 62 26.83 -41.03 -29.42
N GLN F 63 27.02 -41.17 -30.74
CA GLN F 63 26.71 -40.15 -31.78
C GLN F 63 25.47 -40.61 -32.52
N TYR F 64 24.53 -39.72 -32.78
CA TYR F 64 23.29 -40.07 -33.51
C TYR F 64 22.77 -38.82 -34.19
N SER F 65 22.00 -39.02 -35.25
CA SER F 65 21.27 -37.97 -35.98
C SER F 65 19.97 -38.55 -36.55
N GLY F 66 19.08 -37.67 -37.01
CA GLY F 66 17.91 -38.04 -37.82
C GLY F 66 16.70 -37.25 -37.39
N SER F 67 15.53 -37.87 -37.40
CA SER F 67 14.22 -37.23 -37.15
C SER F 67 13.34 -38.10 -36.24
N PHE F 68 12.43 -37.44 -35.53
CA PHE F 68 11.52 -38.03 -34.54
C PHE F 68 10.23 -37.22 -34.57
N TYR F 69 9.12 -37.83 -35.00
CA TYR F 69 7.81 -37.16 -35.21
C TYR F 69 6.74 -37.94 -34.48
N PRO F 70 6.64 -37.79 -33.14
CA PRO F 70 5.52 -38.36 -32.39
C PRO F 70 4.26 -37.51 -32.61
N SER F 71 3.11 -38.18 -32.76
CA SER F 71 1.76 -37.58 -32.70
C SER F 71 1.08 -38.11 -31.44
N GLY F 72 1.42 -37.52 -30.29
CA GLY F 72 1.03 -38.00 -28.96
C GLY F 72 2.26 -38.27 -28.11
N ASN F 73 2.17 -39.28 -27.24
CA ASN F 73 3.25 -39.63 -26.29
C ASN F 73 4.30 -40.47 -27.04
N GLY F 74 5.56 -40.05 -26.97
CA GLY F 74 6.70 -40.80 -27.49
C GLY F 74 7.98 -40.27 -26.87
N TYR F 75 9.04 -41.06 -26.84
CA TYR F 75 10.39 -40.60 -26.40
C TYR F 75 11.46 -40.99 -27.41
N LEU F 76 12.51 -40.18 -27.44
CA LEU F 76 13.79 -40.46 -28.11
C LEU F 76 14.85 -40.47 -27.02
N ALA F 77 15.44 -41.63 -26.77
CA ALA F 77 16.32 -41.85 -25.62
C ALA F 77 17.37 -42.90 -25.94
N LEU F 78 18.57 -42.68 -25.44
CA LEU F 78 19.54 -43.76 -25.15
C LEU F 78 18.94 -44.56 -23.99
N TYR F 79 18.79 -45.86 -24.20
CA TYR F 79 17.96 -46.77 -23.37
C TYR F 79 18.71 -48.08 -23.13
N GLY F 80 18.81 -48.50 -21.88
CA GLY F 80 19.37 -49.82 -21.60
C GLY F 80 18.97 -50.36 -20.25
N TRP F 81 19.56 -51.48 -19.89
CA TRP F 81 19.29 -52.19 -18.61
C TRP F 81 20.61 -52.60 -17.96
N THR F 82 20.62 -52.68 -16.63
CA THR F 82 21.69 -53.34 -15.83
C THR F 82 21.06 -54.46 -15.02
N SER F 83 21.88 -55.35 -14.48
CA SER F 83 21.46 -56.41 -13.53
C SER F 83 22.12 -56.16 -12.17
N ASN F 84 21.50 -56.60 -11.09
CA ASN F 84 22.09 -56.57 -9.71
C ASN F 84 22.70 -55.20 -9.43
N PRO F 85 21.88 -54.13 -9.31
CA PRO F 85 20.43 -54.23 -9.44
C PRO F 85 19.92 -54.10 -10.88
N LEU F 86 18.72 -54.63 -11.10
CA LEU F 86 17.91 -54.46 -12.34
C LEU F 86 17.44 -53.01 -12.40
N VAL F 87 17.94 -52.26 -13.39
CA VAL F 87 17.57 -50.86 -13.64
C VAL F 87 17.24 -50.70 -15.14
N GLU F 88 16.15 -50.00 -15.44
CA GLU F 88 15.85 -49.53 -16.80
C GLU F 88 16.30 -48.08 -16.85
N TYR F 89 17.21 -47.70 -17.75
CA TYR F 89 17.72 -46.31 -17.75
C TYR F 89 17.48 -45.67 -19.12
N TYR F 90 17.33 -44.35 -19.09
CA TYR F 90 16.85 -43.48 -20.19
C TYR F 90 17.67 -42.20 -20.16
N ILE F 91 18.22 -41.80 -21.32
CA ILE F 91 18.74 -40.44 -21.55
C ILE F 91 17.89 -39.90 -22.68
N VAL F 92 16.90 -39.06 -22.33
CA VAL F 92 15.83 -38.57 -23.24
C VAL F 92 16.28 -37.24 -23.83
N ASP F 93 16.47 -37.18 -25.15
CA ASP F 93 16.80 -35.91 -25.84
C ASP F 93 15.52 -35.27 -26.36
N ASN F 94 14.46 -36.05 -26.61
CA ASN F 94 13.22 -35.51 -27.21
C ASN F 94 12.03 -36.34 -26.74
N TRP F 95 10.84 -35.74 -26.74
CA TRP F 95 9.56 -36.35 -26.31
C TRP F 95 8.41 -35.66 -27.03
N GLY F 96 7.22 -36.22 -26.86
CA GLY F 96 5.99 -35.77 -27.54
C GLY F 96 5.14 -34.99 -26.53
N ASN F 97 3.89 -35.41 -26.35
CA ASN F 97 2.86 -34.78 -25.47
C ASN F 97 3.29 -34.80 -24.01
N TYR F 98 3.84 -35.91 -23.54
CA TYR F 98 4.15 -36.16 -22.10
C TYR F 98 5.68 -36.07 -21.93
N ARG F 99 6.13 -35.30 -20.94
CA ARG F 99 7.56 -35.20 -20.60
C ARG F 99 7.79 -36.16 -19.45
N PRO F 100 8.76 -37.12 -19.55
CA PRO F 100 9.05 -37.99 -18.43
C PRO F 100 9.27 -37.18 -17.15
N THR F 101 8.75 -37.68 -16.04
CA THR F 101 8.89 -37.09 -14.69
C THR F 101 8.98 -38.24 -13.70
N GLY F 102 9.03 -37.90 -12.42
CA GLY F 102 9.27 -38.83 -11.31
C GLY F 102 9.80 -38.09 -10.12
N THR F 103 10.56 -38.77 -9.27
CA THR F 103 11.24 -38.13 -8.12
C THR F 103 12.41 -37.34 -8.72
N TYR F 104 12.22 -36.04 -8.93
CA TYR F 104 13.28 -35.10 -9.39
C TYR F 104 14.45 -35.10 -8.39
N LYS F 105 15.68 -35.12 -8.90
CA LYS F 105 16.91 -35.29 -8.08
C LYS F 105 17.80 -34.05 -8.18
N GLY F 106 17.78 -33.40 -9.33
CA GLY F 106 18.68 -32.29 -9.71
C GLY F 106 18.98 -32.35 -11.19
N THR F 107 20.13 -31.79 -11.59
CA THR F 107 20.49 -31.60 -13.01
C THR F 107 21.85 -32.25 -13.29
N VAL F 108 22.16 -32.41 -14.57
CA VAL F 108 23.48 -32.81 -15.12
C VAL F 108 23.64 -32.06 -16.44
N THR F 109 24.80 -31.45 -16.65
CA THR F 109 25.16 -30.73 -17.90
C THR F 109 26.07 -31.66 -18.70
N SER F 110 25.70 -31.96 -19.95
CA SER F 110 26.44 -32.87 -20.85
C SER F 110 26.13 -32.51 -22.29
N ASP F 111 27.13 -32.55 -23.17
CA ASP F 111 26.94 -32.47 -24.64
C ASP F 111 26.13 -31.20 -24.98
N GLY F 112 26.55 -30.05 -24.45
CA GLY F 112 25.96 -28.74 -24.76
C GLY F 112 24.54 -28.60 -24.24
N GLY F 113 24.11 -29.49 -23.33
CA GLY F 113 22.74 -29.52 -22.80
C GLY F 113 22.72 -29.74 -21.30
N THR F 114 21.62 -29.34 -20.66
CA THR F 114 21.27 -29.56 -19.23
C THR F 114 20.07 -30.51 -19.16
N TYR F 115 20.19 -31.55 -18.34
CA TYR F 115 19.20 -32.63 -18.18
C TYR F 115 18.70 -32.62 -16.72
N ASP F 116 17.38 -32.75 -16.56
CA ASP F 116 16.74 -33.04 -15.25
C ASP F 116 16.88 -34.54 -14.97
N VAL F 117 17.35 -34.89 -13.78
CA VAL F 117 17.43 -36.30 -13.32
C VAL F 117 16.15 -36.63 -12.55
N TYR F 118 15.53 -37.76 -12.89
CA TYR F 118 14.41 -38.34 -12.12
C TYR F 118 14.68 -39.82 -11.85
N GLN F 119 14.11 -40.34 -10.75
CA GLN F 119 13.97 -41.80 -10.50
C GLN F 119 12.48 -42.14 -10.34
N THR F 120 12.04 -43.23 -10.97
CA THR F 120 10.68 -43.79 -10.83
C THR F 120 10.81 -45.27 -10.48
N THR F 121 9.68 -45.91 -10.17
CA THR F 121 9.59 -47.35 -9.82
C THR F 121 8.44 -47.97 -10.62
N ARG F 122 8.69 -49.17 -11.14
CA ARG F 122 7.69 -50.02 -11.82
C ARG F 122 7.36 -51.19 -10.90
N TYR F 123 6.08 -51.46 -10.70
CA TYR F 123 5.58 -52.57 -9.86
C TYR F 123 5.14 -53.68 -10.80
N ASN F 124 5.74 -54.85 -10.63
CA ASN F 124 5.30 -56.10 -11.30
C ASN F 124 5.05 -55.78 -12.79
N ALA F 125 6.13 -55.41 -13.49
CA ALA F 125 6.16 -54.92 -14.88
C ALA F 125 7.11 -55.77 -15.73
N PRO F 126 6.90 -55.84 -17.07
CA PRO F 126 7.85 -56.52 -17.95
C PRO F 126 9.25 -55.92 -17.82
N SER F 127 10.26 -56.74 -18.06
CA SER F 127 11.70 -56.39 -17.98
C SER F 127 12.53 -57.44 -18.72
N VAL F 128 13.82 -57.16 -18.88
CA VAL F 128 14.78 -58.14 -19.48
C VAL F 128 14.93 -59.34 -18.54
N GLU F 129 14.42 -59.30 -17.32
CA GLU F 129 14.53 -60.44 -16.35
C GLU F 129 13.14 -61.03 -16.05
N GLY F 130 12.12 -60.77 -16.87
CA GLY F 130 10.73 -61.24 -16.63
C GLY F 130 9.97 -60.21 -15.81
N THR F 131 8.73 -60.51 -15.44
CA THR F 131 7.90 -59.55 -14.66
C THR F 131 8.55 -59.33 -13.30
N LYS F 132 8.93 -58.08 -13.00
CA LYS F 132 9.67 -57.69 -11.77
C LYS F 132 9.22 -56.31 -11.27
N THR F 133 9.71 -55.94 -10.09
CA THR F 133 9.64 -54.58 -9.53
C THR F 133 11.04 -53.99 -9.67
N PHE F 134 11.20 -52.83 -10.29
CA PHE F 134 12.52 -52.20 -10.50
C PHE F 134 12.42 -50.69 -10.64
N ASN F 135 13.55 -50.01 -10.43
CA ASN F 135 13.66 -48.54 -10.59
C ASN F 135 14.07 -48.21 -12.04
N GLN F 136 13.55 -47.08 -12.52
CA GLN F 136 13.97 -46.44 -13.78
C GLN F 136 14.75 -45.17 -13.44
N TYR F 137 15.92 -44.98 -14.06
CA TYR F 137 16.73 -43.74 -13.93
C TYR F 137 16.51 -42.93 -15.21
N TRP F 138 16.23 -41.63 -15.07
CA TRP F 138 16.01 -40.69 -16.19
C TRP F 138 17.01 -39.53 -16.14
N SER F 139 17.57 -39.18 -17.30
CA SER F 139 18.04 -37.81 -17.65
C SER F 139 17.12 -37.32 -18.74
N VAL F 140 16.48 -36.17 -18.54
CA VAL F 140 15.58 -35.54 -19.53
C VAL F 140 16.12 -34.14 -19.88
N ARG F 141 16.52 -33.94 -21.14
CA ARG F 141 17.06 -32.66 -21.65
C ARG F 141 15.99 -31.58 -21.40
N GLN F 142 16.40 -30.40 -20.93
CA GLN F 142 15.49 -29.27 -20.64
C GLN F 142 14.91 -28.72 -21.95
N SER F 143 15.66 -28.84 -23.05
CA SER F 143 15.22 -28.44 -24.41
C SER F 143 15.28 -29.67 -25.34
N LYS F 144 14.27 -29.88 -26.18
CA LYS F 144 14.22 -31.03 -27.12
C LYS F 144 15.26 -30.85 -28.23
N ARG F 145 15.91 -31.95 -28.64
CA ARG F 145 16.75 -32.02 -29.86
C ARG F 145 16.66 -33.42 -30.47
N THR F 146 16.84 -33.51 -31.79
CA THR F 146 17.07 -34.81 -32.50
C THR F 146 18.46 -34.77 -33.13
N GLY F 147 19.50 -35.15 -32.38
CA GLY F 147 20.86 -35.40 -32.90
C GLY F 147 21.94 -34.71 -32.08
N GLY F 148 23.11 -35.35 -31.98
CA GLY F 148 24.26 -34.86 -31.24
C GLY F 148 25.00 -36.02 -30.61
N THR F 149 25.84 -35.75 -29.61
CA THR F 149 26.56 -36.75 -28.81
C THR F 149 25.78 -36.99 -27.51
N ILE F 150 25.78 -38.22 -27.01
CA ILE F 150 25.38 -38.55 -25.61
C ILE F 150 26.58 -39.23 -24.97
N THR F 151 27.22 -38.58 -24.00
CA THR F 151 28.34 -39.12 -23.20
C THR F 151 27.73 -39.85 -21.99
N THR F 152 27.49 -41.16 -22.12
CA THR F 152 26.68 -41.95 -21.17
C THR F 152 27.35 -41.90 -19.79
N GLY F 153 28.67 -41.78 -19.72
CA GLY F 153 29.40 -41.73 -18.44
C GLY F 153 29.03 -40.51 -17.59
N ASN F 154 28.79 -39.36 -18.20
CA ASN F 154 28.40 -38.12 -17.51
C ASN F 154 27.06 -38.33 -16.80
N HIS F 155 26.10 -38.98 -17.48
CA HIS F 155 24.78 -39.35 -16.92
C HIS F 155 24.98 -40.40 -15.81
N PHE F 156 25.75 -41.46 -16.07
CA PHE F 156 26.01 -42.56 -15.09
C PHE F 156 26.64 -41.96 -13.82
N ASP F 157 27.55 -41.01 -14.02
CA ASP F 157 28.25 -40.32 -12.91
C ASP F 157 27.23 -39.49 -12.11
N ALA F 158 26.43 -38.67 -12.80
CA ALA F 158 25.39 -37.81 -12.19
C ALA F 158 24.45 -38.69 -11.36
N TRP F 159 23.89 -39.75 -11.96
CA TRP F 159 22.94 -40.65 -11.27
C TRP F 159 23.58 -41.16 -9.98
N ALA F 160 24.83 -41.62 -10.05
CA ALA F 160 25.59 -42.14 -8.90
C ALA F 160 25.70 -41.05 -7.83
N ARG F 161 26.01 -39.80 -8.22
CA ARG F 161 26.02 -38.61 -7.33
C ARG F 161 24.69 -38.53 -6.56
N TYR F 162 23.57 -38.76 -7.24
CA TYR F 162 22.20 -38.60 -6.65
C TYR F 162 21.72 -39.90 -6.01
N GLY F 163 22.63 -40.84 -5.73
CA GLY F 163 22.28 -42.10 -5.05
C GLY F 163 21.51 -43.05 -5.93
N MET F 164 21.62 -42.91 -7.26
CA MET F 164 21.01 -43.86 -8.23
C MET F 164 22.14 -44.72 -8.82
N GLN F 165 22.33 -45.91 -8.26
CA GLN F 165 23.47 -46.82 -8.57
C GLN F 165 23.05 -47.80 -9.66
N LEU F 166 23.91 -48.01 -10.65
CA LEU F 166 23.68 -48.95 -11.77
C LEU F 166 24.31 -50.30 -11.44
N GLY F 167 23.77 -51.36 -12.04
CA GLY F 167 24.30 -52.72 -11.93
C GLY F 167 25.28 -53.01 -13.05
N SER F 168 25.59 -54.29 -13.27
CA SER F 168 26.45 -54.74 -14.39
C SER F 168 25.69 -54.55 -15.70
N PHE F 169 26.42 -54.11 -16.72
CA PHE F 169 25.94 -53.81 -18.09
C PHE F 169 25.87 -55.10 -18.88
N SER F 170 25.10 -56.07 -18.37
CA SER F 170 24.97 -57.43 -18.95
C SER F 170 23.87 -57.48 -20.01
N TYR F 171 23.15 -56.36 -20.25
CA TYR F 171 22.03 -56.25 -21.21
C TYR F 171 22.31 -55.08 -22.15
N TYR F 172 21.53 -54.99 -23.22
CA TYR F 172 21.70 -54.07 -24.37
C TYR F 172 21.61 -52.60 -23.95
N MET F 173 22.19 -51.77 -24.79
CA MET F 173 22.05 -50.30 -24.76
C MET F 173 21.74 -49.88 -26.21
N ILE F 174 20.62 -49.20 -26.43
CA ILE F 174 20.18 -48.83 -27.80
C ILE F 174 19.77 -47.35 -27.80
N LEU F 175 19.95 -46.68 -28.93
CA LEU F 175 19.22 -45.44 -29.21
C LEU F 175 17.81 -45.82 -29.63
N ALA F 176 16.84 -45.61 -28.73
CA ALA F 176 15.48 -46.16 -28.80
C ALA F 176 14.48 -45.06 -29.16
N THR F 177 13.45 -45.47 -29.89
CA THR F 177 12.17 -44.77 -30.08
C THR F 177 11.14 -45.49 -29.22
N GLU F 178 10.43 -44.74 -28.38
CA GLU F 178 9.38 -45.33 -27.51
C GLU F 178 8.07 -44.60 -27.79
N GLY F 179 6.97 -45.35 -27.76
CA GLY F 179 5.60 -44.84 -27.91
C GLY F 179 4.70 -45.39 -26.81
N TYR F 180 3.67 -44.62 -26.46
CA TYR F 180 2.62 -44.93 -25.46
C TYR F 180 1.29 -44.33 -25.94
N GLN F 181 0.32 -45.17 -26.33
CA GLN F 181 -1.05 -44.76 -26.70
C GLN F 181 -1.02 -43.67 -27.77
N SER F 182 -0.18 -43.84 -28.79
CA SER F 182 0.02 -42.77 -29.81
C SER F 182 0.34 -43.35 -31.19
N SER F 183 0.61 -42.45 -32.14
CA SER F 183 1.10 -42.76 -33.49
C SER F 183 2.38 -41.97 -33.73
N GLY F 184 3.13 -42.32 -34.76
CA GLY F 184 4.31 -41.52 -35.11
C GLY F 184 5.31 -42.25 -35.98
N SER F 185 6.47 -41.66 -36.14
CA SER F 185 7.59 -42.17 -36.97
C SER F 185 8.88 -41.64 -36.39
N SER F 186 9.97 -42.29 -36.74
CA SER F 186 11.34 -41.81 -36.43
C SER F 186 12.25 -42.35 -37.53
N ASN F 187 13.36 -41.67 -37.75
CA ASN F 187 14.33 -42.13 -38.76
C ASN F 187 15.68 -41.70 -38.23
N LEU F 188 16.46 -42.66 -37.73
CA LEU F 188 17.62 -42.36 -36.86
C LEU F 188 18.85 -43.10 -37.36
N THR F 189 20.01 -42.47 -37.23
CA THR F 189 21.30 -43.13 -37.49
C THR F 189 22.08 -43.08 -36.18
N VAL F 190 22.61 -44.23 -35.75
CA VAL F 190 23.41 -44.37 -34.49
C VAL F 190 24.85 -44.74 -34.87
N SER F 191 25.81 -44.24 -34.09
CA SER F 191 27.23 -44.63 -34.10
C SER F 191 27.77 -44.45 -32.69
N GLY F 192 29.05 -44.71 -32.47
CA GLY F 192 29.72 -44.22 -31.25
C GLY F 192 30.71 -45.23 -30.74
N LYS F 193 31.78 -44.71 -30.12
CA LYS F 193 32.93 -45.52 -29.65
C LYS F 193 32.94 -45.51 -28.13
N LEU F 194 33.48 -46.56 -27.53
CA LEU F 194 33.63 -46.69 -26.06
C LEU F 194 34.49 -45.51 -25.57
N ALA F 195 34.28 -45.08 -24.33
CA ALA F 195 34.88 -43.86 -23.73
C ALA F 195 36.14 -44.24 -22.94
N ALA G 2 15.95 -8.14 -53.03
CA ALA G 2 16.13 -7.31 -51.82
C ALA G 2 15.28 -6.06 -51.96
N THR G 3 14.65 -5.62 -50.88
CA THR G 3 13.87 -4.38 -50.80
C THR G 3 14.56 -3.46 -49.77
N VAL G 4 15.02 -2.29 -50.18
CA VAL G 4 15.71 -1.33 -49.27
C VAL G 4 14.68 -0.36 -48.69
N ILE G 5 14.62 -0.25 -47.36
CA ILE G 5 13.69 0.64 -46.60
C ILE G 5 14.50 1.82 -46.05
N THR G 6 14.04 3.05 -46.24
CA THR G 6 14.68 4.25 -45.65
C THR G 6 13.65 5.20 -45.03
N THR G 7 12.35 4.89 -45.05
CA THR G 7 11.33 5.76 -44.39
C THR G 7 10.47 4.91 -43.46
N ASN G 8 9.89 5.55 -42.44
CA ASN G 8 9.09 4.88 -41.39
C ASN G 8 8.05 4.06 -42.11
N GLN G 9 7.91 2.79 -41.78
CA GLN G 9 6.85 1.92 -42.34
C GLN G 9 6.92 0.54 -41.70
N THR G 10 5.81 -0.18 -41.84
CA THR G 10 5.62 -1.58 -41.42
C THR G 10 4.97 -2.30 -42.60
N GLY G 11 5.09 -3.62 -42.64
CA GLY G 11 4.45 -4.47 -43.65
C GLY G 11 4.96 -5.88 -43.52
N THR G 12 4.83 -6.68 -44.57
CA THR G 12 5.21 -8.11 -44.54
C THR G 12 6.21 -8.34 -45.68
N ASN G 13 7.26 -9.11 -45.40
CA ASN G 13 8.35 -9.42 -46.36
C ASN G 13 8.73 -10.89 -46.20
N ASN G 14 8.55 -11.69 -47.26
CA ASN G 14 9.06 -13.09 -47.36
C ASN G 14 8.62 -13.88 -46.13
N GLY G 15 7.34 -13.72 -45.74
CA GLY G 15 6.66 -14.50 -44.70
C GLY G 15 6.79 -13.90 -43.30
N PHE G 16 7.42 -12.73 -43.16
CA PHE G 16 7.74 -12.10 -41.85
C PHE G 16 7.27 -10.67 -41.82
N TYR G 17 6.85 -10.23 -40.63
CA TYR G 17 6.52 -8.81 -40.34
C TYR G 17 7.85 -8.04 -40.29
N TYR G 18 7.86 -6.77 -40.70
CA TYR G 18 9.02 -5.88 -40.51
C TYR G 18 8.53 -4.51 -40.05
N SER G 19 9.39 -3.85 -39.28
CA SER G 19 9.23 -2.44 -38.89
C SER G 19 10.55 -1.69 -39.14
N PHE G 20 10.43 -0.46 -39.65
CA PHE G 20 11.54 0.53 -39.76
C PHE G 20 11.04 1.85 -39.19
N TRP G 21 11.74 2.35 -38.19
CA TRP G 21 11.50 3.70 -37.64
C TRP G 21 12.85 4.39 -37.45
N THR G 22 12.94 5.65 -37.86
CA THR G 22 14.08 6.54 -37.60
C THR G 22 13.51 7.90 -37.22
N ASP G 23 14.21 8.67 -36.38
CA ASP G 23 13.77 10.05 -36.03
C ASP G 23 14.17 11.00 -37.16
N GLY G 24 14.90 10.50 -38.17
CA GLY G 24 15.25 11.26 -39.38
C GLY G 24 16.70 11.70 -39.38
N GLY G 25 17.46 11.37 -38.33
CA GLY G 25 18.89 11.73 -38.19
C GLY G 25 19.80 10.79 -38.97
N GLY G 26 20.75 11.37 -39.73
CA GLY G 26 21.80 10.64 -40.46
C GLY G 26 21.25 9.65 -41.47
N SER G 27 22.16 8.86 -42.05
CA SER G 27 21.91 7.80 -43.06
C SER G 27 21.53 6.49 -42.37
N VAL G 28 20.30 6.01 -42.57
CA VAL G 28 19.85 4.71 -42.02
C VAL G 28 19.08 3.97 -43.11
N SER G 29 19.58 2.79 -43.50
CA SER G 29 18.86 1.88 -44.40
C SER G 29 18.72 0.48 -43.79
N MET G 30 17.65 -0.21 -44.16
CA MET G 30 17.44 -1.65 -43.89
C MET G 30 17.10 -2.34 -45.22
N THR G 31 17.79 -3.43 -45.51
CA THR G 31 17.54 -4.28 -46.70
C THR G 31 16.76 -5.51 -46.27
N LEU G 32 15.58 -5.74 -46.85
CA LEU G 32 14.80 -6.98 -46.60
C LEU G 32 15.27 -8.03 -47.61
N ASN G 33 15.70 -9.18 -47.12
CA ASN G 33 16.22 -10.30 -47.95
C ASN G 33 15.27 -11.48 -47.81
N SER G 34 15.71 -12.67 -48.25
CA SER G 34 14.90 -13.92 -48.29
C SER G 34 14.58 -14.41 -46.88
N GLY G 35 13.41 -15.02 -46.71
CA GLY G 35 12.94 -15.56 -45.42
C GLY G 35 12.99 -14.50 -44.35
N GLY G 36 13.55 -14.83 -43.19
CA GLY G 36 13.63 -13.93 -42.02
C GLY G 36 14.91 -13.11 -42.00
N ASN G 37 15.58 -12.94 -43.15
CA ASN G 37 16.89 -12.23 -43.21
C ASN G 37 16.64 -10.74 -43.46
N TYR G 38 17.36 -9.91 -42.71
CA TYR G 38 17.48 -8.45 -42.99
C TYR G 38 18.88 -8.00 -42.63
N SER G 39 19.32 -6.88 -43.23
CA SER G 39 20.56 -6.19 -42.83
C SER G 39 20.24 -4.72 -42.63
N THR G 40 21.15 -4.02 -41.95
CA THR G 40 21.11 -2.56 -41.76
C THR G 40 22.49 -1.96 -42.04
N SER G 41 22.51 -0.69 -42.41
CA SER G 41 23.72 0.15 -42.44
C SER G 41 23.33 1.53 -41.93
N TRP G 42 24.14 2.13 -41.06
CA TRP G 42 23.82 3.47 -40.54
C TRP G 42 25.10 4.29 -40.34
N THR G 43 24.99 5.60 -40.57
CA THR G 43 26.06 6.61 -40.44
C THR G 43 25.50 7.82 -39.71
N ASN G 44 26.10 8.18 -38.58
CA ASN G 44 25.78 9.41 -37.81
C ASN G 44 24.27 9.54 -37.62
N CYS G 45 23.64 8.48 -37.10
CA CYS G 45 22.17 8.41 -36.93
C CYS G 45 21.74 9.28 -35.73
N GLY G 46 20.45 9.61 -35.64
CA GLY G 46 19.82 10.14 -34.43
C GLY G 46 19.41 8.97 -33.57
N ASN G 47 18.23 8.41 -33.82
CA ASN G 47 17.70 7.18 -33.16
C ASN G 47 16.94 6.41 -34.26
N PHE G 48 17.19 5.11 -34.40
CA PHE G 48 16.39 4.21 -35.28
C PHE G 48 16.23 2.84 -34.65
N VAL G 49 15.16 2.14 -35.04
CA VAL G 49 14.90 0.73 -34.66
C VAL G 49 14.28 0.05 -35.87
N ALA G 50 14.89 -1.05 -36.32
CA ALA G 50 14.45 -1.80 -37.50
C ALA G 50 14.64 -3.28 -37.26
N GLY G 51 13.75 -4.10 -37.80
CA GLY G 51 14.00 -5.54 -37.93
C GLY G 51 12.79 -6.30 -38.39
N LYS G 52 12.92 -7.62 -38.39
CA LYS G 52 11.86 -8.55 -38.80
C LYS G 52 11.35 -9.30 -37.57
N GLY G 53 10.09 -9.71 -37.63
CA GLY G 53 9.48 -10.60 -36.63
C GLY G 53 8.02 -10.88 -36.95
N TRP G 54 7.13 -10.48 -36.05
CA TRP G 54 5.70 -10.87 -36.04
C TRP G 54 4.84 -9.62 -35.83
N SER G 55 3.61 -9.58 -36.37
CA SER G 55 2.72 -8.40 -36.24
C SER G 55 2.25 -8.26 -34.80
N ASN G 56 2.22 -9.34 -34.02
CA ASN G 56 1.89 -9.30 -32.57
C ASN G 56 2.97 -10.03 -31.77
N GLY G 57 3.30 -9.50 -30.58
CA GLY G 57 4.22 -10.18 -29.66
C GLY G 57 3.56 -11.38 -29.02
N GLY G 58 4.31 -12.17 -28.27
CA GLY G 58 3.77 -13.18 -27.34
C GLY G 58 4.85 -14.16 -26.92
N ARG G 59 4.45 -15.27 -26.30
CA ARG G 59 5.39 -16.29 -25.77
C ARG G 59 5.85 -17.12 -26.97
N ARG G 60 7.01 -16.78 -27.51
CA ARG G 60 7.64 -17.48 -28.65
C ARG G 60 9.03 -17.91 -28.20
N ASN G 61 9.52 -19.03 -28.74
CA ASN G 61 10.95 -19.40 -28.74
C ASN G 61 11.55 -18.78 -30.00
N VAL G 62 12.29 -17.68 -29.87
CA VAL G 62 12.82 -16.92 -31.03
C VAL G 62 14.24 -17.40 -31.25
N GLN G 63 14.55 -17.87 -32.45
CA GLN G 63 15.92 -18.26 -32.87
C GLN G 63 16.41 -17.27 -33.92
N TYR G 64 17.64 -16.82 -33.77
CA TYR G 64 18.23 -15.80 -34.68
C TYR G 64 19.73 -16.07 -34.75
N SER G 65 20.37 -15.50 -35.78
CA SER G 65 21.84 -15.60 -35.99
C SER G 65 22.25 -14.47 -36.94
N GLY G 66 23.56 -14.30 -37.11
CA GLY G 66 24.14 -13.34 -38.05
C GLY G 66 25.19 -12.51 -37.36
N SER G 67 25.26 -11.22 -37.71
CA SER G 67 26.38 -10.31 -37.35
C SER G 67 25.79 -8.98 -36.88
N PHE G 68 26.45 -8.36 -35.92
CA PHE G 68 26.06 -7.07 -35.31
C PHE G 68 27.35 -6.30 -35.04
N TYR G 69 27.60 -5.18 -35.74
CA TYR G 69 28.88 -4.43 -35.69
C TYR G 69 28.56 -2.96 -35.44
N PRO G 70 28.12 -2.61 -34.22
CA PRO G 70 27.90 -1.22 -33.87
C PRO G 70 29.27 -0.51 -33.83
N SER G 71 29.27 0.76 -34.19
CA SER G 71 30.41 1.68 -34.04
C SER G 71 29.93 2.86 -33.20
N GLY G 72 29.95 2.67 -31.88
CA GLY G 72 29.31 3.57 -30.91
C GLY G 72 28.08 2.89 -30.33
N ASN G 73 27.06 3.66 -29.99
CA ASN G 73 25.89 3.17 -29.23
C ASN G 73 24.95 2.49 -30.22
N GLY G 74 24.73 1.18 -30.05
CA GLY G 74 23.66 0.43 -30.72
C GLY G 74 23.30 -0.80 -29.92
N TYR G 75 22.08 -1.29 -30.05
CA TYR G 75 21.62 -2.53 -29.35
C TYR G 75 21.13 -3.54 -30.39
N LEU G 76 21.24 -4.81 -29.99
CA LEU G 76 20.64 -5.98 -30.67
C LEU G 76 19.63 -6.57 -29.68
N ALA G 77 18.33 -6.42 -29.94
CA ALA G 77 17.31 -6.76 -28.94
C ALA G 77 16.09 -7.38 -29.62
N LEU G 78 15.47 -8.34 -28.95
CA LEU G 78 14.04 -8.66 -29.18
C LEU G 78 13.27 -7.45 -28.64
N TYR G 79 12.37 -6.88 -29.43
CA TYR G 79 11.77 -5.53 -29.21
C TYR G 79 10.29 -5.56 -29.56
N GLY G 80 9.47 -4.94 -28.72
CA GLY G 80 8.03 -4.84 -29.05
C GLY G 80 7.27 -3.89 -28.16
N TRP G 81 5.96 -3.86 -28.36
CA TRP G 81 5.03 -2.93 -27.67
C TRP G 81 3.81 -3.72 -27.20
N THR G 82 3.24 -3.28 -26.08
CA THR G 82 1.91 -3.70 -25.57
C THR G 82 1.02 -2.46 -25.50
N SER G 83 -0.29 -2.68 -25.43
CA SER G 83 -1.29 -1.62 -25.13
C SER G 83 -1.96 -1.93 -23.79
N ASN G 84 -2.34 -0.88 -23.05
CA ASN G 84 -3.21 -0.98 -21.85
C ASN G 84 -2.59 -1.93 -20.82
N PRO G 85 -1.43 -1.62 -20.20
CA PRO G 85 -0.68 -0.41 -20.49
C PRO G 85 0.17 -0.43 -21.76
N LEU G 86 0.42 0.78 -22.28
CA LEU G 86 1.43 1.02 -23.32
C LEU G 86 2.80 0.77 -22.70
N VAL G 87 3.50 -0.24 -23.20
CA VAL G 87 4.88 -0.59 -22.76
C VAL G 87 5.75 -0.82 -24.00
N GLU G 88 6.98 -0.32 -23.96
CA GLU G 88 8.07 -0.64 -24.89
C GLU G 88 9.01 -1.61 -24.17
N TYR G 89 9.21 -2.80 -24.72
CA TYR G 89 10.03 -3.85 -24.06
C TYR G 89 11.18 -4.28 -24.96
N TYR G 90 12.23 -4.76 -24.32
CA TYR G 90 13.56 -5.04 -24.92
C TYR G 90 14.15 -6.27 -24.24
N ILE G 91 14.61 -7.24 -25.03
CA ILE G 91 15.47 -8.32 -24.49
C ILE G 91 16.78 -8.15 -25.25
N VAL G 92 17.77 -7.57 -24.59
CA VAL G 92 19.02 -7.10 -25.23
C VAL G 92 20.09 -8.18 -25.08
N ASP G 93 20.58 -8.72 -26.19
CA ASP G 93 21.65 -9.75 -26.23
C ASP G 93 23.01 -9.09 -26.49
N ASN G 94 23.04 -7.94 -27.17
CA ASN G 94 24.32 -7.31 -27.59
C ASN G 94 24.16 -5.80 -27.59
N TRP G 95 25.26 -5.08 -27.43
CA TRP G 95 25.31 -3.61 -27.43
C TRP G 95 26.67 -3.17 -27.94
N GLY G 96 26.85 -1.86 -28.11
CA GLY G 96 28.08 -1.21 -28.61
C GLY G 96 28.88 -0.68 -27.45
N ASN G 97 29.03 0.63 -27.37
CA ASN G 97 29.95 1.29 -26.39
C ASN G 97 29.20 1.51 -25.07
N TYR G 98 27.87 1.40 -25.07
CA TYR G 98 26.99 1.72 -23.91
C TYR G 98 26.05 0.55 -23.63
N ARG G 99 26.12 -0.01 -22.41
CA ARG G 99 25.22 -1.09 -21.92
C ARG G 99 23.97 -0.42 -21.37
N PRO G 100 22.77 -0.75 -21.90
CA PRO G 100 21.55 -0.12 -21.40
C PRO G 100 21.36 -0.48 -19.92
N THR G 101 20.93 0.51 -19.14
CA THR G 101 20.65 0.45 -17.69
C THR G 101 19.33 1.19 -17.40
N GLY G 102 18.99 1.31 -16.11
CA GLY G 102 17.80 2.02 -15.60
C GLY G 102 17.55 1.63 -14.16
N THR G 103 16.30 1.64 -13.70
CA THR G 103 15.99 1.19 -12.31
C THR G 103 16.11 -0.34 -12.27
N TYR G 104 17.08 -0.85 -11.50
CA TYR G 104 17.35 -2.31 -11.31
C TYR G 104 16.15 -2.98 -10.61
N LYS G 105 15.58 -4.03 -11.21
CA LYS G 105 14.39 -4.73 -10.63
C LYS G 105 14.74 -6.15 -10.15
N GLY G 106 15.82 -6.74 -10.66
CA GLY G 106 16.17 -8.15 -10.45
C GLY G 106 16.89 -8.74 -11.66
N THR G 107 16.91 -10.06 -11.77
CA THR G 107 17.62 -10.78 -12.85
C THR G 107 16.76 -11.93 -13.33
N VAL G 108 17.09 -12.46 -14.50
CA VAL G 108 16.49 -13.70 -15.02
C VAL G 108 17.56 -14.44 -15.81
N THR G 109 17.68 -15.74 -15.58
CA THR G 109 18.60 -16.61 -16.35
C THR G 109 17.76 -17.38 -17.38
N SER G 110 18.12 -17.27 -18.66
CA SER G 110 17.39 -17.86 -19.80
C SER G 110 18.35 -18.10 -20.95
N ASP G 111 18.17 -19.21 -21.67
CA ASP G 111 18.84 -19.47 -22.97
C ASP G 111 20.36 -19.29 -22.84
N GLY G 112 20.94 -19.76 -21.74
CA GLY G 112 22.41 -19.82 -21.52
C GLY G 112 22.99 -18.53 -20.96
N GLY G 113 22.19 -17.51 -20.72
CA GLY G 113 22.74 -16.21 -20.26
C GLY G 113 21.99 -15.67 -19.07
N THR G 114 22.60 -14.71 -18.38
CA THR G 114 22.02 -14.05 -17.19
C THR G 114 21.72 -12.62 -17.61
N TYR G 115 20.47 -12.19 -17.45
CA TYR G 115 20.04 -10.83 -17.84
C TYR G 115 19.68 -10.04 -16.58
N ASP G 116 20.11 -8.78 -16.51
CA ASP G 116 19.58 -7.80 -15.53
C ASP G 116 18.26 -7.24 -16.03
N VAL G 117 17.33 -7.03 -15.11
CA VAL G 117 15.99 -6.49 -15.43
C VAL G 117 15.94 -5.05 -14.93
N TYR G 118 15.58 -4.12 -15.82
CA TYR G 118 15.42 -2.69 -15.49
C TYR G 118 14.06 -2.20 -15.98
N GLN G 119 13.60 -1.13 -15.34
CA GLN G 119 12.47 -0.30 -15.80
C GLN G 119 12.98 1.13 -15.94
N THR G 120 12.59 1.79 -17.02
CA THR G 120 12.80 3.24 -17.27
C THR G 120 11.44 3.81 -17.64
N THR G 121 11.35 5.14 -17.69
CA THR G 121 10.15 5.89 -18.14
C THR G 121 10.57 6.83 -19.27
N ARG G 122 9.76 6.87 -20.33
CA ARG G 122 9.88 7.82 -21.46
C ARG G 122 8.75 8.84 -21.35
N TYR G 123 9.07 10.11 -21.21
CA TYR G 123 8.08 11.21 -21.04
C TYR G 123 7.83 11.86 -22.41
N ASN G 124 6.57 11.96 -22.83
CA ASN G 124 6.18 12.78 -24.01
C ASN G 124 7.06 12.41 -25.22
N ALA G 125 7.14 11.12 -25.52
CA ALA G 125 8.10 10.53 -26.48
C ALA G 125 7.33 9.83 -27.59
N PRO G 126 7.94 9.67 -28.78
CA PRO G 126 7.38 8.85 -29.85
C PRO G 126 7.10 7.41 -29.37
N SER G 127 6.07 6.80 -29.96
CA SER G 127 5.51 5.50 -29.57
C SER G 127 4.54 5.02 -30.66
N VAL G 128 4.18 3.74 -30.63
CA VAL G 128 3.26 3.14 -31.63
C VAL G 128 1.85 3.68 -31.41
N GLU G 129 1.63 4.54 -30.38
CA GLU G 129 0.33 5.21 -30.12
C GLU G 129 0.49 6.74 -30.23
N GLY G 130 1.59 7.24 -30.77
CA GLY G 130 1.86 8.69 -30.90
C GLY G 130 2.72 9.16 -29.74
N THR G 131 2.81 10.47 -29.52
CA THR G 131 3.52 11.09 -28.36
C THR G 131 2.79 10.73 -27.05
N LYS G 132 3.48 10.00 -26.17
CA LYS G 132 2.93 9.37 -24.95
C LYS G 132 3.99 9.33 -23.86
N THR G 133 3.56 9.15 -22.61
CA THR G 133 4.45 8.77 -21.49
C THR G 133 4.25 7.28 -21.27
N PHE G 134 5.32 6.50 -21.13
CA PHE G 134 5.24 5.03 -21.00
C PHE G 134 6.51 4.50 -20.33
N ASN G 135 6.37 3.36 -19.67
CA ASN G 135 7.51 2.57 -19.17
C ASN G 135 8.15 1.75 -20.30
N GLN G 136 9.45 1.58 -20.16
CA GLN G 136 10.27 0.59 -20.89
C GLN G 136 10.68 -0.50 -19.89
N TYR G 137 10.47 -1.75 -20.28
CA TYR G 137 10.94 -2.98 -19.57
C TYR G 137 12.14 -3.53 -20.35
N TRP G 138 13.21 -3.80 -19.61
CA TRP G 138 14.50 -4.29 -20.16
C TRP G 138 14.92 -5.59 -19.45
N SER G 139 15.31 -6.61 -20.22
CA SER G 139 16.27 -7.69 -19.87
C SER G 139 17.55 -7.42 -20.68
N VAL G 140 18.67 -7.33 -19.99
CA VAL G 140 19.97 -6.95 -20.62
C VAL G 140 20.97 -8.01 -20.24
N ARG G 141 21.48 -8.75 -21.23
CA ARG G 141 22.43 -9.86 -20.99
C ARG G 141 23.66 -9.29 -20.30
N GLN G 142 24.26 -10.07 -19.39
CA GLN G 142 25.44 -9.62 -18.60
C GLN G 142 26.68 -9.73 -19.47
N SER G 143 26.65 -10.51 -20.55
CA SER G 143 27.72 -10.48 -21.57
C SER G 143 27.13 -10.62 -22.97
N LYS G 144 27.93 -10.24 -23.96
CA LYS G 144 27.50 -10.00 -25.35
C LYS G 144 27.47 -11.33 -26.10
N ARG G 145 26.42 -11.56 -26.87
CA ARG G 145 26.36 -12.65 -27.86
C ARG G 145 25.57 -12.13 -29.05
N THR G 146 25.82 -12.72 -30.21
CA THR G 146 25.01 -12.51 -31.43
C THR G 146 24.57 -13.89 -31.85
N GLY G 147 23.35 -14.28 -31.52
CA GLY G 147 22.73 -15.51 -32.05
C GLY G 147 22.43 -16.52 -30.95
N GLY G 148 21.32 -17.25 -31.10
CA GLY G 148 20.87 -18.28 -30.16
C GLY G 148 19.36 -18.29 -30.08
N THR G 149 18.82 -18.80 -28.98
CA THR G 149 17.36 -18.81 -28.70
C THR G 149 17.04 -17.72 -27.65
N ILE G 150 15.89 -17.05 -27.80
CA ILE G 150 15.30 -16.13 -26.80
C ILE G 150 13.89 -16.68 -26.50
N THR G 151 13.72 -17.23 -25.31
CA THR G 151 12.44 -17.76 -24.79
C THR G 151 11.74 -16.57 -24.13
N THR G 152 10.90 -15.86 -24.86
CA THR G 152 10.33 -14.57 -24.39
C THR G 152 9.52 -14.80 -23.11
N GLY G 153 8.86 -15.96 -22.99
CA GLY G 153 8.06 -16.31 -21.80
C GLY G 153 8.86 -16.16 -20.50
N ASN G 154 10.12 -16.60 -20.49
CA ASN G 154 10.99 -16.56 -19.27
C ASN G 154 11.16 -15.10 -18.83
N HIS G 155 11.38 -14.22 -19.80
CA HIS G 155 11.55 -12.76 -19.55
C HIS G 155 10.23 -12.19 -19.07
N PHE G 156 9.14 -12.43 -19.79
CA PHE G 156 7.80 -11.87 -19.45
C PHE G 156 7.44 -12.28 -18.02
N ASP G 157 7.67 -13.54 -17.66
CA ASP G 157 7.29 -14.12 -16.34
C ASP G 157 8.11 -13.46 -15.24
N ALA G 158 9.42 -13.29 -15.44
CA ALA G 158 10.33 -12.64 -14.49
C ALA G 158 9.87 -11.20 -14.25
N TRP G 159 9.60 -10.44 -15.31
CA TRP G 159 9.15 -9.03 -15.22
C TRP G 159 7.89 -8.97 -14.35
N ALA G 160 6.91 -9.84 -14.65
CA ALA G 160 5.62 -9.92 -13.94
C ALA G 160 5.91 -10.16 -12.44
N ARG G 161 6.81 -11.07 -12.12
CA ARG G 161 7.17 -11.42 -10.71
C ARG G 161 7.83 -10.21 -10.03
N TYR G 162 8.49 -9.34 -10.79
CA TYR G 162 9.12 -8.07 -10.29
C TYR G 162 8.13 -6.90 -10.33
N GLY G 163 6.85 -7.14 -10.61
CA GLY G 163 5.78 -6.12 -10.61
C GLY G 163 5.77 -5.27 -11.88
N MET G 164 6.24 -5.81 -13.00
CA MET G 164 6.24 -5.15 -14.34
C MET G 164 5.27 -5.91 -15.25
N GLN G 165 4.00 -5.50 -15.23
CA GLN G 165 2.88 -6.13 -15.97
C GLN G 165 2.93 -5.64 -17.43
N LEU G 166 2.83 -6.55 -18.38
CA LEU G 166 2.67 -6.22 -19.81
C LEU G 166 1.20 -5.96 -20.09
N GLY G 167 0.93 -5.10 -21.07
CA GLY G 167 -0.41 -4.98 -21.68
C GLY G 167 -0.69 -6.11 -22.65
N SER G 168 -1.70 -5.94 -23.49
CA SER G 168 -2.02 -6.86 -24.62
C SER G 168 -0.94 -6.74 -25.70
N PHE G 169 -0.52 -7.86 -26.27
CA PHE G 169 0.40 -7.89 -27.42
C PHE G 169 -0.36 -7.46 -28.69
N SER G 170 -0.78 -6.21 -28.75
CA SER G 170 -1.59 -5.67 -29.87
C SER G 170 -0.68 -4.98 -30.90
N TYR G 171 0.64 -5.06 -30.71
CA TYR G 171 1.68 -4.47 -31.60
C TYR G 171 2.79 -5.48 -31.85
N TYR G 172 3.63 -5.16 -32.82
CA TYR G 172 4.72 -6.02 -33.32
C TYR G 172 5.70 -6.44 -32.21
N MET G 173 6.46 -7.46 -32.58
CA MET G 173 7.64 -7.97 -31.85
C MET G 173 8.66 -8.34 -32.92
N ILE G 174 9.86 -7.73 -32.88
CA ILE G 174 10.90 -7.89 -33.95
C ILE G 174 12.25 -8.19 -33.30
N LEU G 175 13.08 -8.93 -34.02
CA LEU G 175 14.53 -9.05 -33.70
C LEU G 175 15.18 -7.78 -34.25
N ALA G 176 15.42 -6.79 -33.40
CA ALA G 176 15.66 -5.39 -33.79
C ALA G 176 17.15 -5.06 -33.70
N THR G 177 17.61 -4.26 -34.67
CA THR G 177 18.85 -3.45 -34.58
C THR G 177 18.41 -2.04 -34.20
N GLU G 178 19.04 -1.44 -33.20
CA GLU G 178 18.80 -0.03 -32.80
C GLU G 178 20.15 0.67 -32.77
N GLY G 179 20.19 1.91 -33.27
CA GLY G 179 21.38 2.78 -33.17
C GLY G 179 21.00 4.11 -32.52
N TYR G 180 21.95 4.72 -31.82
CA TYR G 180 21.78 6.03 -31.14
C TYR G 180 23.07 6.84 -31.28
N GLN G 181 23.03 7.93 -32.05
CA GLN G 181 24.15 8.90 -32.23
C GLN G 181 25.41 8.13 -32.62
N SER G 182 25.30 7.24 -33.61
CA SER G 182 26.33 6.21 -33.85
C SER G 182 26.31 5.78 -35.32
N SER G 183 27.21 4.87 -35.67
CA SER G 183 27.34 4.24 -37.01
C SER G 183 27.38 2.72 -36.79
N GLY G 184 27.26 1.94 -37.87
CA GLY G 184 27.53 0.48 -37.82
C GLY G 184 26.72 -0.28 -38.85
N SER G 185 26.69 -1.60 -38.71
CA SER G 185 25.91 -2.52 -39.59
C SER G 185 25.39 -3.71 -38.78
N SER G 186 24.48 -4.46 -39.40
CA SER G 186 23.98 -5.74 -38.87
C SER G 186 23.41 -6.55 -40.04
N ASN G 187 23.41 -7.86 -39.87
CA ASN G 187 22.82 -8.82 -40.85
C ASN G 187 22.28 -10.00 -40.06
N LEU G 188 20.97 -10.13 -39.92
CA LEU G 188 20.34 -11.10 -38.97
C LEU G 188 19.25 -11.89 -39.67
N THR G 189 19.13 -13.17 -39.29
CA THR G 189 18.02 -14.06 -39.69
C THR G 189 17.20 -14.42 -38.44
N VAL G 190 15.90 -14.23 -38.51
CA VAL G 190 15.00 -14.60 -37.37
C VAL G 190 14.12 -15.75 -37.85
N SER G 191 13.62 -16.53 -36.89
CA SER G 191 12.49 -17.49 -36.98
C SER G 191 12.05 -17.80 -35.54
N GLY G 192 10.84 -18.35 -35.37
CA GLY G 192 10.32 -18.71 -34.04
C GLY G 192 8.88 -19.20 -34.10
N LYS G 193 8.47 -19.98 -33.10
CA LYS G 193 7.09 -20.55 -32.95
C LYS G 193 6.56 -20.19 -31.55
N LEU G 194 5.23 -20.04 -31.42
CA LEU G 194 4.52 -19.81 -30.13
C LEU G 194 4.79 -21.01 -29.19
N ALA G 195 5.14 -20.73 -27.93
CA ALA G 195 5.36 -21.72 -26.85
C ALA G 195 4.15 -22.67 -26.74
N ALA H 2 10.08 6.95 5.88
CA ALA H 2 9.54 5.61 5.58
C ALA H 2 8.36 5.74 4.63
N THR H 3 8.02 4.66 3.94
CA THR H 3 6.87 4.53 3.00
C THR H 3 6.19 3.18 3.19
N VAL H 4 4.90 3.15 2.93
CA VAL H 4 4.05 1.93 3.05
C VAL H 4 3.61 1.56 1.63
N ILE H 5 4.10 0.42 1.14
CA ILE H 5 3.73 -0.13 -0.17
C ILE H 5 2.67 -1.23 0.04
N THR H 6 1.78 -1.34 -0.94
CA THR H 6 0.55 -2.17 -0.91
C THR H 6 0.37 -2.87 -2.26
N THR H 7 1.33 -2.73 -3.18
CA THR H 7 1.35 -3.28 -4.55
C THR H 7 2.68 -4.01 -4.79
N ASN H 8 2.64 -5.08 -5.57
CA ASN H 8 3.81 -5.94 -5.89
C ASN H 8 4.85 -5.04 -6.56
N GLN H 9 6.07 -5.09 -6.06
CA GLN H 9 7.17 -4.27 -6.61
C GLN H 9 8.47 -4.76 -6.00
N THR H 10 9.56 -4.36 -6.63
CA THR H 10 10.93 -4.59 -6.17
C THR H 10 11.72 -3.30 -6.38
N GLY H 11 12.93 -3.26 -5.87
CA GLY H 11 13.76 -2.08 -6.09
C GLY H 11 14.90 -2.09 -5.11
N THR H 12 15.44 -0.90 -4.81
CA THR H 12 16.57 -0.71 -3.88
C THR H 12 16.20 0.38 -2.89
N ASN H 13 16.37 0.09 -1.61
CA ASN H 13 15.97 1.01 -0.52
C ASN H 13 17.16 1.12 0.42
N ASN H 14 17.78 2.30 0.45
CA ASN H 14 18.88 2.63 1.38
C ASN H 14 20.03 1.65 1.13
N GLY H 15 20.24 1.27 -0.13
CA GLY H 15 21.36 0.40 -0.56
C GLY H 15 21.02 -1.08 -0.52
N PHE H 16 19.82 -1.47 -0.07
CA PHE H 16 19.41 -2.88 0.04
C PHE H 16 18.36 -3.19 -1.03
N TYR H 17 18.53 -4.31 -1.73
CA TYR H 17 17.50 -4.86 -2.63
C TYR H 17 16.28 -5.18 -1.77
N TYR H 18 15.09 -5.01 -2.32
CA TYR H 18 13.87 -5.39 -1.60
C TYR H 18 12.88 -5.98 -2.58
N SER H 19 12.04 -6.83 -2.03
CA SER H 19 10.99 -7.52 -2.82
C SER H 19 9.70 -7.64 -2.00
N PHE H 20 8.59 -7.35 -2.65
CA PHE H 20 7.23 -7.44 -2.10
C PHE H 20 6.36 -8.10 -3.17
N TRP H 21 5.87 -9.29 -2.85
CA TRP H 21 4.93 -10.03 -3.74
C TRP H 21 3.86 -10.73 -2.90
N THR H 22 2.59 -10.52 -3.24
CA THR H 22 1.42 -11.26 -2.71
C THR H 22 0.58 -11.77 -3.90
N ASP H 23 -0.26 -12.77 -3.65
CA ASP H 23 -1.16 -13.40 -4.65
C ASP H 23 -2.45 -12.57 -4.78
N GLY H 24 -2.63 -11.59 -3.89
CA GLY H 24 -3.84 -10.72 -3.89
C GLY H 24 -4.78 -11.12 -2.76
N GLY H 25 -4.55 -12.25 -2.10
CA GLY H 25 -5.29 -12.66 -0.89
C GLY H 25 -5.16 -11.64 0.23
N GLY H 26 -6.28 -11.31 0.87
CA GLY H 26 -6.33 -10.53 2.12
C GLY H 26 -5.85 -9.10 1.97
N SER H 27 -5.40 -8.51 3.08
CA SER H 27 -4.65 -7.22 3.17
C SER H 27 -3.20 -7.54 3.59
N VAL H 28 -2.24 -7.11 2.77
CA VAL H 28 -0.79 -7.24 3.05
C VAL H 28 -0.14 -5.90 2.75
N SER H 29 0.71 -5.42 3.66
CA SER H 29 1.47 -4.18 3.44
C SER H 29 2.91 -4.39 3.91
N MET H 30 3.83 -3.57 3.39
CA MET H 30 5.26 -3.58 3.77
C MET H 30 5.67 -2.12 3.96
N THR H 31 6.33 -1.82 5.07
CA THR H 31 6.97 -0.50 5.31
C THR H 31 8.46 -0.61 5.00
N LEU H 32 8.97 0.25 4.11
CA LEU H 32 10.43 0.37 3.86
C LEU H 32 10.91 1.50 4.77
N ASN H 33 11.86 1.22 5.64
CA ASN H 33 12.31 2.20 6.65
C ASN H 33 13.81 2.40 6.52
N SER H 34 14.43 3.11 7.47
CA SER H 34 15.87 3.50 7.39
C SER H 34 16.74 2.26 7.28
N GLY H 35 17.86 2.40 6.55
CA GLY H 35 18.89 1.38 6.41
C GLY H 35 18.30 0.03 6.05
N GLY H 36 18.61 -1.01 6.84
CA GLY H 36 18.22 -2.41 6.60
C GLY H 36 16.81 -2.75 7.03
N ASN H 37 16.02 -1.78 7.50
CA ASN H 37 14.77 -2.06 8.25
C ASN H 37 13.59 -2.17 7.28
N TYR H 38 12.73 -3.15 7.49
CA TYR H 38 11.36 -3.16 6.95
C TYR H 38 10.41 -3.72 7.99
N SER H 39 9.14 -3.47 7.82
CA SER H 39 8.08 -4.16 8.60
C SER H 39 6.98 -4.64 7.64
N THR H 40 6.20 -5.60 8.10
CA THR H 40 5.05 -6.14 7.35
C THR H 40 3.86 -6.20 8.31
N SER H 41 2.68 -6.24 7.72
CA SER H 41 1.39 -6.31 8.43
C SER H 41 0.47 -7.06 7.50
N TRP H 42 -0.17 -8.14 7.96
CA TRP H 42 -1.04 -8.92 7.05
C TRP H 42 -2.24 -9.50 7.78
N THR H 43 -3.35 -9.59 7.06
CA THR H 43 -4.65 -10.11 7.53
C THR H 43 -5.18 -11.05 6.45
N ASN H 44 -5.49 -12.29 6.85
CA ASN H 44 -6.17 -13.34 6.03
C ASN H 44 -5.49 -13.45 4.66
N CYS H 45 -4.19 -13.65 4.63
CA CYS H 45 -3.44 -13.64 3.36
C CYS H 45 -3.69 -14.97 2.63
N GLY H 46 -3.44 -15.00 1.32
CA GLY H 46 -3.22 -16.24 0.57
C GLY H 46 -1.77 -16.65 0.74
N ASN H 47 -0.90 -16.13 -0.11
CA ASN H 47 0.57 -16.34 -0.02
C ASN H 47 1.24 -15.01 -0.37
N PHE H 48 2.28 -14.66 0.39
CA PHE H 48 3.14 -13.49 0.12
C PHE H 48 4.53 -13.73 0.70
N VAL H 49 5.50 -13.04 0.10
CA VAL H 49 6.94 -12.97 0.49
C VAL H 49 7.36 -11.49 0.43
N ALA H 50 7.99 -11.03 1.48
CA ALA H 50 8.43 -9.64 1.65
C ALA H 50 9.79 -9.69 2.28
N GLY H 51 10.74 -8.92 1.79
CA GLY H 51 12.09 -8.98 2.37
C GLY H 51 13.01 -7.91 1.86
N LYS H 52 14.12 -7.76 2.56
CA LYS H 52 15.20 -6.81 2.28
C LYS H 52 16.52 -7.59 2.32
N GLY H 53 17.49 -7.21 1.50
CA GLY H 53 18.79 -7.90 1.39
C GLY H 53 19.60 -7.41 0.20
N TRP H 54 20.00 -8.35 -0.65
CA TRP H 54 21.03 -8.14 -1.68
C TRP H 54 20.53 -8.64 -3.03
N SER H 55 20.99 -7.98 -4.09
CA SER H 55 20.60 -8.26 -5.50
C SER H 55 21.24 -9.59 -5.90
N ASN H 56 22.32 -9.97 -5.23
CA ASN H 56 23.04 -11.25 -5.46
C ASN H 56 23.26 -11.96 -4.13
N GLY H 57 23.00 -13.27 -4.10
CA GLY H 57 23.43 -14.13 -3.00
C GLY H 57 24.95 -14.25 -2.95
N GLY H 58 25.48 -14.83 -1.90
CA GLY H 58 26.91 -15.08 -1.74
C GLY H 58 27.16 -15.57 -0.35
N ARG H 59 28.42 -15.91 -0.05
CA ARG H 59 28.86 -16.25 1.31
C ARG H 59 28.87 -14.96 2.12
N ARG H 60 27.74 -14.62 2.72
CA ARG H 60 27.55 -13.38 3.52
C ARG H 60 27.40 -13.77 4.99
N ASN H 61 28.04 -13.02 5.90
CA ASN H 61 27.76 -13.10 7.35
C ASN H 61 26.64 -12.10 7.65
N VAL H 62 25.40 -12.60 7.75
CA VAL H 62 24.17 -11.77 7.85
C VAL H 62 23.88 -11.52 9.33
N GLN H 63 23.53 -10.29 9.68
CA GLN H 63 23.11 -9.91 11.05
C GLN H 63 21.73 -9.30 10.91
N TYR H 64 20.79 -9.70 11.76
CA TYR H 64 19.39 -9.23 11.69
C TYR H 64 18.79 -9.19 13.08
N SER H 65 17.75 -8.40 13.26
CA SER H 65 17.09 -8.21 14.57
C SER H 65 15.66 -7.75 14.35
N GLY H 66 14.80 -7.98 15.33
CA GLY H 66 13.43 -7.39 15.35
C GLY H 66 12.42 -8.36 15.90
N SER H 67 11.21 -8.35 15.34
CA SER H 67 10.09 -9.18 15.81
C SER H 67 9.43 -9.87 14.62
N PHE H 68 8.84 -11.02 14.91
CA PHE H 68 8.14 -11.89 13.95
C PHE H 68 6.98 -12.51 14.71
N TYR H 69 5.76 -12.15 14.36
CA TYR H 69 4.55 -12.50 15.15
C TYR H 69 3.51 -13.04 14.18
N PRO H 70 3.75 -14.24 13.62
CA PRO H 70 2.75 -14.90 12.78
C PRO H 70 1.60 -15.44 13.65
N SER H 71 0.37 -15.31 13.15
CA SER H 71 -0.85 -15.91 13.74
C SER H 71 -1.34 -16.94 12.72
N GLY H 72 -0.82 -18.16 12.81
CA GLY H 72 -0.94 -19.21 11.79
C GLY H 72 0.38 -19.45 11.07
N ASN H 73 0.29 -19.79 9.80
CA ASN H 73 1.42 -20.35 9.00
C ASN H 73 2.28 -19.20 8.43
N GLY H 74 3.53 -19.11 8.87
CA GLY H 74 4.49 -18.09 8.42
C GLY H 74 5.91 -18.55 8.66
N TYR H 75 6.88 -18.06 7.89
CA TYR H 75 8.32 -18.34 8.10
C TYR H 75 9.12 -17.04 8.15
N LEU H 76 10.18 -17.06 8.95
CA LEU H 76 11.26 -16.06 8.94
C LEU H 76 12.50 -16.76 8.39
N ALA H 77 12.98 -16.34 7.22
CA ALA H 77 14.07 -17.05 6.52
C ALA H 77 14.96 -16.08 5.77
N LEU H 78 16.28 -16.32 5.86
CA LEU H 78 17.21 -15.87 4.81
C LEU H 78 16.90 -16.75 3.59
N TYR H 79 16.63 -16.14 2.45
CA TYR H 79 15.92 -16.76 1.31
C TYR H 79 16.51 -16.26 -0.01
N GLY H 80 16.72 -17.13 -0.98
CA GLY H 80 17.16 -16.68 -2.32
C GLY H 80 17.15 -17.78 -3.35
N TRP H 81 17.67 -17.50 -4.54
CA TRP H 81 17.70 -18.45 -5.65
C TRP H 81 19.10 -18.50 -6.28
N THR H 82 19.41 -19.66 -6.86
CA THR H 82 20.57 -19.89 -7.76
C THR H 82 20.05 -20.31 -9.14
N SER H 83 20.89 -20.16 -10.16
CA SER H 83 20.65 -20.68 -11.54
C SER H 83 21.71 -21.74 -11.86
N ASN H 84 21.36 -22.68 -12.72
CA ASN H 84 22.31 -23.69 -13.25
C ASN H 84 23.02 -24.39 -12.10
N PRO H 85 22.31 -25.14 -11.22
CA PRO H 85 20.85 -25.32 -11.26
C PRO H 85 19.99 -24.23 -10.60
N LEU H 86 18.74 -24.15 -11.01
CA LEU H 86 17.68 -23.37 -10.30
C LEU H 86 17.38 -24.09 -8.97
N VAL H 87 17.63 -23.38 -7.88
CA VAL H 87 17.41 -23.84 -6.48
C VAL H 87 16.80 -22.69 -5.71
N GLU H 88 15.76 -22.98 -4.93
CA GLU H 88 15.21 -22.03 -3.92
C GLU H 88 15.82 -22.46 -2.59
N TYR H 89 16.55 -21.59 -1.89
CA TYR H 89 17.20 -21.99 -0.63
C TYR H 89 16.67 -21.10 0.48
N TYR H 90 16.60 -21.70 1.67
CA TYR H 90 16.03 -21.10 2.90
C TYR H 90 16.94 -21.45 4.06
N ILE H 91 17.29 -20.43 4.87
CA ILE H 91 17.77 -20.61 6.25
C ILE H 91 16.69 -20.07 7.20
N VAL H 92 15.88 -20.97 7.74
CA VAL H 92 14.66 -20.65 8.53
C VAL H 92 15.04 -20.61 10.01
N ASP H 93 14.83 -19.47 10.66
CA ASP H 93 15.12 -19.24 12.10
C ASP H 93 13.82 -19.23 12.91
N ASN H 94 12.66 -18.98 12.30
CA ASN H 94 11.41 -18.87 13.09
C ASN H 94 10.26 -19.26 12.18
N TRP H 95 9.15 -19.64 12.79
CA TRP H 95 7.94 -20.08 12.05
C TRP H 95 6.71 -19.90 12.94
N GLY H 96 5.53 -20.13 12.40
CA GLY H 96 4.26 -19.97 13.11
C GLY H 96 3.82 -21.32 13.66
N ASN H 97 2.64 -21.78 13.27
CA ASN H 97 2.00 -23.00 13.81
C ASN H 97 2.56 -24.24 13.09
N TYR H 98 3.35 -24.05 12.02
CA TYR H 98 3.90 -25.17 11.23
C TYR H 98 5.40 -24.98 10.97
N ARG H 99 6.19 -25.99 11.32
CA ARG H 99 7.66 -25.96 11.13
C ARG H 99 7.97 -26.57 9.78
N PRO H 100 8.70 -25.88 8.87
CA PRO H 100 8.98 -26.43 7.54
C PRO H 100 9.89 -27.65 7.72
N THR H 101 9.67 -28.63 6.84
CA THR H 101 10.29 -29.98 6.89
C THR H 101 10.44 -30.51 5.46
N GLY H 102 11.17 -31.61 5.33
CA GLY H 102 11.48 -32.25 4.06
C GLY H 102 12.21 -33.53 4.29
N THR H 103 12.91 -34.03 3.28
CA THR H 103 13.78 -35.20 3.42
C THR H 103 15.00 -34.76 4.21
N TYR H 104 15.17 -35.35 5.38
CA TYR H 104 16.28 -35.08 6.31
C TYR H 104 17.62 -35.50 5.69
N LYS H 105 18.65 -34.65 5.73
CA LYS H 105 19.93 -34.94 5.05
C LYS H 105 21.07 -34.93 6.06
N GLY H 106 20.83 -34.39 7.25
CA GLY H 106 21.91 -34.07 8.20
C GLY H 106 21.61 -32.77 8.91
N THR H 107 22.57 -32.34 9.73
CA THR H 107 22.49 -31.12 10.56
C THR H 107 23.72 -30.27 10.29
N VAL H 108 23.61 -28.98 10.61
CA VAL H 108 24.75 -28.02 10.62
C VAL H 108 24.60 -27.20 11.89
N THR H 109 25.71 -27.00 12.57
CA THR H 109 25.79 -26.18 13.79
C THR H 109 26.42 -24.86 13.39
N SER H 110 25.71 -23.76 13.58
CA SER H 110 26.21 -22.43 13.17
C SER H 110 25.51 -21.37 14.04
N ASP H 111 26.26 -20.35 14.48
CA ASP H 111 25.68 -19.13 15.09
C ASP H 111 24.85 -19.54 16.31
N GLY H 112 25.35 -20.48 17.10
CA GLY H 112 24.80 -20.87 18.42
C GLY H 112 23.61 -21.81 18.32
N GLY H 113 23.21 -22.21 17.12
CA GLY H 113 22.07 -23.11 16.93
C GLY H 113 22.44 -24.39 16.19
N THR H 114 21.51 -25.34 16.16
CA THR H 114 21.56 -26.52 15.27
C THR H 114 20.37 -26.47 14.33
N TYR H 115 20.62 -26.67 13.04
CA TYR H 115 19.63 -26.67 11.95
C TYR H 115 19.57 -28.06 11.33
N ASP H 116 18.36 -28.54 11.08
CA ASP H 116 18.10 -29.76 10.27
C ASP H 116 18.18 -29.35 8.81
N VAL H 117 18.92 -30.11 8.01
CA VAL H 117 18.99 -29.87 6.55
C VAL H 117 17.93 -30.76 5.89
N TYR H 118 17.00 -30.14 5.16
CA TYR H 118 15.99 -30.84 4.36
C TYR H 118 16.17 -30.50 2.88
N GLN H 119 15.83 -31.45 2.02
CA GLN H 119 15.64 -31.23 0.57
C GLN H 119 14.19 -31.58 0.21
N THR H 120 13.56 -30.70 -0.54
CA THR H 120 12.21 -30.91 -1.11
C THR H 120 12.27 -30.49 -2.56
N THR H 121 11.19 -30.74 -3.29
CA THR H 121 11.06 -30.43 -4.72
C THR H 121 9.72 -29.75 -4.93
N ARG H 122 9.71 -28.69 -5.73
CA ARG H 122 8.50 -28.08 -6.31
C ARG H 122 8.42 -28.48 -7.79
N TYR H 123 7.26 -29.00 -8.21
CA TYR H 123 6.96 -29.42 -9.61
C TYR H 123 6.07 -28.37 -10.29
N ASN H 124 6.56 -27.82 -11.41
CA ASN H 124 5.78 -26.91 -12.30
C ASN H 124 5.12 -25.86 -11.40
N ALA H 125 5.96 -25.17 -10.61
CA ALA H 125 5.56 -24.20 -9.56
C ALA H 125 6.11 -22.81 -9.90
N PRO H 126 5.48 -21.74 -9.37
CA PRO H 126 5.98 -20.39 -9.56
C PRO H 126 7.42 -20.31 -9.07
N SER H 127 8.29 -19.73 -9.89
CA SER H 127 9.71 -19.52 -9.57
C SER H 127 10.09 -18.10 -10.03
N VAL H 128 11.36 -17.73 -9.87
CA VAL H 128 11.92 -16.48 -10.49
C VAL H 128 11.85 -16.58 -12.03
N GLU H 129 12.17 -17.75 -12.60
CA GLU H 129 12.09 -18.06 -14.07
C GLU H 129 10.70 -18.63 -14.44
N GLY H 130 9.60 -18.17 -13.83
CA GLY H 130 8.21 -18.66 -14.04
C GLY H 130 8.01 -20.14 -13.71
N THR H 131 7.00 -20.80 -14.30
CA THR H 131 6.61 -22.21 -14.01
C THR H 131 7.79 -23.16 -14.24
N LYS H 132 8.32 -23.74 -13.18
CA LYS H 132 9.51 -24.62 -13.22
C LYS H 132 9.40 -25.72 -12.17
N THR H 133 10.15 -26.79 -12.37
CA THR H 133 10.44 -27.81 -11.36
C THR H 133 11.82 -27.49 -10.77
N PHE H 134 11.98 -27.45 -9.45
CA PHE H 134 13.29 -27.11 -8.81
C PHE H 134 13.40 -27.72 -7.41
N ASN H 135 14.62 -28.03 -6.95
CA ASN H 135 14.90 -28.41 -5.54
C ASN H 135 14.79 -27.16 -4.67
N GLN H 136 14.36 -27.37 -3.43
CA GLN H 136 14.42 -26.40 -2.32
C GLN H 136 15.39 -26.97 -1.29
N TYR H 137 16.44 -26.20 -0.98
CA TYR H 137 17.42 -26.53 0.08
C TYR H 137 17.02 -25.74 1.31
N TRP H 138 16.92 -26.43 2.44
CA TRP H 138 16.46 -25.83 3.71
C TRP H 138 17.49 -26.13 4.80
N SER H 139 17.81 -25.12 5.62
CA SER H 139 18.28 -25.28 7.02
C SER H 139 17.17 -24.78 7.93
N VAL H 140 16.66 -25.62 8.84
CA VAL H 140 15.51 -25.21 9.70
C VAL H 140 15.99 -25.31 11.15
N ARG H 141 16.06 -24.17 11.84
CA ARG H 141 16.61 -24.11 13.23
C ARG H 141 15.76 -25.06 14.10
N GLN H 142 16.38 -25.71 15.08
CA GLN H 142 15.67 -26.73 15.88
C GLN H 142 14.79 -26.00 16.90
N SER H 143 15.18 -24.81 17.35
CA SER H 143 14.32 -23.94 18.19
C SER H 143 14.18 -22.54 17.54
N LYS H 144 13.00 -21.93 17.72
CA LYS H 144 12.67 -20.61 17.13
C LYS H 144 13.60 -19.56 17.74
N ARG H 145 14.10 -18.61 16.97
CA ARG H 145 14.63 -17.34 17.49
C ARG H 145 14.27 -16.23 16.51
N THR H 146 14.31 -15.00 16.98
CA THR H 146 14.24 -13.80 16.12
C THR H 146 15.45 -12.95 16.41
N GLY H 147 16.50 -13.07 15.61
CA GLY H 147 17.64 -12.14 15.72
C GLY H 147 18.91 -12.91 15.95
N GLY H 148 20.00 -12.42 15.32
CA GLY H 148 21.38 -12.86 15.51
C GLY H 148 22.10 -12.98 14.17
N THR H 149 23.14 -13.83 14.12
CA THR H 149 24.04 -13.97 12.95
C THR H 149 23.60 -15.18 12.13
N ILE H 150 23.58 -15.04 10.81
CA ILE H 150 23.49 -16.22 9.91
C ILE H 150 24.77 -16.27 9.06
N THR H 151 25.63 -17.25 9.34
CA THR H 151 26.89 -17.45 8.61
C THR H 151 26.54 -18.33 7.39
N THR H 152 26.18 -17.73 6.25
CA THR H 152 25.56 -18.42 5.11
C THR H 152 26.53 -19.49 4.60
N GLY H 153 27.83 -19.19 4.61
CA GLY H 153 28.90 -20.12 4.18
C GLY H 153 28.79 -21.45 4.88
N ASN H 154 28.44 -21.45 6.17
CA ASN H 154 28.36 -22.70 6.96
C ASN H 154 27.21 -23.56 6.41
N HIS H 155 26.09 -22.93 6.03
CA HIS H 155 24.90 -23.66 5.54
C HIS H 155 25.20 -24.27 4.17
N PHE H 156 25.84 -23.49 3.30
CA PHE H 156 26.15 -23.85 1.89
C PHE H 156 27.12 -25.02 1.88
N ASP H 157 28.12 -24.97 2.75
CA ASP H 157 29.13 -26.05 2.90
C ASP H 157 28.44 -27.33 3.40
N ALA H 158 27.56 -27.23 4.40
CA ALA H 158 26.80 -28.40 4.90
C ALA H 158 25.96 -28.97 3.77
N TRP H 159 25.24 -28.12 3.03
CA TRP H 159 24.40 -28.61 1.90
C TRP H 159 25.30 -29.37 0.90
N ALA H 160 26.46 -28.82 0.56
CA ALA H 160 27.40 -29.42 -0.41
C ALA H 160 27.87 -30.78 0.12
N ARG H 161 28.20 -30.88 1.41
CA ARG H 161 28.66 -32.16 2.04
C ARG H 161 27.55 -33.21 1.91
N TYR H 162 26.27 -32.79 1.99
CA TYR H 162 25.10 -33.70 1.91
C TYR H 162 24.60 -33.85 0.47
N GLY H 163 25.37 -33.42 -0.54
CA GLY H 163 25.07 -33.66 -1.96
C GLY H 163 24.07 -32.67 -2.55
N MET H 164 23.87 -31.54 -1.87
CA MET H 164 22.97 -30.44 -2.31
C MET H 164 23.85 -29.29 -2.82
N GLN H 165 24.21 -29.36 -4.11
CA GLN H 165 25.08 -28.39 -4.82
C GLN H 165 24.25 -27.16 -5.24
N LEU H 166 24.75 -25.97 -4.96
CA LEU H 166 24.04 -24.72 -5.32
C LEU H 166 24.49 -24.34 -6.73
N GLY H 167 23.63 -23.63 -7.46
CA GLY H 167 23.99 -22.97 -8.73
C GLY H 167 24.78 -21.71 -8.49
N SER H 168 24.78 -20.82 -9.48
CA SER H 168 25.42 -19.47 -9.43
C SER H 168 24.46 -18.55 -8.68
N PHE H 169 24.99 -17.65 -7.86
CA PHE H 169 24.23 -16.69 -7.00
C PHE H 169 23.80 -15.49 -7.85
N SER H 170 23.03 -15.78 -8.89
CA SER H 170 22.70 -14.81 -9.96
C SER H 170 21.40 -14.08 -9.59
N TYR H 171 20.67 -14.55 -8.56
CA TYR H 171 19.43 -13.92 -8.07
C TYR H 171 19.64 -13.37 -6.67
N TYR H 172 18.62 -12.69 -6.16
CA TYR H 172 18.59 -12.03 -4.83
C TYR H 172 18.74 -13.06 -3.72
N MET H 173 19.05 -12.53 -2.54
CA MET H 173 19.13 -13.19 -1.22
C MET H 173 18.59 -12.19 -0.19
N ILE H 174 17.40 -12.43 0.37
CA ILE H 174 16.71 -11.44 1.24
C ILE H 174 16.37 -12.07 2.58
N LEU H 175 16.30 -11.24 3.61
CA LEU H 175 15.74 -11.64 4.91
C LEU H 175 14.24 -11.49 4.81
N ALA H 176 13.54 -12.59 4.61
CA ALA H 176 12.13 -12.61 4.17
C ALA H 176 11.19 -12.97 5.32
N THR H 177 10.05 -12.30 5.33
CA THR H 177 8.83 -12.72 6.01
C THR H 177 7.92 -13.38 4.97
N GLU H 178 7.51 -14.61 5.21
CA GLU H 178 6.61 -15.39 4.31
C GLU H 178 5.36 -15.79 5.10
N GLY H 179 4.18 -15.57 4.52
CA GLY H 179 2.86 -15.89 5.09
C GLY H 179 2.08 -16.84 4.19
N TYR H 180 1.35 -17.77 4.80
CA TYR H 180 0.45 -18.71 4.08
C TYR H 180 -0.87 -18.82 4.86
N GLN H 181 -1.95 -18.29 4.29
CA GLN H 181 -3.34 -18.42 4.80
C GLN H 181 -3.40 -17.91 6.24
N SER H 182 -2.78 -16.77 6.52
CA SER H 182 -2.49 -16.36 7.91
C SER H 182 -2.63 -14.85 8.08
N SER H 183 -2.44 -14.44 9.32
CA SER H 183 -2.36 -13.03 9.77
C SER H 183 -1.06 -12.85 10.55
N GLY H 184 -0.57 -11.64 10.69
CA GLY H 184 0.71 -11.46 11.39
C GLY H 184 1.31 -10.11 11.16
N SER H 185 2.50 -9.92 11.71
CA SER H 185 3.33 -8.73 11.51
C SER H 185 4.79 -9.15 11.70
N SER H 186 5.70 -8.40 11.14
CA SER H 186 7.16 -8.46 11.42
C SER H 186 7.75 -7.04 11.40
N ASN H 187 8.93 -6.92 12.00
CA ASN H 187 9.73 -5.68 11.98
C ASN H 187 11.16 -6.16 12.11
N LEU H 188 11.91 -6.08 11.04
CA LEU H 188 13.21 -6.75 10.91
C LEU H 188 14.20 -5.79 10.28
N THR H 189 15.42 -5.79 10.78
CA THR H 189 16.55 -5.05 10.20
C THR H 189 17.59 -6.07 9.78
N VAL H 190 18.07 -5.95 8.55
CA VAL H 190 19.14 -6.85 8.01
C VAL H 190 20.41 -6.02 7.80
N SER H 191 21.57 -6.64 8.02
CA SER H 191 22.90 -6.12 7.58
C SER H 191 23.75 -7.35 7.29
N GLY H 192 24.95 -7.17 6.75
CA GLY H 192 25.90 -8.27 6.59
C GLY H 192 27.02 -7.91 5.64
N LYS H 193 28.16 -8.60 5.79
CA LYS H 193 29.38 -8.46 4.95
C LYS H 193 29.68 -9.81 4.30
N LEU H 194 30.32 -9.78 3.13
CA LEU H 194 30.80 -11.03 2.48
C LEU H 194 31.89 -11.63 3.37
N ALA H 195 31.88 -12.96 3.54
CA ALA H 195 32.73 -13.73 4.48
C ALA H 195 34.20 -13.75 4.03
N ALA I 2 49.33 12.29 31.51
CA ALA I 2 47.92 12.22 31.01
C ALA I 2 47.65 13.38 30.04
N THR I 3 46.61 13.21 29.22
CA THR I 3 46.08 14.23 28.29
C THR I 3 44.76 14.78 28.88
N VAL I 4 44.65 16.10 28.94
CA VAL I 4 43.42 16.81 29.39
C VAL I 4 42.71 17.34 28.15
N ILE I 5 41.48 16.90 27.89
CA ILE I 5 40.58 17.36 26.79
C ILE I 5 39.55 18.36 27.34
N THR I 6 39.40 19.51 26.67
CA THR I 6 38.38 20.55 26.99
C THR I 6 37.63 21.02 25.74
N THR I 7 37.94 20.48 24.55
CA THR I 7 37.36 20.90 23.25
C THR I 7 36.84 19.67 22.49
N ASN I 8 35.73 19.82 21.78
CA ASN I 8 35.09 18.72 21.01
C ASN I 8 36.11 17.93 20.17
N GLN I 9 36.29 16.65 20.45
CA GLN I 9 37.14 15.75 19.62
C GLN I 9 36.92 14.29 20.00
N THR I 10 37.37 13.42 19.12
CA THR I 10 37.52 11.96 19.35
C THR I 10 38.97 11.59 19.02
N GLY I 11 39.41 10.45 19.52
CA GLY I 11 40.67 9.83 19.07
C GLY I 11 40.92 8.57 19.84
N THR I 12 42.17 8.14 19.83
CA THR I 12 42.65 6.93 20.50
C THR I 12 43.57 7.40 21.62
N ASN I 13 43.60 6.66 22.70
CA ASN I 13 44.51 6.97 23.82
C ASN I 13 44.75 5.65 24.56
N ASN I 14 46.03 5.27 24.67
CA ASN I 14 46.47 4.11 25.46
C ASN I 14 45.70 2.86 25.02
N GLY I 15 45.42 2.73 23.71
CA GLY I 15 44.79 1.55 23.08
C GLY I 15 43.26 1.60 23.10
N PHE I 16 42.65 2.71 23.56
CA PHE I 16 41.17 2.90 23.67
C PHE I 16 40.71 4.08 22.81
N TYR I 17 39.49 4.01 22.27
CA TYR I 17 38.81 5.19 21.66
C TYR I 17 38.29 6.12 22.76
N TYR I 18 38.17 7.41 22.48
CA TYR I 18 37.54 8.38 23.40
C TYR I 18 36.76 9.41 22.57
N SER I 19 35.71 9.92 23.19
CA SER I 19 34.88 11.02 22.66
C SER I 19 34.73 12.06 23.78
N PHE I 20 34.93 13.32 23.46
CA PHE I 20 34.57 14.46 24.35
C PHE I 20 33.63 15.37 23.56
N TRP I 21 32.42 15.65 24.10
CA TRP I 21 31.48 16.66 23.53
C TRP I 21 30.94 17.57 24.65
N THR I 22 31.03 18.89 24.46
CA THR I 22 30.36 19.92 25.30
C THR I 22 29.62 20.94 24.41
N ASP I 23 28.46 21.43 24.83
CA ASP I 23 27.83 22.60 24.15
C ASP I 23 28.56 23.88 24.58
N GLY I 24 29.65 23.77 25.37
CA GLY I 24 30.51 24.91 25.72
C GLY I 24 30.11 25.64 26.99
N GLY I 25 29.00 25.28 27.65
CA GLY I 25 28.58 25.85 28.95
C GLY I 25 29.54 25.48 30.08
N GLY I 26 29.85 26.44 30.97
CA GLY I 26 30.65 26.27 32.20
C GLY I 26 32.04 25.72 31.92
N SER I 27 32.63 24.98 32.86
CA SER I 27 33.95 24.32 32.69
C SER I 27 33.74 22.80 32.69
N VAL I 28 34.17 22.13 31.62
CA VAL I 28 34.13 20.64 31.50
C VAL I 28 35.53 20.21 31.07
N SER I 29 36.12 19.22 31.74
CA SER I 29 37.38 18.61 31.27
C SER I 29 37.30 17.09 31.45
N MET I 30 37.97 16.38 30.55
CA MET I 30 38.20 14.92 30.64
C MET I 30 39.71 14.68 30.66
N THR I 31 40.22 13.98 31.67
CA THR I 31 41.64 13.50 31.70
C THR I 31 41.71 12.08 31.14
N LEU I 32 42.53 11.87 30.12
CA LEU I 32 42.77 10.54 29.56
C LEU I 32 44.00 9.95 30.27
N ASN I 33 43.79 8.89 31.05
CA ASN I 33 44.80 8.23 31.90
C ASN I 33 45.21 6.94 31.17
N SER I 34 46.02 6.09 31.81
CA SER I 34 46.54 4.83 31.21
C SER I 34 45.39 3.87 30.91
N GLY I 35 45.62 2.94 29.96
CA GLY I 35 44.68 1.87 29.54
C GLY I 35 43.26 2.41 29.33
N GLY I 36 42.27 1.80 30.01
CA GLY I 36 40.84 2.12 29.86
C GLY I 36 40.33 3.23 30.78
N ASN I 37 41.23 4.02 31.41
CA ASN I 37 40.86 4.97 32.50
C ASN I 37 40.65 6.39 31.95
N TYR I 38 39.57 7.05 32.36
CA TYR I 38 39.39 8.50 32.17
C TYR I 38 38.80 9.05 33.47
N SER I 39 38.97 10.35 33.69
CA SER I 39 38.20 11.09 34.72
C SER I 39 37.50 12.27 34.07
N THR I 40 36.45 12.79 34.71
CA THR I 40 35.87 14.06 34.28
C THR I 40 35.79 14.98 35.50
N SER I 41 35.82 16.26 35.22
CA SER I 41 35.57 17.34 36.19
C SER I 41 34.68 18.35 35.47
N TRP I 42 33.57 18.75 36.08
CA TRP I 42 32.66 19.73 35.43
C TRP I 42 32.07 20.68 36.47
N THR I 43 31.96 21.93 36.07
CA THR I 43 31.44 23.05 36.90
C THR I 43 30.39 23.78 36.05
N ASN I 44 29.15 23.76 36.54
CA ASN I 44 28.02 24.56 35.98
C ASN I 44 27.95 24.36 34.46
N CYS I 45 27.96 23.10 33.99
CA CYS I 45 27.96 22.73 32.54
C CYS I 45 26.63 23.10 31.86
N GLY I 46 26.58 23.24 30.54
CA GLY I 46 25.29 23.25 29.83
C GLY I 46 24.88 21.80 29.61
N ASN I 47 25.56 21.16 28.68
CA ASN I 47 25.43 19.71 28.43
C ASN I 47 26.79 19.19 27.93
N PHE I 48 27.19 17.99 28.38
CA PHE I 48 28.40 17.32 27.85
C PHE I 48 28.19 15.81 27.89
N VAL I 49 28.85 15.11 26.96
CA VAL I 49 29.08 13.65 27.07
C VAL I 49 30.57 13.38 26.81
N ALA I 50 31.20 12.59 27.68
CA ALA I 50 32.64 12.26 27.67
C ALA I 50 32.86 10.82 28.11
N GLY I 51 33.81 10.13 27.46
CA GLY I 51 34.19 8.78 27.89
C GLY I 51 35.16 8.08 26.96
N LYS I 52 35.54 6.88 27.38
CA LYS I 52 36.43 5.95 26.67
C LYS I 52 35.62 4.72 26.29
N GLY I 53 36.08 4.04 25.25
CA GLY I 53 35.52 2.76 24.76
C GLY I 53 36.08 2.42 23.40
N TRP I 54 35.21 2.32 22.38
CA TRP I 54 35.50 1.73 21.05
C TRP I 54 35.04 2.68 19.93
N SER I 55 35.78 2.69 18.81
CA SER I 55 35.49 3.48 17.59
C SER I 55 34.18 3.00 16.94
N ASN I 56 33.75 1.75 17.17
CA ASN I 56 32.43 1.25 16.67
C ASN I 56 31.64 0.59 17.80
N GLY I 57 30.32 0.82 17.83
CA GLY I 57 29.37 -0.02 18.57
C GLY I 57 29.49 -1.48 18.15
N GLY I 58 28.97 -2.36 18.99
CA GLY I 58 28.82 -3.80 18.71
C GLY I 58 28.33 -4.52 19.96
N ARG I 59 28.08 -5.81 19.79
CA ARG I 59 27.72 -6.74 20.88
C ARG I 59 29.03 -6.99 21.67
N ARG I 60 29.21 -6.26 22.77
CA ARG I 60 30.41 -6.32 23.64
C ARG I 60 29.94 -6.75 25.02
N ASN I 61 30.76 -7.53 25.74
CA ASN I 61 30.59 -7.75 27.20
C ASN I 61 31.44 -6.68 27.89
N VAL I 62 30.87 -5.49 28.11
CA VAL I 62 31.57 -4.33 28.72
C VAL I 62 31.78 -4.60 30.22
N GLN I 63 33.02 -4.50 30.70
CA GLN I 63 33.33 -4.55 32.15
C GLN I 63 33.91 -3.19 32.53
N TYR I 64 33.26 -2.51 33.48
CA TYR I 64 33.70 -1.16 33.92
C TYR I 64 33.60 -1.12 35.43
N SER I 65 34.32 -0.17 36.01
CA SER I 65 34.30 0.13 37.46
C SER I 65 34.72 1.60 37.63
N GLY I 66 34.50 2.17 38.81
CA GLY I 66 34.98 3.52 39.13
C GLY I 66 34.07 4.21 40.10
N SER I 67 33.97 5.53 39.95
CA SER I 67 33.07 6.38 40.74
C SER I 67 32.47 7.46 39.84
N PHE I 68 31.34 7.99 40.30
CA PHE I 68 30.42 8.88 39.55
C PHE I 68 29.71 9.77 40.57
N TYR I 69 30.04 11.05 40.62
CA TYR I 69 29.56 11.99 41.66
C TYR I 69 28.99 13.24 41.01
N PRO I 70 27.76 13.16 40.42
CA PRO I 70 27.10 14.34 39.87
C PRO I 70 26.56 15.12 41.08
N SER I 71 26.78 16.43 41.09
CA SER I 71 26.10 17.38 42.00
C SER I 71 24.98 18.01 41.15
N GLY I 72 23.83 17.34 41.16
CA GLY I 72 22.68 17.64 40.29
C GLY I 72 22.50 16.59 39.21
N ASN I 73 22.22 17.04 37.99
CA ASN I 73 21.81 16.15 36.88
C ASN I 73 23.07 15.61 36.19
N GLY I 74 23.28 14.30 36.31
CA GLY I 74 24.20 13.58 35.42
C GLY I 74 23.74 12.16 35.19
N TYR I 75 24.29 11.50 34.17
CA TYR I 75 24.08 10.07 33.83
C TYR I 75 25.44 9.39 33.72
N LEU I 76 25.47 8.15 34.15
CA LEU I 76 26.53 7.17 33.79
C LEU I 76 25.93 6.08 32.90
N ALA I 77 26.35 5.99 31.64
CA ALA I 77 25.71 5.11 30.63
C ALA I 77 26.74 4.55 29.65
N LEU I 78 26.60 3.27 29.26
CA LEU I 78 27.12 2.76 27.96
C LEU I 78 26.34 3.53 26.89
N TYR I 79 27.06 4.24 26.04
CA TYR I 79 26.51 5.32 25.19
C TYR I 79 27.12 5.26 23.79
N GLY I 80 26.31 5.52 22.76
CA GLY I 80 26.86 5.60 21.40
C GLY I 80 25.84 6.01 20.37
N TRP I 81 26.23 5.93 19.10
CA TRP I 81 25.32 6.28 17.98
C TRP I 81 25.34 5.22 16.89
N THR I 82 24.27 5.18 16.10
CA THR I 82 24.22 4.42 14.83
C THR I 82 23.87 5.40 13.72
N SER I 83 24.08 4.99 12.47
CA SER I 83 23.59 5.74 11.27
C SER I 83 22.54 4.88 10.56
N ASN I 84 21.64 5.50 9.78
CA ASN I 84 20.62 4.76 8.98
C ASN I 84 19.93 3.69 9.82
N PRO I 85 19.07 4.05 10.81
CA PRO I 85 18.80 5.44 11.18
C PRO I 85 19.78 6.04 12.19
N LEU I 86 19.86 7.38 12.24
CA LEU I 86 20.60 8.13 13.29
C LEU I 86 19.92 7.81 14.64
N VAL I 87 20.61 7.08 15.51
CA VAL I 87 20.11 6.76 16.89
C VAL I 87 21.20 7.11 17.90
N GLU I 88 20.79 7.77 18.98
CA GLU I 88 21.59 7.97 20.21
C GLU I 88 21.10 6.95 21.23
N TYR I 89 21.96 6.03 21.69
CA TYR I 89 21.48 4.95 22.58
C TYR I 89 22.23 5.01 23.90
N TYR I 90 21.52 4.64 24.96
CA TYR I 90 21.95 4.75 26.38
C TYR I 90 21.61 3.44 27.09
N ILE I 91 22.59 2.86 27.77
CA ILE I 91 22.34 1.84 28.84
C ILE I 91 22.78 2.48 30.16
N VAL I 92 21.81 3.02 30.90
CA VAL I 92 22.04 3.91 32.08
C VAL I 92 22.11 3.04 33.35
N ASP I 93 23.28 3.05 34.02
CA ASP I 93 23.49 2.30 35.29
C ASP I 93 23.28 3.25 36.47
N ASN I 94 23.54 4.53 36.32
CA ASN I 94 23.49 5.45 37.47
C ASN I 94 23.08 6.85 36.98
N TRP I 95 22.54 7.65 37.89
CA TRP I 95 22.10 9.03 37.59
C TRP I 95 22.10 9.84 38.89
N GLY I 96 21.94 11.14 38.76
CA GLY I 96 21.91 12.11 39.88
C GLY I 96 20.48 12.36 40.32
N ASN I 97 20.07 13.62 40.30
CA ASN I 97 18.79 14.08 40.86
C ASN I 97 17.66 13.83 39.85
N TYR I 98 18.00 13.43 38.61
CA TYR I 98 17.00 13.29 37.52
C TYR I 98 17.16 11.92 36.88
N ARG I 99 16.06 11.15 36.84
CA ARG I 99 16.08 9.80 36.22
C ARG I 99 15.61 9.95 34.76
N PRO I 100 16.43 9.56 33.77
CA PRO I 100 16.04 9.71 32.37
C PRO I 100 14.71 8.96 32.17
N THR I 101 13.96 9.38 31.15
CA THR I 101 12.61 8.82 30.84
C THR I 101 12.30 9.07 29.37
N GLY I 102 11.17 8.53 28.92
CA GLY I 102 10.63 8.71 27.57
C GLY I 102 9.34 7.94 27.42
N THR I 103 9.05 7.50 26.21
CA THR I 103 7.88 6.64 25.93
C THR I 103 8.25 5.27 26.47
N TYR I 104 7.58 4.87 27.55
CA TYR I 104 7.82 3.58 28.25
C TYR I 104 7.37 2.43 27.35
N LYS I 105 8.24 1.44 27.17
CA LYS I 105 7.99 0.26 26.31
C LYS I 105 7.78 -0.98 27.17
N GLY I 106 8.69 -1.19 28.12
CA GLY I 106 8.79 -2.44 28.88
C GLY I 106 10.09 -2.48 29.67
N THR I 107 10.53 -3.69 30.00
CA THR I 107 11.76 -3.95 30.78
C THR I 107 12.59 -5.00 30.06
N VAL I 108 13.85 -5.10 30.47
CA VAL I 108 14.79 -6.19 30.12
C VAL I 108 15.63 -6.48 31.36
N THR I 109 15.91 -7.75 31.62
CA THR I 109 16.77 -8.20 32.74
C THR I 109 18.13 -8.57 32.15
N SER I 110 19.20 -8.03 32.73
CA SER I 110 20.59 -8.23 32.22
C SER I 110 21.56 -7.89 33.35
N ASP I 111 22.60 -8.72 33.49
CA ASP I 111 23.78 -8.43 34.34
C ASP I 111 23.33 -8.14 35.78
N GLY I 112 22.42 -8.97 36.32
CA GLY I 112 21.93 -8.92 37.70
C GLY I 112 20.87 -7.84 37.93
N GLY I 113 20.46 -7.11 36.88
CA GLY I 113 19.55 -5.95 37.00
C GLY I 113 18.36 -6.01 36.07
N THR I 114 17.32 -5.24 36.40
CA THR I 114 16.14 -4.95 35.55
C THR I 114 16.22 -3.48 35.09
N TYR I 115 16.03 -3.26 33.79
CA TYR I 115 16.09 -1.93 33.14
C TYR I 115 14.70 -1.61 32.57
N ASP I 116 14.23 -0.39 32.78
CA ASP I 116 13.07 0.18 32.09
C ASP I 116 13.54 0.55 30.68
N VAL I 117 12.77 0.21 29.67
CA VAL I 117 13.07 0.60 28.27
C VAL I 117 12.21 1.82 27.88
N TYR I 118 12.87 2.86 27.37
CA TYR I 118 12.16 4.02 26.77
C TYR I 118 12.68 4.39 25.39
N GLN I 119 11.77 5.01 24.62
CA GLN I 119 12.08 5.58 23.28
C GLN I 119 11.64 7.05 23.26
N THR I 120 12.44 7.90 22.64
CA THR I 120 12.16 9.35 22.45
C THR I 120 12.59 9.71 21.04
N THR I 121 12.04 10.81 20.48
CA THR I 121 12.56 11.49 19.26
C THR I 121 13.07 12.86 19.70
N ARG I 122 14.29 13.21 19.29
CA ARG I 122 14.87 14.58 19.38
C ARG I 122 14.71 15.23 18.00
N TYR I 123 14.14 16.45 17.95
CA TYR I 123 13.82 17.21 16.71
C TYR I 123 14.84 18.34 16.60
N ASN I 124 15.49 18.47 15.44
CA ASN I 124 16.52 19.51 15.19
C ASN I 124 17.35 19.67 16.46
N ALA I 125 18.10 18.65 16.86
CA ALA I 125 18.91 18.68 18.10
C ALA I 125 20.38 18.39 17.75
N PRO I 126 21.34 18.78 18.63
CA PRO I 126 22.75 18.45 18.44
C PRO I 126 22.99 16.93 18.37
N SER I 127 23.78 16.48 17.39
CA SER I 127 23.98 15.03 17.14
C SER I 127 25.43 14.80 16.74
N VAL I 128 25.84 13.54 16.67
CA VAL I 128 27.21 13.17 16.21
C VAL I 128 27.37 13.60 14.73
N GLU I 129 26.26 13.90 14.03
CA GLU I 129 26.30 14.35 12.61
C GLU I 129 26.07 15.86 12.48
N GLY I 130 25.74 16.57 13.56
CA GLY I 130 25.35 17.99 13.53
C GLY I 130 23.90 18.13 13.91
N THR I 131 23.26 19.24 13.57
CA THR I 131 21.85 19.50 13.98
C THR I 131 20.93 18.57 13.22
N LYS I 132 20.19 17.67 13.88
CA LYS I 132 19.47 16.61 13.11
C LYS I 132 18.25 16.17 13.91
N THR I 133 17.32 15.46 13.28
CA THR I 133 16.21 14.77 13.98
C THR I 133 16.58 13.30 14.12
N PHE I 134 16.44 12.72 15.33
CA PHE I 134 16.92 11.35 15.61
C PHE I 134 16.16 10.74 16.79
N ASN I 135 16.11 9.41 16.82
CA ASN I 135 15.56 8.64 17.96
C ASN I 135 16.62 8.52 19.07
N GLN I 136 16.17 8.46 20.31
CA GLN I 136 17.00 7.97 21.44
C GLN I 136 16.38 6.66 21.94
N TYR I 137 17.22 5.67 22.21
CA TYR I 137 16.82 4.41 22.86
C TYR I 137 17.46 4.36 24.23
N TRP I 138 16.67 4.03 25.26
CA TRP I 138 17.16 4.01 26.66
C TRP I 138 16.84 2.65 27.27
N SER I 139 17.81 2.10 28.00
CA SER I 139 17.62 1.17 29.13
C SER I 139 18.09 1.89 30.40
N VAL I 140 17.23 1.96 31.43
CA VAL I 140 17.53 2.66 32.70
C VAL I 140 17.34 1.64 33.84
N ARG I 141 18.45 1.27 34.49
CA ARG I 141 18.48 0.27 35.60
C ARG I 141 17.46 0.73 36.68
N GLN I 142 16.75 -0.22 37.30
CA GLN I 142 15.66 0.08 38.27
C GLN I 142 16.28 0.52 39.59
N SER I 143 17.52 0.14 39.84
CA SER I 143 18.34 0.66 40.95
C SER I 143 19.73 1.08 40.43
N LYS I 144 20.24 2.17 41.00
CA LYS I 144 21.56 2.77 40.67
C LYS I 144 22.69 1.78 40.99
N ARG I 145 23.70 1.72 40.15
CA ARG I 145 24.97 1.08 40.53
C ARG I 145 26.09 1.79 39.76
N THR I 146 27.31 1.71 40.29
CA THR I 146 28.52 2.11 39.55
C THR I 146 29.43 0.88 39.47
N GLY I 147 29.48 0.28 38.28
CA GLY I 147 30.43 -0.79 37.93
C GLY I 147 29.71 -2.11 37.68
N GLY I 148 30.39 -3.00 36.97
CA GLY I 148 29.90 -4.36 36.65
C GLY I 148 30.02 -4.63 35.17
N THR I 149 29.19 -5.55 34.67
CA THR I 149 29.18 -6.01 33.26
C THR I 149 27.92 -5.44 32.62
N ILE I 150 28.07 -4.88 31.42
CA ILE I 150 26.90 -4.52 30.58
C ILE I 150 27.01 -5.37 29.33
N THR I 151 26.12 -6.35 29.19
CA THR I 151 26.04 -7.23 28.00
C THR I 151 25.21 -6.47 26.97
N THR I 152 25.86 -5.74 26.07
CA THR I 152 25.18 -4.78 25.17
C THR I 152 24.16 -5.52 24.31
N GLY I 153 24.47 -6.75 23.86
CA GLY I 153 23.58 -7.58 23.02
C GLY I 153 22.23 -7.77 23.69
N ASN I 154 22.19 -7.96 25.02
CA ASN I 154 20.91 -8.17 25.75
C ASN I 154 20.02 -6.94 25.56
N HIS I 155 20.61 -5.74 25.63
CA HIS I 155 19.89 -4.45 25.50
C HIS I 155 19.42 -4.31 24.04
N PHE I 156 20.32 -4.51 23.07
CA PHE I 156 20.01 -4.35 21.62
C PHE I 156 18.84 -5.30 21.25
N ASP I 157 18.83 -6.54 21.78
CA ASP I 157 17.75 -7.53 21.50
C ASP I 157 16.42 -7.05 22.12
N ALA I 158 16.41 -6.63 23.40
CA ALA I 158 15.21 -6.07 24.08
C ALA I 158 14.66 -4.92 23.22
N TRP I 159 15.54 -4.01 22.76
CA TRP I 159 15.16 -2.82 21.95
C TRP I 159 14.48 -3.28 20.65
N ALA I 160 15.12 -4.16 19.88
CA ALA I 160 14.56 -4.78 18.65
C ALA I 160 13.15 -5.32 18.92
N ARG I 161 12.94 -6.03 20.03
CA ARG I 161 11.66 -6.70 20.39
C ARG I 161 10.59 -5.60 20.65
N TYR I 162 10.99 -4.39 21.04
CA TYR I 162 10.10 -3.23 21.28
C TYR I 162 10.06 -2.29 20.08
N GLY I 163 10.53 -2.77 18.93
CA GLY I 163 10.46 -2.02 17.66
C GLY I 163 11.47 -0.88 17.63
N MET I 164 12.47 -0.90 18.50
CA MET I 164 13.53 0.12 18.54
C MET I 164 14.75 -0.49 17.86
N GLN I 165 14.84 -0.27 16.55
CA GLN I 165 15.81 -0.98 15.66
C GLN I 165 17.02 -0.08 15.53
N LEU I 166 18.21 -0.63 15.75
CA LEU I 166 19.47 0.15 15.65
C LEU I 166 19.85 0.30 14.18
N GLY I 167 20.56 1.39 13.85
CA GLY I 167 21.27 1.49 12.56
C GLY I 167 22.59 0.72 12.59
N SER I 168 23.44 0.97 11.60
CA SER I 168 24.85 0.53 11.52
C SER I 168 25.69 1.16 12.65
N PHE I 169 26.62 0.41 13.22
CA PHE I 169 27.54 0.89 14.29
C PHE I 169 28.68 1.67 13.64
N SER I 170 28.32 2.77 12.95
CA SER I 170 29.25 3.67 12.21
C SER I 170 30.06 4.51 13.19
N TYR I 171 29.53 4.73 14.41
CA TYR I 171 30.06 5.71 15.40
C TYR I 171 30.51 4.99 16.68
N TYR I 172 31.20 5.74 17.53
CA TYR I 172 31.78 5.27 18.81
C TYR I 172 30.69 4.65 19.72
N MET I 173 31.20 3.88 20.69
CA MET I 173 30.46 3.31 21.84
C MET I 173 31.36 3.45 23.07
N ILE I 174 30.94 4.26 24.03
CA ILE I 174 31.81 4.62 25.18
C ILE I 174 31.07 4.39 26.49
N LEU I 175 31.82 4.11 27.55
CA LEU I 175 31.26 4.20 28.91
C LEU I 175 31.30 5.68 29.29
N ALA I 176 30.18 6.36 29.12
CA ALA I 176 30.06 7.83 29.11
C ALA I 176 29.66 8.35 30.50
N THR I 177 30.23 9.50 30.86
CA THR I 177 29.70 10.46 31.87
C THR I 177 28.97 11.56 31.10
N GLU I 178 27.76 11.90 31.53
CA GLU I 178 26.96 12.98 30.92
C GLU I 178 26.51 13.94 32.03
N GLY I 179 26.61 15.25 31.78
CA GLY I 179 26.18 16.35 32.68
C GLY I 179 25.18 17.27 32.02
N TYR I 180 24.16 17.72 32.79
CA TYR I 180 23.16 18.71 32.33
C TYR I 180 22.99 19.79 33.42
N GLN I 181 23.43 21.01 33.14
CA GLN I 181 23.23 22.18 34.06
C GLN I 181 23.62 21.77 35.49
N SER I 182 24.81 21.21 35.65
CA SER I 182 25.24 20.58 36.91
C SER I 182 26.75 20.74 37.04
N SER I 183 27.27 20.26 38.17
CA SER I 183 28.71 20.13 38.49
C SER I 183 28.95 18.69 38.92
N GLY I 184 30.19 18.25 38.88
CA GLY I 184 30.54 16.97 39.50
C GLY I 184 31.87 16.43 39.01
N SER I 185 32.08 15.15 39.31
CA SER I 185 33.27 14.41 38.85
C SER I 185 32.91 12.95 38.58
N SER I 186 33.73 12.30 37.77
CA SER I 186 33.70 10.84 37.56
C SER I 186 35.14 10.37 37.32
N ASN I 187 35.38 9.11 37.65
CA ASN I 187 36.62 8.38 37.33
C ASN I 187 36.21 6.95 36.98
N LEU I 188 36.34 6.54 35.73
CA LEU I 188 35.88 5.21 35.28
C LEU I 188 36.98 4.53 34.47
N THR I 189 37.12 3.22 34.67
CA THR I 189 37.98 2.28 33.91
C THR I 189 37.08 1.39 33.05
N VAL I 190 37.33 1.28 31.75
CA VAL I 190 36.48 0.47 30.84
C VAL I 190 37.34 -0.63 30.25
N SER I 191 36.69 -1.75 29.99
CA SER I 191 37.21 -2.85 29.15
C SER I 191 36.00 -3.55 28.53
N GLY I 192 36.23 -4.51 27.64
CA GLY I 192 35.14 -5.38 27.17
C GLY I 192 35.56 -6.12 25.94
N LYS I 193 35.26 -7.41 25.87
CA LYS I 193 35.52 -8.18 24.64
C LYS I 193 34.20 -8.37 23.88
N LEU I 194 34.30 -8.48 22.56
CA LEU I 194 33.17 -8.83 21.65
C LEU I 194 32.59 -10.18 22.08
N ALA I 195 31.26 -10.24 22.21
CA ALA I 195 30.49 -11.48 22.48
C ALA I 195 30.20 -12.19 21.15
#